data_5D1N
# 
_entry.id   5D1N 
# 
_audit_conform.dict_name       mmcif_pdbx.dic 
_audit_conform.dict_version    5.379 
_audit_conform.dict_location   http://mmcif.pdb.org/dictionaries/ascii/mmcif_pdbx.dic 
# 
loop_
_database_2.database_id 
_database_2.database_code 
_database_2.pdbx_database_accession 
_database_2.pdbx_DOI 
PDB   5D1N         pdb_00005d1n 10.2210/pdb5d1n/pdb 
WWPDB D_1000212534 ?            ?                   
# 
_pdbx_database_related.db_name        PDB 
_pdbx_database_related.details        . 
_pdbx_database_related.db_id          5D1H 
_pdbx_database_related.content_type   unspecified 
# 
_pdbx_database_status.status_code                     REL 
_pdbx_database_status.status_code_sf                  REL 
_pdbx_database_status.status_code_mr                  ? 
_pdbx_database_status.entry_id                        5D1N 
_pdbx_database_status.recvd_initial_deposition_date   2015-08-04 
_pdbx_database_status.SG_entry                        N 
_pdbx_database_status.deposit_site                    RCSB 
_pdbx_database_status.process_site                    RCSB 
_pdbx_database_status.status_code_cs                  ? 
_pdbx_database_status.methods_development_category    ? 
_pdbx_database_status.pdb_format_compatible           Y 
_pdbx_database_status.status_code_nmr_data            ? 
# 
loop_
_audit_author.name 
_audit_author.pdbx_ordinal 
'Witek, M.A.' 1 
'Conn, G.L.'  2 
# 
_citation.abstract                  ? 
_citation.abstract_id_CAS           ? 
_citation.book_id_ISBN              ? 
_citation.book_publisher            ? 
_citation.book_publisher_city       ? 
_citation.book_title                ? 
_citation.coordinate_linkage        ? 
_citation.country                   UK 
_citation.database_id_Medline       ? 
_citation.details                   ? 
_citation.id                        primary 
_citation.journal_abbrev            'Nucleic Acids Res.' 
_citation.journal_id_ASTM           NARHAD 
_citation.journal_id_CSD            0389 
_citation.journal_id_ISSN           1362-4962 
_citation.journal_full              ? 
_citation.journal_issue             ? 
_citation.journal_volume            44 
_citation.language                  ? 
_citation.page_first                342 
_citation.page_last                 353 
_citation.title                     
;Functional dichotomy in the 16S rRNA (m1A1408) methyltransferase family and control of catalytic activity via a novel tryptophan mediated loop reorganization.
;
_citation.year                      2016 
_citation.database_id_CSD           ? 
_citation.pdbx_database_id_DOI      10.1093/nar/gkv1306 
_citation.pdbx_database_id_PubMed   26609134 
_citation.unpublished_flag          ? 
# 
loop_
_citation_author.citation_id 
_citation_author.name 
_citation_author.ordinal 
_citation_author.identifier_ORCID 
primary 'Witek, M.A.' 1 ? 
primary 'Conn, G.L.'  2 ? 
# 
_cell.entry_id           5D1N 
_cell.length_a           42.739 
_cell.length_b           65.967 
_cell.length_c           82.872 
_cell.angle_alpha        90.00 
_cell.angle_beta         90.00 
_cell.angle_gamma        90.00 
_cell.Z_PDB              4 
_cell.pdbx_unique_axis   ? 
# 
_symmetry.entry_id                         5D1N 
_symmetry.space_group_name_H-M             'P 21 21 21' 
_symmetry.pdbx_full_space_group_name_H-M   ? 
_symmetry.cell_setting                     ? 
_symmetry.Int_Tables_number                19 
# 
loop_
_entity.id 
_entity.type 
_entity.src_method 
_entity.pdbx_description 
_entity.formula_weight 
_entity.pdbx_number_of_molecules 
_entity.pdbx_ec 
_entity.pdbx_mutation 
_entity.pdbx_fragment 
_entity.details 
1 polymer     man 'Uncharacterized protein' 28626.605 1  ? ? ? ? 
2 non-polymer syn S-ADENOSYL-L-HOMOCYSTEINE 384.411   1  ? ? ? ? 
3 water       nat water                     18.015    22 ? ? ? ? 
# 
_entity_poly.entity_id                      1 
_entity_poly.type                           'polypeptide(L)' 
_entity_poly.nstd_linkage                   no 
_entity_poly.nstd_monomer                   no 
_entity_poly.pdbx_seq_one_letter_code       
;MHHHHHHASGLVPRGSHMTRTTALKVLAGKKLTDLDPDEWAKAQASAERILVDVGTGDARTAYRQAIAHPEWLVVGVDPA
WQRMTETAVRAARKPAKGGAPNLVLVSSAIETVPAALHGVADEVMVLMPWGKLLRGVVLGEADVLSGLRAVAKPGAPLEI
SIGTSIWREPIPLEIRDLPELTPETVVSTGLTDRLAALGWQVADVRLVPHTDLDTISSSWARRLGSGATETVLHLRAVAV
DPRDPVGTQHPAAESAQDTPEEPQRDV
;
_entity_poly.pdbx_seq_one_letter_code_can   
;MHHHHHHASGLVPRGSHMTRTTALKVLAGKKLTDLDPDEWAKAQASAERILVDVGTGDARTAYRQAIAHPEWLVVGVDPA
WQRMTETAVRAARKPAKGGAPNLVLVSSAIETVPAALHGVADEVMVLMPWGKLLRGVVLGEADVLSGLRAVAKPGAPLEI
SIGTSIWREPIPLEIRDLPELTPETVVSTGLTDRLAALGWQVADVRLVPHTDLDTISSSWARRLGSGATETVLHLRAVAV
DPRDPVGTQHPAAESAQDTPEEPQRDV
;
_entity_poly.pdbx_strand_id                 A 
_entity_poly.pdbx_target_identifier         ? 
# 
loop_
_entity_poly_seq.entity_id 
_entity_poly_seq.num 
_entity_poly_seq.mon_id 
_entity_poly_seq.hetero 
1 1   MET n 
1 2   HIS n 
1 3   HIS n 
1 4   HIS n 
1 5   HIS n 
1 6   HIS n 
1 7   HIS n 
1 8   ALA n 
1 9   SER n 
1 10  GLY n 
1 11  LEU n 
1 12  VAL n 
1 13  PRO n 
1 14  ARG n 
1 15  GLY n 
1 16  SER n 
1 17  HIS n 
1 18  MET n 
1 19  THR n 
1 20  ARG n 
1 21  THR n 
1 22  THR n 
1 23  ALA n 
1 24  LEU n 
1 25  LYS n 
1 26  VAL n 
1 27  LEU n 
1 28  ALA n 
1 29  GLY n 
1 30  LYS n 
1 31  LYS n 
1 32  LEU n 
1 33  THR n 
1 34  ASP n 
1 35  LEU n 
1 36  ASP n 
1 37  PRO n 
1 38  ASP n 
1 39  GLU n 
1 40  TRP n 
1 41  ALA n 
1 42  LYS n 
1 43  ALA n 
1 44  GLN n 
1 45  ALA n 
1 46  SER n 
1 47  ALA n 
1 48  GLU n 
1 49  ARG n 
1 50  ILE n 
1 51  LEU n 
1 52  VAL n 
1 53  ASP n 
1 54  VAL n 
1 55  GLY n 
1 56  THR n 
1 57  GLY n 
1 58  ASP n 
1 59  ALA n 
1 60  ARG n 
1 61  THR n 
1 62  ALA n 
1 63  TYR n 
1 64  ARG n 
1 65  GLN n 
1 66  ALA n 
1 67  ILE n 
1 68  ALA n 
1 69  HIS n 
1 70  PRO n 
1 71  GLU n 
1 72  TRP n 
1 73  LEU n 
1 74  VAL n 
1 75  VAL n 
1 76  GLY n 
1 77  VAL n 
1 78  ASP n 
1 79  PRO n 
1 80  ALA n 
1 81  TRP n 
1 82  GLN n 
1 83  ARG n 
1 84  MET n 
1 85  THR n 
1 86  GLU n 
1 87  THR n 
1 88  ALA n 
1 89  VAL n 
1 90  ARG n 
1 91  ALA n 
1 92  ALA n 
1 93  ARG n 
1 94  LYS n 
1 95  PRO n 
1 96  ALA n 
1 97  LYS n 
1 98  GLY n 
1 99  GLY n 
1 100 ALA n 
1 101 PRO n 
1 102 ASN n 
1 103 LEU n 
1 104 VAL n 
1 105 LEU n 
1 106 VAL n 
1 107 SER n 
1 108 SER n 
1 109 ALA n 
1 110 ILE n 
1 111 GLU n 
1 112 THR n 
1 113 VAL n 
1 114 PRO n 
1 115 ALA n 
1 116 ALA n 
1 117 LEU n 
1 118 HIS n 
1 119 GLY n 
1 120 VAL n 
1 121 ALA n 
1 122 ASP n 
1 123 GLU n 
1 124 VAL n 
1 125 MET n 
1 126 VAL n 
1 127 LEU n 
1 128 MET n 
1 129 PRO n 
1 130 TRP n 
1 131 GLY n 
1 132 LYS n 
1 133 LEU n 
1 134 LEU n 
1 135 ARG n 
1 136 GLY n 
1 137 VAL n 
1 138 VAL n 
1 139 LEU n 
1 140 GLY n 
1 141 GLU n 
1 142 ALA n 
1 143 ASP n 
1 144 VAL n 
1 145 LEU n 
1 146 SER n 
1 147 GLY n 
1 148 LEU n 
1 149 ARG n 
1 150 ALA n 
1 151 VAL n 
1 152 ALA n 
1 153 LYS n 
1 154 PRO n 
1 155 GLY n 
1 156 ALA n 
1 157 PRO n 
1 158 LEU n 
1 159 GLU n 
1 160 ILE n 
1 161 SER n 
1 162 ILE n 
1 163 GLY n 
1 164 THR n 
1 165 SER n 
1 166 ILE n 
1 167 TRP n 
1 168 ARG n 
1 169 GLU n 
1 170 PRO n 
1 171 ILE n 
1 172 PRO n 
1 173 LEU n 
1 174 GLU n 
1 175 ILE n 
1 176 ARG n 
1 177 ASP n 
1 178 LEU n 
1 179 PRO n 
1 180 GLU n 
1 181 LEU n 
1 182 THR n 
1 183 PRO n 
1 184 GLU n 
1 185 THR n 
1 186 VAL n 
1 187 VAL n 
1 188 SER n 
1 189 THR n 
1 190 GLY n 
1 191 LEU n 
1 192 THR n 
1 193 ASP n 
1 194 ARG n 
1 195 LEU n 
1 196 ALA n 
1 197 ALA n 
1 198 LEU n 
1 199 GLY n 
1 200 TRP n 
1 201 GLN n 
1 202 VAL n 
1 203 ALA n 
1 204 ASP n 
1 205 VAL n 
1 206 ARG n 
1 207 LEU n 
1 208 VAL n 
1 209 PRO n 
1 210 HIS n 
1 211 THR n 
1 212 ASP n 
1 213 LEU n 
1 214 ASP n 
1 215 THR n 
1 216 ILE n 
1 217 SER n 
1 218 SER n 
1 219 SER n 
1 220 TRP n 
1 221 ALA n 
1 222 ARG n 
1 223 ARG n 
1 224 LEU n 
1 225 GLY n 
1 226 SER n 
1 227 GLY n 
1 228 ALA n 
1 229 THR n 
1 230 GLU n 
1 231 THR n 
1 232 VAL n 
1 233 LEU n 
1 234 HIS n 
1 235 LEU n 
1 236 ARG n 
1 237 ALA n 
1 238 VAL n 
1 239 ALA n 
1 240 VAL n 
1 241 ASP n 
1 242 PRO n 
1 243 ARG n 
1 244 ASP n 
1 245 PRO n 
1 246 VAL n 
1 247 GLY n 
1 248 THR n 
1 249 GLN n 
1 250 HIS n 
1 251 PRO n 
1 252 ALA n 
1 253 ALA n 
1 254 GLU n 
1 255 SER n 
1 256 ALA n 
1 257 GLN n 
1 258 ASP n 
1 259 THR n 
1 260 PRO n 
1 261 GLU n 
1 262 GLU n 
1 263 PRO n 
1 264 GLN n 
1 265 ARG n 
1 266 ASP n 
1 267 VAL n 
# 
_entity_src_gen.entity_id                          1 
_entity_src_gen.pdbx_src_id                        1 
_entity_src_gen.pdbx_alt_source_flag               sample 
_entity_src_gen.pdbx_seq_type                      'Biological sequence' 
_entity_src_gen.pdbx_beg_seq_num                   1 
_entity_src_gen.pdbx_end_seq_num                   267 
_entity_src_gen.gene_src_common_name               ? 
_entity_src_gen.gene_src_genus                     ? 
_entity_src_gen.pdbx_gene_src_gene                 Caci_9046 
_entity_src_gen.gene_src_species                   ? 
_entity_src_gen.gene_src_strain                    'DSM 44928 / NRRL B-24433 / NBRC 102108 / JCM 14897' 
_entity_src_gen.gene_src_tissue                    ? 
_entity_src_gen.gene_src_tissue_fraction           ? 
_entity_src_gen.gene_src_details                   ? 
_entity_src_gen.pdbx_gene_src_fragment             ? 
_entity_src_gen.pdbx_gene_src_scientific_name      'Catenulispora acidiphila' 
_entity_src_gen.pdbx_gene_src_ncbi_taxonomy_id     479433 
_entity_src_gen.pdbx_gene_src_variant              ? 
_entity_src_gen.pdbx_gene_src_cell_line            ? 
_entity_src_gen.pdbx_gene_src_atcc                 ? 
_entity_src_gen.pdbx_gene_src_organ                ? 
_entity_src_gen.pdbx_gene_src_organelle            ? 
_entity_src_gen.pdbx_gene_src_cell                 ? 
_entity_src_gen.pdbx_gene_src_cellular_location    ? 
_entity_src_gen.host_org_common_name               ? 
_entity_src_gen.pdbx_host_org_scientific_name      'Escherichia coli' 
_entity_src_gen.pdbx_host_org_ncbi_taxonomy_id     562 
_entity_src_gen.host_org_genus                     ? 
_entity_src_gen.pdbx_host_org_gene                 ? 
_entity_src_gen.pdbx_host_org_organ                ? 
_entity_src_gen.host_org_species                   ? 
_entity_src_gen.pdbx_host_org_tissue               ? 
_entity_src_gen.pdbx_host_org_tissue_fraction      ? 
_entity_src_gen.pdbx_host_org_strain               ? 
_entity_src_gen.pdbx_host_org_variant              ? 
_entity_src_gen.pdbx_host_org_cell_line            ? 
_entity_src_gen.pdbx_host_org_atcc                 ? 
_entity_src_gen.pdbx_host_org_culture_collection   ? 
_entity_src_gen.pdbx_host_org_cell                 ? 
_entity_src_gen.pdbx_host_org_organelle            ? 
_entity_src_gen.pdbx_host_org_cellular_location    ? 
_entity_src_gen.pdbx_host_org_vector_type          ? 
_entity_src_gen.pdbx_host_org_vector               ? 
_entity_src_gen.host_org_details                   ? 
_entity_src_gen.expression_system_id               ? 
_entity_src_gen.plasmid_name                       ? 
_entity_src_gen.plasmid_details                    ? 
_entity_src_gen.pdbx_description                   ? 
# 
_struct_ref.db_code                    C7Q5P8_CATAD 
_struct_ref.db_name                    UNP 
_struct_ref.details                    ? 
_struct_ref.entity_id                  1 
_struct_ref.id                         1 
_struct_ref.seq_align                  ? 
_struct_ref.seq_dif                    ? 
_struct_ref.pdbx_db_accession          C7Q5P8 
_struct_ref.pdbx_db_isoform            ? 
_struct_ref.pdbx_seq_one_letter_code   
;MTRTTALKVLAGKKLTDLDPDEWAKAQASAERILVDVGTGDARTAYRQAIAHPEWLVVGVDPAWQRMTETAVRAARKPAK
GGAPNLVLVSSAIETVPAALHGVADEVMVLMPWGKLLRGVVLGEADVLSGLRAVAKPGAPLEISIGTSIWREPIPLEIRD
LPELTPETVVSTGLTDRLAALGWQVADVRLVPHTDLDTISSSWARRLGSGATETVLHLRAVAVDPRDPVGTQHPAAESAQ
DTPEEPQRDV
;
_struct_ref.pdbx_align_begin           1 
_struct_ref.pdbx_align_end             ? 
# 
_struct_ref_seq.align_id                      1 
_struct_ref_seq.ref_id                        1 
_struct_ref_seq.pdbx_PDB_id_code              5D1N 
_struct_ref_seq.pdbx_strand_id                A 
_struct_ref_seq.seq_align_beg                 18 
_struct_ref_seq.pdbx_seq_align_beg_ins_code   ? 
_struct_ref_seq.seq_align_end                 267 
_struct_ref_seq.pdbx_seq_align_end_ins_code   ? 
_struct_ref_seq.pdbx_db_accession             C7Q5P8 
_struct_ref_seq.db_align_beg                  1 
_struct_ref_seq.pdbx_db_align_beg_ins_code    ? 
_struct_ref_seq.db_align_end                  250 
_struct_ref_seq.pdbx_db_align_end_ins_code    ? 
_struct_ref_seq.pdbx_auth_seq_align_beg       1 
_struct_ref_seq.pdbx_auth_seq_align_end       250 
# 
loop_
_struct_ref_seq_dif.align_id 
_struct_ref_seq_dif.pdbx_pdb_id_code 
_struct_ref_seq_dif.mon_id 
_struct_ref_seq_dif.pdbx_pdb_strand_id 
_struct_ref_seq_dif.seq_num 
_struct_ref_seq_dif.pdbx_pdb_ins_code 
_struct_ref_seq_dif.pdbx_seq_db_name 
_struct_ref_seq_dif.pdbx_seq_db_accession_code 
_struct_ref_seq_dif.db_mon_id 
_struct_ref_seq_dif.pdbx_seq_db_seq_num 
_struct_ref_seq_dif.details 
_struct_ref_seq_dif.pdbx_auth_seq_num 
_struct_ref_seq_dif.pdbx_ordinal 
1 5D1N MET A 1  ? UNP C7Q5P8 ? ? 'initiating methionine' -16 1  
1 5D1N HIS A 2  ? UNP C7Q5P8 ? ? 'expression tag'        -15 2  
1 5D1N HIS A 3  ? UNP C7Q5P8 ? ? 'expression tag'        -14 3  
1 5D1N HIS A 4  ? UNP C7Q5P8 ? ? 'expression tag'        -13 4  
1 5D1N HIS A 5  ? UNP C7Q5P8 ? ? 'expression tag'        -12 5  
1 5D1N HIS A 6  ? UNP C7Q5P8 ? ? 'expression tag'        -11 6  
1 5D1N HIS A 7  ? UNP C7Q5P8 ? ? 'expression tag'        -10 7  
1 5D1N ALA A 8  ? UNP C7Q5P8 ? ? 'expression tag'        -9  8  
1 5D1N SER A 9  ? UNP C7Q5P8 ? ? 'expression tag'        -8  9  
1 5D1N GLY A 10 ? UNP C7Q5P8 ? ? 'expression tag'        -7  10 
1 5D1N LEU A 11 ? UNP C7Q5P8 ? ? 'expression tag'        -6  11 
1 5D1N VAL A 12 ? UNP C7Q5P8 ? ? 'expression tag'        -5  12 
1 5D1N PRO A 13 ? UNP C7Q5P8 ? ? 'expression tag'        -4  13 
1 5D1N ARG A 14 ? UNP C7Q5P8 ? ? 'expression tag'        -3  14 
1 5D1N GLY A 15 ? UNP C7Q5P8 ? ? 'expression tag'        -2  15 
1 5D1N SER A 16 ? UNP C7Q5P8 ? ? 'expression tag'        -1  16 
1 5D1N HIS A 17 ? UNP C7Q5P8 ? ? 'expression tag'        0   17 
# 
loop_
_chem_comp.id 
_chem_comp.type 
_chem_comp.mon_nstd_flag 
_chem_comp.name 
_chem_comp.pdbx_synonyms 
_chem_comp.formula 
_chem_comp.formula_weight 
ALA 'L-peptide linking' y ALANINE                   ? 'C3 H7 N O2'      89.093  
ARG 'L-peptide linking' y ARGININE                  ? 'C6 H15 N4 O2 1'  175.209 
ASN 'L-peptide linking' y ASPARAGINE                ? 'C4 H8 N2 O3'     132.118 
ASP 'L-peptide linking' y 'ASPARTIC ACID'           ? 'C4 H7 N O4'      133.103 
GLN 'L-peptide linking' y GLUTAMINE                 ? 'C5 H10 N2 O3'    146.144 
GLU 'L-peptide linking' y 'GLUTAMIC ACID'           ? 'C5 H9 N O4'      147.129 
GLY 'peptide linking'   y GLYCINE                   ? 'C2 H5 N O2'      75.067  
HIS 'L-peptide linking' y HISTIDINE                 ? 'C6 H10 N3 O2 1'  156.162 
HOH non-polymer         . WATER                     ? 'H2 O'            18.015  
ILE 'L-peptide linking' y ISOLEUCINE                ? 'C6 H13 N O2'     131.173 
LEU 'L-peptide linking' y LEUCINE                   ? 'C6 H13 N O2'     131.173 
LYS 'L-peptide linking' y LYSINE                    ? 'C6 H15 N2 O2 1'  147.195 
MET 'L-peptide linking' y METHIONINE                ? 'C5 H11 N O2 S'   149.211 
PRO 'L-peptide linking' y PROLINE                   ? 'C5 H9 N O2'      115.130 
SAH 'L-peptide linking' n S-ADENOSYL-L-HOMOCYSTEINE ? 'C14 H20 N6 O5 S' 384.411 
SER 'L-peptide linking' y SERINE                    ? 'C3 H7 N O3'      105.093 
THR 'L-peptide linking' y THREONINE                 ? 'C4 H9 N O3'      119.119 
TRP 'L-peptide linking' y TRYPTOPHAN                ? 'C11 H12 N2 O2'   204.225 
TYR 'L-peptide linking' y TYROSINE                  ? 'C9 H11 N O3'     181.189 
VAL 'L-peptide linking' y VALINE                    ? 'C5 H11 N O2'     117.146 
# 
_exptl.absorpt_coefficient_mu     ? 
_exptl.absorpt_correction_T_max   ? 
_exptl.absorpt_correction_T_min   ? 
_exptl.absorpt_correction_type    ? 
_exptl.absorpt_process_details    ? 
_exptl.entry_id                   5D1N 
_exptl.crystals_number            ? 
_exptl.details                    ? 
_exptl.method                     'X-RAY DIFFRACTION' 
_exptl.method_details             ? 
# 
_exptl_crystal.colour                      ? 
_exptl_crystal.density_diffrn              ? 
_exptl_crystal.density_Matthews            2.04 
_exptl_crystal.density_method              ? 
_exptl_crystal.density_percent_sol         39.78 
_exptl_crystal.description                 ? 
_exptl_crystal.F_000                       ? 
_exptl_crystal.id                          1 
_exptl_crystal.preparation                 ? 
_exptl_crystal.size_max                    ? 
_exptl_crystal.size_mid                    ? 
_exptl_crystal.size_min                    ? 
_exptl_crystal.size_rad                    ? 
_exptl_crystal.colour_lustre               ? 
_exptl_crystal.colour_modifier             ? 
_exptl_crystal.colour_primary              ? 
_exptl_crystal.density_meas                ? 
_exptl_crystal.density_meas_esd            ? 
_exptl_crystal.density_meas_gt             ? 
_exptl_crystal.density_meas_lt             ? 
_exptl_crystal.density_meas_temp           ? 
_exptl_crystal.density_meas_temp_esd       ? 
_exptl_crystal.density_meas_temp_gt        ? 
_exptl_crystal.density_meas_temp_lt        ? 
_exptl_crystal.pdbx_crystal_image_url      ? 
_exptl_crystal.pdbx_crystal_image_format   ? 
_exptl_crystal.pdbx_mosaicity              ? 
_exptl_crystal.pdbx_mosaicity_esd          ? 
# 
_exptl_crystal_grow.apparatus       ? 
_exptl_crystal_grow.atmosphere      ? 
_exptl_crystal_grow.crystal_id      1 
_exptl_crystal_grow.details         ? 
_exptl_crystal_grow.method          'VAPOR DIFFUSION, HANGING DROP' 
_exptl_crystal_grow.method_ref      ? 
_exptl_crystal_grow.pH              5.5 
_exptl_crystal_grow.pressure        ? 
_exptl_crystal_grow.pressure_esd    ? 
_exptl_crystal_grow.seeding         ? 
_exptl_crystal_grow.seeding_ref     ? 
_exptl_crystal_grow.temp            293.15 
_exptl_crystal_grow.temp_details    ? 
_exptl_crystal_grow.temp_esd        ? 
_exptl_crystal_grow.time            ? 
_exptl_crystal_grow.pdbx_details    '0.03 M BisTris, pH 5.5, 25.5% PEG 3350' 
_exptl_crystal_grow.pdbx_pH_range   ? 
# 
_diffrn.ambient_environment    ? 
_diffrn.ambient_temp           100 
_diffrn.ambient_temp_details   ? 
_diffrn.ambient_temp_esd       ? 
_diffrn.crystal_id             1 
_diffrn.crystal_support        ? 
_diffrn.crystal_treatment      ? 
_diffrn.details                ? 
_diffrn.id                     1 
_diffrn.ambient_pressure       ? 
_diffrn.ambient_pressure_esd   ? 
_diffrn.ambient_pressure_gt    ? 
_diffrn.ambient_pressure_lt    ? 
_diffrn.ambient_temp_gt        ? 
_diffrn.ambient_temp_lt        ? 
# 
_diffrn_detector.details                      ? 
_diffrn_detector.detector                     CCD 
_diffrn_detector.diffrn_id                    1 
_diffrn_detector.type                         'MARMOSAIC 300 mm CCD' 
_diffrn_detector.area_resol_mean              ? 
_diffrn_detector.dtime                        ? 
_diffrn_detector.pdbx_frames_total            ? 
_diffrn_detector.pdbx_collection_time_total   ? 
_diffrn_detector.pdbx_collection_date         2013-12-07 
# 
_diffrn_radiation.collimation                      ? 
_diffrn_radiation.diffrn_id                        1 
_diffrn_radiation.filter_edge                      ? 
_diffrn_radiation.inhomogeneity                    ? 
_diffrn_radiation.monochromator                    ? 
_diffrn_radiation.polarisn_norm                    ? 
_diffrn_radiation.polarisn_ratio                   ? 
_diffrn_radiation.probe                            ? 
_diffrn_radiation.type                             ? 
_diffrn_radiation.xray_symbol                      ? 
_diffrn_radiation.wavelength_id                    1 
_diffrn_radiation.pdbx_monochromatic_or_laue_m_l   M 
_diffrn_radiation.pdbx_wavelength_list             ? 
_diffrn_radiation.pdbx_wavelength                  ? 
_diffrn_radiation.pdbx_diffrn_protocol             'SINGLE WAVELENGTH' 
_diffrn_radiation.pdbx_analyzer                    ? 
_diffrn_radiation.pdbx_scattering_type             x-ray 
# 
_diffrn_radiation_wavelength.id           1 
_diffrn_radiation_wavelength.wavelength   1.0 
_diffrn_radiation_wavelength.wt           1.0 
# 
_diffrn_source.current                     ? 
_diffrn_source.details                     ? 
_diffrn_source.diffrn_id                   1 
_diffrn_source.power                       ? 
_diffrn_source.size                        ? 
_diffrn_source.source                      SYNCHROTRON 
_diffrn_source.target                      ? 
_diffrn_source.type                        'APS BEAMLINE 22-ID' 
_diffrn_source.voltage                     ? 
_diffrn_source.take-off_angle              ? 
_diffrn_source.pdbx_wavelength_list        1.0 
_diffrn_source.pdbx_wavelength             ? 
_diffrn_source.pdbx_synchrotron_beamline   22-ID 
_diffrn_source.pdbx_synchrotron_site       APS 
# 
_reflns.B_iso_Wilson_estimate            ? 
_reflns.entry_id                         5D1N 
_reflns.data_reduction_details           ? 
_reflns.data_reduction_method            ? 
_reflns.d_resolution_high                2.70 
_reflns.d_resolution_low                 50.00 
_reflns.details                          ? 
_reflns.limit_h_max                      ? 
_reflns.limit_h_min                      ? 
_reflns.limit_k_max                      ? 
_reflns.limit_k_min                      ? 
_reflns.limit_l_max                      ? 
_reflns.limit_l_min                      ? 
_reflns.number_all                       ? 
_reflns.number_obs                       6715 
_reflns.observed_criterion               ? 
_reflns.observed_criterion_F_max         ? 
_reflns.observed_criterion_F_min         ? 
_reflns.observed_criterion_I_max         ? 
_reflns.observed_criterion_I_min         ? 
_reflns.observed_criterion_sigma_F       ? 
_reflns.observed_criterion_sigma_I       ? 
_reflns.percent_possible_obs             99.2 
_reflns.R_free_details                   ? 
_reflns.Rmerge_F_all                     ? 
_reflns.Rmerge_F_obs                     ? 
_reflns.Friedel_coverage                 ? 
_reflns.number_gt                        ? 
_reflns.threshold_expression             ? 
_reflns.pdbx_redundancy                  3.9 
_reflns.pdbx_Rmerge_I_obs                0.127 
_reflns.pdbx_Rmerge_I_all                ? 
_reflns.pdbx_Rsym_value                  ? 
_reflns.pdbx_netI_over_av_sigmaI         ? 
_reflns.pdbx_netI_over_sigmaI            11.2 
_reflns.pdbx_res_netI_over_av_sigmaI_2   ? 
_reflns.pdbx_res_netI_over_sigmaI_2      ? 
_reflns.pdbx_chi_squared                 ? 
_reflns.pdbx_scaling_rejects             ? 
_reflns.pdbx_d_res_high_opt              ? 
_reflns.pdbx_d_res_low_opt               ? 
_reflns.pdbx_d_res_opt_method            ? 
_reflns.phase_calculation_details        ? 
_reflns.pdbx_Rrim_I_all                  ? 
_reflns.pdbx_Rpim_I_all                  ? 
_reflns.pdbx_d_opt                       ? 
_reflns.pdbx_number_measured_all         ? 
_reflns.pdbx_diffrn_id                   1 
_reflns.pdbx_ordinal                     1 
_reflns.pdbx_CC_half                     ? 
_reflns.pdbx_R_split                     ? 
# 
_reflns_shell.d_res_high                  2.70 
_reflns_shell.d_res_low                   2.75 
_reflns_shell.meanI_over_sigI_all         ? 
_reflns_shell.meanI_over_sigI_obs         1.9 
_reflns_shell.number_measured_all         ? 
_reflns_shell.number_measured_obs         ? 
_reflns_shell.number_possible             ? 
_reflns_shell.number_unique_all           ? 
_reflns_shell.number_unique_obs           ? 
_reflns_shell.percent_possible_all        100.00 
_reflns_shell.percent_possible_obs        ? 
_reflns_shell.Rmerge_F_all                ? 
_reflns_shell.Rmerge_F_obs                ? 
_reflns_shell.Rmerge_I_all                ? 
_reflns_shell.Rmerge_I_obs                ? 
_reflns_shell.meanI_over_sigI_gt          ? 
_reflns_shell.meanI_over_uI_all           ? 
_reflns_shell.meanI_over_uI_gt            ? 
_reflns_shell.number_measured_gt          ? 
_reflns_shell.number_unique_gt            ? 
_reflns_shell.percent_possible_gt         ? 
_reflns_shell.Rmerge_F_gt                 ? 
_reflns_shell.Rmerge_I_gt                 ? 
_reflns_shell.pdbx_redundancy             4.0 
_reflns_shell.pdbx_Rsym_value             ? 
_reflns_shell.pdbx_chi_squared            ? 
_reflns_shell.pdbx_netI_over_sigmaI_all   ? 
_reflns_shell.pdbx_netI_over_sigmaI_obs   ? 
_reflns_shell.pdbx_Rrim_I_all             ? 
_reflns_shell.pdbx_Rpim_I_all             ? 
_reflns_shell.pdbx_rejects                ? 
_reflns_shell.pdbx_ordinal                1 
_reflns_shell.pdbx_diffrn_id              1 
_reflns_shell.pdbx_CC_half                ? 
_reflns_shell.pdbx_R_split                ? 
# 
_refine.pdbx_refine_id                           'X-RAY DIFFRACTION' 
_refine.entry_id                                 5D1N 
_refine.pdbx_diffrn_id                           1 
_refine.pdbx_TLS_residual_ADP_flag               ? 
_refine.ls_number_reflns_obs                     6302 
_refine.ls_number_reflns_all                     ? 
_refine.pdbx_ls_sigma_I                          ? 
_refine.pdbx_ls_sigma_F                          0.00 
_refine.pdbx_data_cutoff_high_absF               ? 
_refine.pdbx_data_cutoff_low_absF                ? 
_refine.pdbx_data_cutoff_high_rms_absF           ? 
_refine.ls_d_res_low                             41.436 
_refine.ls_d_res_high                            2.713 
_refine.ls_percent_reflns_obs                    93.61 
_refine.ls_R_factor_obs                          0.2202 
_refine.ls_R_factor_all                          ? 
_refine.ls_R_factor_R_work                       0.2132 
_refine.ls_R_factor_R_free                       0.2811 
_refine.ls_R_factor_R_free_error                 ? 
_refine.ls_R_factor_R_free_error_details         ? 
_refine.ls_percent_reflns_R_free                 10.06 
_refine.ls_number_reflns_R_free                  634 
_refine.ls_number_parameters                     ? 
_refine.ls_number_restraints                     ? 
_refine.occupancy_min                            ? 
_refine.occupancy_max                            ? 
_refine.correlation_coeff_Fo_to_Fc               ? 
_refine.correlation_coeff_Fo_to_Fc_free          ? 
_refine.B_iso_mean                               ? 
_refine.aniso_B[1][1]                            ? 
_refine.aniso_B[2][2]                            ? 
_refine.aniso_B[3][3]                            ? 
_refine.aniso_B[1][2]                            ? 
_refine.aniso_B[1][3]                            ? 
_refine.aniso_B[2][3]                            ? 
_refine.solvent_model_details                    'FLAT BULK SOLVENT MODEL' 
_refine.solvent_model_param_ksol                 ? 
_refine.solvent_model_param_bsol                 ? 
_refine.pdbx_solvent_vdw_probe_radii             1.11 
_refine.pdbx_solvent_ion_probe_radii             ? 
_refine.pdbx_solvent_shrinkage_radii             0.90 
_refine.pdbx_ls_cross_valid_method               THROUGHOUT 
_refine.details                                  ? 
_refine.pdbx_starting_model                      4X1O 
_refine.pdbx_method_to_determine_struct          'MOLECULAR REPLACEMENT' 
_refine.pdbx_isotropic_thermal_model             ? 
_refine.pdbx_stereochemistry_target_values       ML 
_refine.pdbx_stereochem_target_val_spec_case     ? 
_refine.pdbx_R_Free_selection_details            ? 
_refine.pdbx_overall_ESU_R                       ? 
_refine.pdbx_overall_ESU_R_Free                  ? 
_refine.overall_SU_ML                            0.40 
_refine.pdbx_overall_phase_error                 27.56 
_refine.overall_SU_B                             ? 
_refine.overall_SU_R_Cruickshank_DPI             ? 
_refine.pdbx_overall_SU_R_free_Cruickshank_DPI   ? 
_refine.pdbx_overall_SU_R_Blow_DPI               ? 
_refine.pdbx_overall_SU_R_free_Blow_DPI          ? 
# 
_refine_hist.pdbx_refine_id                   'X-RAY DIFFRACTION' 
_refine_hist.cycle_id                         LAST 
_refine_hist.pdbx_number_atoms_protein        1661 
_refine_hist.pdbx_number_atoms_nucleic_acid   0 
_refine_hist.pdbx_number_atoms_ligand         26 
_refine_hist.number_atoms_solvent             22 
_refine_hist.number_atoms_total               1709 
_refine_hist.d_res_high                       2.713 
_refine_hist.d_res_low                        41.436 
# 
loop_
_refine_ls_restr.type 
_refine_ls_restr.dev_ideal 
_refine_ls_restr.dev_ideal_target 
_refine_ls_restr.weight 
_refine_ls_restr.number 
_refine_ls_restr.pdbx_refine_id 
_refine_ls_restr.pdbx_restraint_function 
f_bond_d           0.002  ? ? 1723 'X-RAY DIFFRACTION' ? 
f_angle_d          0.663  ? ? 2362 'X-RAY DIFFRACTION' ? 
f_dihedral_angle_d 11.284 ? ? 630  'X-RAY DIFFRACTION' ? 
f_chiral_restr     0.025  ? ? 285  'X-RAY DIFFRACTION' ? 
f_plane_restr      0.004  ? ? 300  'X-RAY DIFFRACTION' ? 
# 
loop_
_refine_ls_shell.pdbx_refine_id 
_refine_ls_shell.pdbx_total_number_of_bins_used 
_refine_ls_shell.d_res_high 
_refine_ls_shell.d_res_low 
_refine_ls_shell.number_reflns_R_work 
_refine_ls_shell.R_factor_R_work 
_refine_ls_shell.percent_reflns_obs 
_refine_ls_shell.R_factor_R_free 
_refine_ls_shell.R_factor_R_free_error 
_refine_ls_shell.percent_reflns_R_free 
_refine_ls_shell.number_reflns_R_free 
_refine_ls_shell.number_reflns_all 
_refine_ls_shell.R_factor_all 
_refine_ls_shell.R_factor_obs 
_refine_ls_shell.number_reflns_obs 
'X-RAY DIFFRACTION' . 2.7133 2.9228  977  0.2750 84.00 0.3892 . . 114 . . . . 
'X-RAY DIFFRACTION' . 2.9228 3.2168  1102 0.2515 93.00 0.2737 . . 122 . . . . 
'X-RAY DIFFRACTION' . 3.2168 3.6820  1154 0.2086 97.00 0.2900 . . 127 . . . . 
'X-RAY DIFFRACTION' . 3.6820 4.6380  1194 0.1895 98.00 0.2721 . . 131 . . . . 
'X-RAY DIFFRACTION' . 4.6380 41.4408 1241 0.2037 97.00 0.2543 . . 140 . . . . 
# 
_struct.entry_id                     5D1N 
_struct.title                        
;Crystal structure of the 16S rRNA (adenine(1408)-N(1))-methyltransferase with its reaction by-product SAH from Catenulisporales acidiphilia
;
_struct.pdbx_model_details           ? 
_struct.pdbx_formula_weight          ? 
_struct.pdbx_formula_weight_method   ? 
_struct.pdbx_model_type_details      ? 
_struct.pdbx_CASP_flag               ? 
# 
_struct_keywords.entry_id        5D1N 
_struct_keywords.text            'methyltransferase, ribosome, aminoglycoside resistance, TRANSFERASE' 
_struct_keywords.pdbx_keywords   TRANSFERASE 
# 
loop_
_struct_asym.id 
_struct_asym.pdbx_blank_PDB_chainid_flag 
_struct_asym.pdbx_modified 
_struct_asym.entity_id 
_struct_asym.details 
A N N 1 ? 
B N N 2 ? 
C N N 3 ? 
# 
loop_
_struct_conf.conf_type_id 
_struct_conf.id 
_struct_conf.pdbx_PDB_helix_id 
_struct_conf.beg_label_comp_id 
_struct_conf.beg_label_asym_id 
_struct_conf.beg_label_seq_id 
_struct_conf.pdbx_beg_PDB_ins_code 
_struct_conf.end_label_comp_id 
_struct_conf.end_label_asym_id 
_struct_conf.end_label_seq_id 
_struct_conf.pdbx_end_PDB_ins_code 
_struct_conf.beg_auth_comp_id 
_struct_conf.beg_auth_asym_id 
_struct_conf.beg_auth_seq_id 
_struct_conf.end_auth_comp_id 
_struct_conf.end_auth_asym_id 
_struct_conf.end_auth_seq_id 
_struct_conf.pdbx_PDB_helix_class 
_struct_conf.details 
_struct_conf.pdbx_PDB_helix_length 
HELX_P HELX_P1  AA1 ASP A 36  ? ALA A 47  ? ASP A 19  ALA A 30  1 ? 12 
HELX_P HELX_P2  AA2 ALA A 59  ? HIS A 69  ? ALA A 42  HIS A 52  1 ? 11 
HELX_P HELX_P3  AA3 ALA A 80  ? ARG A 83  ? ALA A 63  ARG A 66  5 ? 4  
HELX_P HELX_P4  AA4 MET A 84  ? ALA A 91  ? MET A 67  ALA A 74  1 ? 8  
HELX_P HELX_P5  AA5 ALA A 92  ? ARG A 93  ? ALA A 75  ARG A 76  5 ? 2  
HELX_P HELX_P6  AA6 LYS A 94  ? GLY A 98  ? LYS A 77  GLY A 81  5 ? 5  
HELX_P HELX_P7  AA7 ALA A 109 ? VAL A 113 ? ALA A 92  VAL A 96  5 ? 5  
HELX_P HELX_P8  AA8 PRO A 114 ? HIS A 118 ? PRO A 97  HIS A 101 5 ? 5  
HELX_P HELX_P9  AA9 TRP A 130 ? GLY A 140 ? TRP A 113 GLY A 123 1 ? 11 
HELX_P HELX_P10 AB1 GLU A 141 ? VAL A 151 ? GLU A 124 VAL A 134 1 ? 11 
HELX_P HELX_P11 AB2 SER A 165 ? ARG A 168 ? SER A 148 ARG A 151 5 ? 4  
HELX_P HELX_P12 AB3 THR A 182 ? THR A 189 ? THR A 165 THR A 172 1 ? 8  
HELX_P HELX_P13 AB4 GLY A 190 ? LEU A 198 ? GLY A 173 LEU A 181 1 ? 9  
HELX_P HELX_P14 AB5 ASP A 214 ? ILE A 216 ? ASP A 197 ILE A 199 5 ? 3  
# 
_struct_conf_type.id          HELX_P 
_struct_conf_type.criteria    ? 
_struct_conf_type.reference   ? 
# 
_struct_mon_prot_cis.pdbx_id                1 
_struct_mon_prot_cis.label_comp_id          GLU 
_struct_mon_prot_cis.label_seq_id           169 
_struct_mon_prot_cis.label_asym_id          A 
_struct_mon_prot_cis.label_alt_id           . 
_struct_mon_prot_cis.pdbx_PDB_ins_code      ? 
_struct_mon_prot_cis.auth_comp_id           GLU 
_struct_mon_prot_cis.auth_seq_id            152 
_struct_mon_prot_cis.auth_asym_id           A 
_struct_mon_prot_cis.pdbx_label_comp_id_2   PRO 
_struct_mon_prot_cis.pdbx_label_seq_id_2    170 
_struct_mon_prot_cis.pdbx_label_asym_id_2   A 
_struct_mon_prot_cis.pdbx_PDB_ins_code_2    ? 
_struct_mon_prot_cis.pdbx_auth_comp_id_2    PRO 
_struct_mon_prot_cis.pdbx_auth_seq_id_2     153 
_struct_mon_prot_cis.pdbx_auth_asym_id_2    A 
_struct_mon_prot_cis.pdbx_PDB_model_num     1 
_struct_mon_prot_cis.pdbx_omega_angle       1.51 
# 
loop_
_struct_sheet.id 
_struct_sheet.type 
_struct_sheet.number_strands 
_struct_sheet.details 
AA1 ? 2 ? 
AA2 ? 7 ? 
# 
loop_
_struct_sheet_order.sheet_id 
_struct_sheet_order.range_id_1 
_struct_sheet_order.range_id_2 
_struct_sheet_order.offset 
_struct_sheet_order.sense 
AA1 1 2 ? anti-parallel 
AA2 1 2 ? parallel      
AA2 2 3 ? parallel      
AA2 3 4 ? parallel      
AA2 4 5 ? parallel      
AA2 5 6 ? anti-parallel 
AA2 6 7 ? anti-parallel 
# 
loop_
_struct_sheet_range.sheet_id 
_struct_sheet_range.id 
_struct_sheet_range.beg_label_comp_id 
_struct_sheet_range.beg_label_asym_id 
_struct_sheet_range.beg_label_seq_id 
_struct_sheet_range.pdbx_beg_PDB_ins_code 
_struct_sheet_range.end_label_comp_id 
_struct_sheet_range.end_label_asym_id 
_struct_sheet_range.end_label_seq_id 
_struct_sheet_range.pdbx_end_PDB_ins_code 
_struct_sheet_range.beg_auth_comp_id 
_struct_sheet_range.beg_auth_asym_id 
_struct_sheet_range.beg_auth_seq_id 
_struct_sheet_range.end_auth_comp_id 
_struct_sheet_range.end_auth_asym_id 
_struct_sheet_range.end_auth_seq_id 
AA1 1 LEU A 27  ? ALA A 28  ? LEU A 10  ALA A 11  
AA1 2 LEU A 32  ? THR A 33  ? LEU A 15  THR A 16  
AA2 1 LEU A 103 ? SER A 107 ? LEU A 86  SER A 90  
AA2 2 TRP A 72  ? ASP A 78  ? TRP A 55  ASP A 61  
AA2 3 ARG A 49  ? VAL A 54  ? ARG A 32  VAL A 37  
AA2 4 GLU A 123 ? LEU A 127 ? GLU A 106 LEU A 110 
AA2 5 PRO A 157 ? GLY A 163 ? PRO A 140 GLY A 146 
AA2 6 THR A 229 ? ALA A 239 ? THR A 212 ALA A 222 
AA2 7 TRP A 200 ? ASP A 212 ? TRP A 183 ASP A 195 
# 
loop_
_pdbx_struct_sheet_hbond.sheet_id 
_pdbx_struct_sheet_hbond.range_id_1 
_pdbx_struct_sheet_hbond.range_id_2 
_pdbx_struct_sheet_hbond.range_1_label_atom_id 
_pdbx_struct_sheet_hbond.range_1_label_comp_id 
_pdbx_struct_sheet_hbond.range_1_label_asym_id 
_pdbx_struct_sheet_hbond.range_1_label_seq_id 
_pdbx_struct_sheet_hbond.range_1_PDB_ins_code 
_pdbx_struct_sheet_hbond.range_1_auth_atom_id 
_pdbx_struct_sheet_hbond.range_1_auth_comp_id 
_pdbx_struct_sheet_hbond.range_1_auth_asym_id 
_pdbx_struct_sheet_hbond.range_1_auth_seq_id 
_pdbx_struct_sheet_hbond.range_2_label_atom_id 
_pdbx_struct_sheet_hbond.range_2_label_comp_id 
_pdbx_struct_sheet_hbond.range_2_label_asym_id 
_pdbx_struct_sheet_hbond.range_2_label_seq_id 
_pdbx_struct_sheet_hbond.range_2_PDB_ins_code 
_pdbx_struct_sheet_hbond.range_2_auth_atom_id 
_pdbx_struct_sheet_hbond.range_2_auth_comp_id 
_pdbx_struct_sheet_hbond.range_2_auth_asym_id 
_pdbx_struct_sheet_hbond.range_2_auth_seq_id 
AA1 1 2 N LEU A 27  ? N LEU A 10  O THR A 33  ? O THR A 16  
AA2 1 2 O VAL A 104 ? O VAL A 87  N VAL A 74  ? N VAL A 57  
AA2 2 3 O VAL A 75  ? O VAL A 58  N ASP A 53  ? N ASP A 36  
AA2 3 4 N VAL A 52  ? N VAL A 35  O GLU A 123 ? O GLU A 106 
AA2 4 5 N VAL A 126 ? N VAL A 109 O GLU A 159 ? O GLU A 142 
AA2 5 6 N ILE A 162 ? N ILE A 145 O LEU A 233 ? O LEU A 216 
AA2 6 7 O ARG A 236 ? O ARG A 219 N ALA A 203 ? N ALA A 186 
# 
_struct_site.id                   AC1 
_struct_site.pdbx_evidence_code   Software 
_struct_site.pdbx_auth_asym_id    A 
_struct_site.pdbx_auth_comp_id    SAH 
_struct_site.pdbx_auth_seq_id     301 
_struct_site.pdbx_auth_ins_code   ? 
_struct_site.pdbx_num_residues    14 
_struct_site.details              'binding site for residue SAH A 301' 
# 
loop_
_struct_site_gen.id 
_struct_site_gen.site_id 
_struct_site_gen.pdbx_num_res 
_struct_site_gen.label_comp_id 
_struct_site_gen.label_asym_id 
_struct_site_gen.label_seq_id 
_struct_site_gen.pdbx_auth_ins_code 
_struct_site_gen.auth_comp_id 
_struct_site_gen.auth_asym_id 
_struct_site_gen.auth_seq_id 
_struct_site_gen.label_atom_id 
_struct_site_gen.label_alt_id 
_struct_site_gen.symmetry 
_struct_site_gen.details 
1  AC1 14 GLY A 55  ? GLY A 38  . ? 1_555 ? 
2  AC1 14 THR A 56  ? THR A 39  . ? 1_555 ? 
3  AC1 14 GLY A 57  ? GLY A 40  . ? 1_555 ? 
4  AC1 14 ASP A 78  ? ASP A 61  . ? 1_555 ? 
5  AC1 14 PRO A 79  ? PRO A 62  . ? 1_555 ? 
6  AC1 14 ILE A 110 ? ILE A 93  . ? 1_555 ? 
7  AC1 14 GLU A 111 ? GLU A 94  . ? 1_555 ? 
8  AC1 14 LEU A 127 ? LEU A 110 . ? 1_555 ? 
9  AC1 14 MET A 128 ? MET A 111 . ? 1_555 ? 
10 AC1 14 TRP A 130 ? TRP A 113 . ? 1_555 ? 
11 AC1 14 LYS A 132 ? LYS A 115 . ? 1_555 ? 
12 AC1 14 LEU A 133 ? LEU A 116 . ? 1_555 ? 
13 AC1 14 SER A 217 ? SER A 200 . ? 1_555 ? 
14 AC1 14 SER A 218 ? SER A 201 . ? 1_555 ? 
# 
_atom_sites.entry_id                    5D1N 
_atom_sites.fract_transf_matrix[1][1]   -0.00974670 
_atom_sites.fract_transf_matrix[1][2]   0.02095187 
_atom_sites.fract_transf_matrix[1][3]   0.00367251 
_atom_sites.fract_transf_matrix[2][1]   -0.00551226 
_atom_sites.fract_transf_matrix[2][2]   -0.00488658 
_atom_sites.fract_transf_matrix[2][3]   0.01324883 
_atom_sites.fract_transf_matrix[3][1]   0.01005443 
_atom_sites.fract_transf_matrix[3][2]   0.00370452 
_atom_sites.fract_transf_matrix[3][3]   0.00554955 
_atom_sites.fract_transf_vector[1]      0.023950 
_atom_sites.fract_transf_vector[2]      -0.149366 
_atom_sites.fract_transf_vector[3]      0.198551 
# 
loop_
_atom_type.symbol 
C 
N 
O 
S 
# 
loop_
_atom_site.group_PDB 
_atom_site.id 
_atom_site.type_symbol 
_atom_site.label_atom_id 
_atom_site.label_alt_id 
_atom_site.label_comp_id 
_atom_site.label_asym_id 
_atom_site.label_entity_id 
_atom_site.label_seq_id 
_atom_site.pdbx_PDB_ins_code 
_atom_site.Cartn_x 
_atom_site.Cartn_y 
_atom_site.Cartn_z 
_atom_site.occupancy 
_atom_site.B_iso_or_equiv 
_atom_site.pdbx_formal_charge 
_atom_site.auth_seq_id 
_atom_site.auth_comp_id 
_atom_site.auth_asym_id 
_atom_site.auth_atom_id 
_atom_site.pdbx_PDB_model_num 
ATOM   1    N N     . VAL A 1 26  ? 4.916   12.263  11.845  1.00 32.37 ? 9   VAL A N     1 
ATOM   2    C CA    . VAL A 1 26  ? 5.801   11.374  12.589  1.00 38.78 ? 9   VAL A CA    1 
ATOM   3    C C     . VAL A 1 26  ? 6.316   10.257  11.686  1.00 34.64 ? 9   VAL A C     1 
ATOM   4    O O     . VAL A 1 26  ? 5.536   9.561   11.036  1.00 31.84 ? 9   VAL A O     1 
ATOM   5    C CB    . VAL A 1 26  ? 5.090   10.762  13.819  1.00 48.99 ? 9   VAL A CB    1 
ATOM   6    C CG1   . VAL A 1 26  ? 5.714   9.421   14.203  1.00 42.70 ? 9   VAL A CG1   1 
ATOM   7    C CG2   . VAL A 1 26  ? 5.104   11.737  14.990  1.00 59.69 ? 9   VAL A CG2   1 
ATOM   8    N N     . LEU A 1 27  ? 7.636   10.094  11.642  1.00 29.32 ? 10  LEU A N     1 
ATOM   9    C CA    . LEU A 1 27  ? 8.247   9.078   10.792  1.00 35.98 ? 10  LEU A CA    1 
ATOM   10   C C     . LEU A 1 27  ? 9.659   8.713   11.233  1.00 34.15 ? 10  LEU A C     1 
ATOM   11   O O     . LEU A 1 27  ? 10.114  9.121   12.302  1.00 44.52 ? 10  LEU A O     1 
ATOM   12   C CB    . LEU A 1 27  ? 8.254   9.544   9.338   1.00 33.89 ? 10  LEU A CB    1 
ATOM   13   C CG    . LEU A 1 27  ? 8.557   11.012  9.057   1.00 30.18 ? 10  LEU A CG    1 
ATOM   14   C CD1   . LEU A 1 27  ? 10.053  11.269  8.961   1.00 30.30 ? 10  LEU A CD1   1 
ATOM   15   C CD2   . LEU A 1 27  ? 7.847   11.417  7.786   1.00 30.42 ? 10  LEU A CD2   1 
ATOM   16   N N     . ALA A 1 28  ? 10.353  7.951   10.393  1.00 28.15 ? 11  ALA A N     1 
ATOM   17   C CA    . ALA A 1 28  ? 11.585  7.292   10.806  1.00 31.54 ? 11  ALA A CA    1 
ATOM   18   C C     . ALA A 1 28  ? 12.837  7.768   10.076  1.00 29.60 ? 11  ALA A C     1 
ATOM   19   O O     . ALA A 1 28  ? 12.793  8.183   8.919   1.00 33.80 ? 11  ALA A O     1 
ATOM   20   C CB    . ALA A 1 28  ? 11.437  5.785   10.638  1.00 26.24 ? 11  ALA A CB    1 
ATOM   21   N N     . GLY A 1 29  ? 13.954  7.699   10.792  1.00 38.74 ? 12  GLY A N     1 
ATOM   22   C CA    . GLY A 1 29  ? 15.282  7.873   10.236  1.00 29.43 ? 12  GLY A CA    1 
ATOM   23   C C     . GLY A 1 29  ? 16.180  6.997   11.086  1.00 38.25 ? 12  GLY A C     1 
ATOM   24   O O     . GLY A 1 29  ? 17.133  7.481   11.698  1.00 44.19 ? 12  GLY A O     1 
ATOM   25   N N     . LYS A 1 30  ? 15.845  5.705   11.117  1.00 43.14 ? 13  LYS A N     1 
ATOM   26   C CA    . LYS A 1 30  ? 16.326  4.728   12.104  1.00 46.10 ? 13  LYS A CA    1 
ATOM   27   C C     . LYS A 1 30  ? 15.739  5.036   13.486  1.00 58.94 ? 13  LYS A C     1 
ATOM   28   O O     . LYS A 1 30  ? 15.222  4.145   14.160  1.00 57.66 ? 13  LYS A O     1 
ATOM   29   C CB    . LYS A 1 30  ? 17.856  4.677   12.161  1.00 56.21 ? 13  LYS A CB    1 
ATOM   30   C CG    . LYS A 1 30  ? 18.404  3.841   13.311  1.00 55.05 ? 13  LYS A CG    1 
ATOM   31   C CD    . LYS A 1 30  ? 17.870  2.415   13.279  1.00 42.62 ? 13  LYS A CD    1 
ATOM   32   C CE    . LYS A 1 30  ? 18.303  1.638   14.513  1.00 35.39 ? 13  LYS A CE    1 
ATOM   33   N NZ    . LYS A 1 30  ? 17.683  0.286   14.569  1.00 44.46 ? 13  LYS A NZ    1 
ATOM   34   N N     . LYS A 1 31  ? 15.820  6.296   13.904  1.00 56.12 ? 14  LYS A N     1 
ATOM   35   C CA    . LYS A 1 31  ? 15.114  6.758   15.091  1.00 47.36 ? 14  LYS A CA    1 
ATOM   36   C C     . LYS A 1 31  ? 13.707  7.184   14.665  1.00 44.11 ? 14  LYS A C     1 
ATOM   37   O O     . LYS A 1 31  ? 13.418  7.259   13.472  1.00 43.08 ? 14  LYS A O     1 
ATOM   38   C CB    . LYS A 1 31  ? 15.868  7.915   15.759  1.00 37.95 ? 14  LYS A CB    1 
ATOM   39   C CG    . LYS A 1 31  ? 15.455  8.204   17.196  1.00 56.23 ? 14  LYS A CG    1 
ATOM   40   C CD    . LYS A 1 31  ? 15.671  9.665   17.561  1.00 64.43 ? 14  LYS A CD    1 
ATOM   41   C CE    . LYS A 1 31  ? 14.393  10.467  17.353  1.00 67.91 ? 14  LYS A CE    1 
ATOM   42   N NZ    . LYS A 1 31  ? 14.499  11.877  17.821  1.00 66.62 ? 14  LYS A NZ    1 
ATOM   43   N N     . LEU A 1 32  ? 12.833  7.452   15.629  1.00 45.21 ? 15  LEU A N     1 
ATOM   44   C CA    . LEU A 1 32  ? 11.474  7.893   15.329  1.00 40.17 ? 15  LEU A CA    1 
ATOM   45   C C     . LEU A 1 32  ? 11.298  9.366   15.685  1.00 47.22 ? 15  LEU A C     1 
ATOM   46   O O     . LEU A 1 32  ? 11.294  9.728   16.861  1.00 54.43 ? 15  LEU A O     1 
ATOM   47   C CB    . LEU A 1 32  ? 10.454  7.038   16.082  1.00 48.47 ? 15  LEU A CB    1 
ATOM   48   C CG    . LEU A 1 32  ? 9.039   6.994   15.508  1.00 44.16 ? 15  LEU A CG    1 
ATOM   49   C CD1   . LEU A 1 32  ? 9.068   6.577   14.047  1.00 42.90 ? 15  LEU A CD1   1 
ATOM   50   C CD2   . LEU A 1 32  ? 8.160   6.051   16.316  1.00 52.72 ? 15  LEU A CD2   1 
ATOM   51   N N     . THR A 1 33  ? 11.144  10.212  14.670  1.00 38.87 ? 16  THR A N     1 
ATOM   52   C CA    . THR A 1 33  ? 11.119  11.655  14.884  1.00 48.91 ? 16  THR A CA    1 
ATOM   53   C C     . THR A 1 33  ? 9.940   12.360  14.215  1.00 43.42 ? 16  THR A C     1 
ATOM   54   O O     . THR A 1 33  ? 9.257   11.788  13.364  1.00 40.86 ? 16  THR A O     1 
ATOM   55   C CB    . THR A 1 33  ? 12.419  12.307  14.376  1.00 48.15 ? 16  THR A CB    1 
ATOM   56   O OG1   . THR A 1 33  ? 12.307  13.732  14.465  1.00 52.54 ? 16  THR A OG1   1 
ATOM   57   C CG2   . THR A 1 33  ? 12.678  11.916  12.928  1.00 32.10 ? 16  THR A CG2   1 
ATOM   58   N N     . ASP A 1 34  ? 9.711   13.609  14.613  1.00 45.88 ? 17  ASP A N     1 
ATOM   59   C CA    . ASP A 1 34  ? 8.698   14.452  13.988  1.00 44.10 ? 17  ASP A CA    1 
ATOM   60   C C     . ASP A 1 34  ? 9.215   15.008  12.667  1.00 51.62 ? 17  ASP A C     1 
ATOM   61   O O     . ASP A 1 34  ? 10.357  15.459  12.582  1.00 51.85 ? 17  ASP A O     1 
ATOM   62   C CB    . ASP A 1 34  ? 8.298   15.604  14.914  1.00 44.92 ? 17  ASP A CB    1 
ATOM   63   C CG    . ASP A 1 34  ? 7.662   15.127  16.204  1.00 52.03 ? 17  ASP A CG    1 
ATOM   64   O OD1   . ASP A 1 34  ? 6.780   14.246  16.144  1.00 57.37 ? 17  ASP A OD1   1 
ATOM   65   O OD2   . ASP A 1 34  ? 8.046   15.636  17.277  1.00 55.67 ? 17  ASP A OD2   1 
ATOM   66   N N     . LEU A 1 35  ? 8.375   14.979  11.639  1.00 42.41 ? 18  LEU A N     1 
ATOM   67   C CA    . LEU A 1 35  ? 8.766   15.500  10.336  1.00 42.07 ? 18  LEU A CA    1 
ATOM   68   C C     . LEU A 1 35  ? 8.366   16.965  10.206  1.00 38.88 ? 18  LEU A C     1 
ATOM   69   O O     . LEU A 1 35  ? 7.224   17.332  10.476  1.00 43.44 ? 18  LEU A O     1 
ATOM   70   C CB    . LEU A 1 35  ? 8.141   14.670  9.213   1.00 44.65 ? 18  LEU A CB    1 
ATOM   71   C CG    . LEU A 1 35  ? 8.656   14.865  7.782   1.00 41.79 ? 18  LEU A CG    1 
ATOM   72   C CD1   . LEU A 1 35  ? 7.876   15.938  7.049   1.00 39.94 ? 18  LEU A CD1   1 
ATOM   73   C CD2   . LEU A 1 35  ? 10.148  15.176  7.767   1.00 41.76 ? 18  LEU A CD2   1 
ATOM   74   N N     . ASP A 1 36  ? 9.321   17.792  9.792   1.00 37.59 ? 19  ASP A N     1 
ATOM   75   C CA    . ASP A 1 36  ? 9.089   19.220  9.609   1.00 36.26 ? 19  ASP A CA    1 
ATOM   76   C C     . ASP A 1 36  ? 8.054   19.464  8.514   1.00 42.27 ? 19  ASP A C     1 
ATOM   77   O O     . ASP A 1 36  ? 8.281   19.112  7.358   1.00 40.55 ? 19  ASP A O     1 
ATOM   78   C CB    . ASP A 1 36  ? 10.404  19.928  9.267   1.00 36.76 ? 19  ASP A CB    1 
ATOM   79   C CG    . ASP A 1 36  ? 10.280  21.440  9.290   1.00 45.01 ? 19  ASP A CG    1 
ATOM   80   O OD1   . ASP A 1 36  ? 9.349   21.956  9.941   1.00 44.03 ? 19  ASP A OD1   1 
ATOM   81   O OD2   . ASP A 1 36  ? 11.121  22.113  8.659   1.00 48.32 ? 19  ASP A OD2   1 
ATOM   82   N N     . PRO A 1 37  ? 6.910   20.062  8.884   1.00 43.22 ? 20  PRO A N     1 
ATOM   83   C CA    . PRO A 1 37  ? 5.814   20.350  7.949   1.00 42.17 ? 20  PRO A CA    1 
ATOM   84   C C     . PRO A 1 37  ? 6.268   21.162  6.740   1.00 40.54 ? 20  PRO A C     1 
ATOM   85   O O     . PRO A 1 37  ? 5.736   20.984  5.644   1.00 36.09 ? 20  PRO A O     1 
ATOM   86   C CB    . PRO A 1 37  ? 4.830   21.154  8.803   1.00 37.11 ? 20  PRO A CB    1 
ATOM   87   C CG    . PRO A 1 37  ? 5.091   20.699  10.194  1.00 38.75 ? 20  PRO A CG    1 
ATOM   88   C CD    . PRO A 1 37  ? 6.570   20.460  10.262  1.00 39.04 ? 20  PRO A CD    1 
ATOM   89   N N     . ASP A 1 38  ? 7.244   22.042  6.942   1.00 43.35 ? 21  ASP A N     1 
ATOM   90   C CA    . ASP A 1 38  ? 7.787   22.836  5.849   1.00 41.91 ? 21  ASP A CA    1 
ATOM   91   C C     . ASP A 1 38  ? 8.612   21.968  4.906   1.00 40.58 ? 21  ASP A C     1 
ATOM   92   O O     . ASP A 1 38  ? 8.599   22.174  3.694   1.00 33.59 ? 21  ASP A O     1 
ATOM   93   C CB    . ASP A 1 38  ? 8.633   23.987  6.390   1.00 47.94 ? 21  ASP A CB    1 
ATOM   94   C CG    . ASP A 1 38  ? 7.846   24.906  7.301   1.00 54.44 ? 21  ASP A CG    1 
ATOM   95   O OD1   . ASP A 1 38  ? 7.813   24.650  8.522   1.00 56.16 ? 21  ASP A OD1   1 
ATOM   96   O OD2   . ASP A 1 38  ? 7.256   25.885  6.794   1.00 58.90 ? 21  ASP A OD2   1 
ATOM   97   N N     . GLU A 1 39  ? 9.328   20.996  5.465   1.00 43.71 ? 22  GLU A N     1 
ATOM   98   C CA    . GLU A 1 39  ? 10.097  20.051  4.662   1.00 40.16 ? 22  GLU A CA    1 
ATOM   99   C C     . GLU A 1 39  ? 9.153   19.139  3.886   1.00 37.84 ? 22  GLU A C     1 
ATOM   100  O O     . GLU A 1 39  ? 9.506   18.610  2.832   1.00 40.21 ? 22  GLU A O     1 
ATOM   101  C CB    . GLU A 1 39  ? 11.033  19.215  5.544   1.00 40.39 ? 22  GLU A CB    1 
ATOM   102  C CG    . GLU A 1 39  ? 12.530  19.472  5.344   1.00 61.49 ? 22  GLU A CG    1 
ATOM   103  C CD    . GLU A 1 39  ? 12.944  19.577  3.883   1.00 72.06 ? 22  GLU A CD    1 
ATOM   104  O OE1   . GLU A 1 39  ? 12.400  18.831  3.043   1.00 68.68 ? 22  GLU A OE1   1 
ATOM   105  O OE2   . GLU A 1 39  ? 13.819  20.416  3.576   1.00 64.29 ? 22  GLU A OE2   1 
ATOM   106  N N     . TRP A 1 40  ? 7.948   18.965  4.417   1.00 35.85 ? 23  TRP A N     1 
ATOM   107  C CA    . TRP A 1 40  ? 6.958   18.089  3.806   1.00 29.62 ? 23  TRP A CA    1 
ATOM   108  C C     . TRP A 1 40  ? 6.368   18.720  2.549   1.00 34.41 ? 23  TRP A C     1 
ATOM   109  O O     . TRP A 1 40  ? 6.128   18.034  1.559   1.00 34.65 ? 23  TRP A O     1 
ATOM   110  C CB    . TRP A 1 40  ? 5.851   17.756  4.811   1.00 34.50 ? 23  TRP A CB    1 
ATOM   111  C CG    . TRP A 1 40  ? 4.820   16.783  4.313   1.00 36.32 ? 23  TRP A CG    1 
ATOM   112  C CD1   . TRP A 1 40  ? 3.465   16.927  4.378   1.00 36.43 ? 23  TRP A CD1   1 
ATOM   113  C CD2   . TRP A 1 40  ? 5.057   15.516  3.679   1.00 35.39 ? 23  TRP A CD2   1 
ATOM   114  N NE1   . TRP A 1 40  ? 2.843   15.835  3.824   1.00 26.24 ? 23  TRP A NE1   1 
ATOM   115  C CE2   . TRP A 1 40  ? 3.798   14.954  3.388   1.00 27.15 ? 23  TRP A CE2   1 
ATOM   116  C CE3   . TRP A 1 40  ? 6.210   14.803  3.330   1.00 37.84 ? 23  TRP A CE3   1 
ATOM   117  C CZ2   . TRP A 1 40  ? 3.659   13.717  2.764   1.00 27.94 ? 23  TRP A CZ2   1 
ATOM   118  C CZ3   . TRP A 1 40  ? 6.068   13.575  2.710   1.00 32.95 ? 23  TRP A CZ3   1 
ATOM   119  C CH2   . TRP A 1 40  ? 4.803   13.044  2.434   1.00 27.87 ? 23  TRP A CH2   1 
ATOM   120  N N     . ALA A 1 41  ? 6.147   20.029  2.594   1.00 37.04 ? 24  ALA A N     1 
ATOM   121  C CA    . ALA A 1 41  ? 5.577   20.745  1.457   1.00 36.51 ? 24  ALA A CA    1 
ATOM   122  C C     . ALA A 1 41  ? 6.605   20.925  0.344   1.00 38.35 ? 24  ALA A C     1 
ATOM   123  O O     . ALA A 1 41  ? 6.277   20.812  -0.838  1.00 35.06 ? 24  ALA A O     1 
ATOM   124  C CB    . ALA A 1 41  ? 5.036   22.094  1.900   1.00 48.97 ? 24  ALA A CB    1 
ATOM   125  N N     . LYS A 1 42  ? 7.845   21.206  0.728   1.00 37.15 ? 25  LYS A N     1 
ATOM   126  C CA    . LYS A 1 42  ? 8.922   21.408  -0.235  1.00 32.13 ? 25  LYS A CA    1 
ATOM   127  C C     . LYS A 1 42  ? 9.247   20.117  -0.980  1.00 30.07 ? 25  LYS A C     1 
ATOM   128  O O     . LYS A 1 42  ? 9.623   20.144  -2.151  1.00 29.94 ? 25  LYS A O     1 
ATOM   129  C CB    . LYS A 1 42  ? 10.172  21.942  0.466   1.00 41.78 ? 25  LYS A CB    1 
ATOM   130  C CG    . LYS A 1 42  ? 9.991   23.320  1.086   1.00 50.28 ? 25  LYS A CG    1 
ATOM   131  C CD    . LYS A 1 42  ? 11.147  23.672  2.006   1.00 50.97 ? 25  LYS A CD    1 
ATOM   132  C CE    . LYS A 1 42  ? 10.889  24.980  2.739   1.00 45.78 ? 25  LYS A CE    1 
ATOM   133  N NZ    . LYS A 1 42  ? 11.937  25.265  3.758   1.00 48.85 ? 25  LYS A NZ    1 
ATOM   134  N N     . ALA A 1 43  ? 9.097   18.989  -0.293  1.00 30.35 ? 26  ALA A N     1 
ATOM   135  C CA    . ALA A 1 43  ? 9.356   17.686  -0.895  1.00 25.22 ? 26  ALA A CA    1 
ATOM   136  C C     . ALA A 1 43  ? 8.278   17.330  -1.913  1.00 25.00 ? 26  ALA A C     1 
ATOM   137  O O     . ALA A 1 43  ? 8.581   16.876  -3.017  1.00 26.88 ? 26  ALA A O     1 
ATOM   138  C CB    . ALA A 1 43  ? 9.448   16.614  0.180   1.00 19.33 ? 26  ALA A CB    1 
ATOM   139  N N     . GLN A 1 44  ? 7.020   17.538  -1.535  1.00 25.70 ? 27  GLN A N     1 
ATOM   140  C CA    . GLN A 1 44  ? 5.893   17.263  -2.420  1.00 22.82 ? 27  GLN A CA    1 
ATOM   141  C C     . GLN A 1 44  ? 5.935   18.137  -3.668  1.00 24.22 ? 27  GLN A C     1 
ATOM   142  O O     . GLN A 1 44  ? 5.640   17.675  -4.770  1.00 25.96 ? 27  GLN A O     1 
ATOM   143  C CB    . GLN A 1 44  ? 4.569   17.481  -1.688  1.00 25.38 ? 27  GLN A CB    1 
ATOM   144  C CG    . GLN A 1 44  ? 4.327   16.542  -0.522  1.00 23.08 ? 27  GLN A CG    1 
ATOM   145  C CD    . GLN A 1 44  ? 3.082   16.908  0.261   1.00 25.52 ? 27  GLN A CD    1 
ATOM   146  O OE1   . GLN A 1 44  ? 3.158   17.257  1.438   1.00 30.60 ? 27  GLN A OE1   1 
ATOM   147  N NE2   . GLN A 1 44  ? 1.929   16.833  -0.390  1.00 28.42 ? 27  GLN A NE2   1 
ATOM   148  N N     . ALA A 1 45  ? 6.303   19.400  -3.485  1.00 29.50 ? 28  ALA A N     1 
ATOM   149  C CA    . ALA A 1 45  ? 6.344   20.360  -4.584  1.00 30.61 ? 28  ALA A CA    1 
ATOM   150  C C     . ALA A 1 45  ? 7.449   20.028  -5.580  1.00 26.96 ? 28  ALA A C     1 
ATOM   151  O O     . ALA A 1 45  ? 7.300   20.249  -6.781  1.00 33.89 ? 28  ALA A O     1 
ATOM   152  C CB    . ALA A 1 45  ? 6.525   21.771  -4.045  1.00 19.41 ? 28  ALA A CB    1 
ATOM   153  N N     . SER A 1 46  ? 8.558   19.497  -5.075  1.00 25.26 ? 29  SER A N     1 
ATOM   154  C CA    . SER A 1 46  ? 9.694   19.155  -5.922  1.00 24.43 ? 29  SER A CA    1 
ATOM   155  C C     . SER A 1 46  ? 9.493   17.804  -6.602  1.00 26.21 ? 29  SER A C     1 
ATOM   156  O O     . SER A 1 46  ? 10.207  17.459  -7.542  1.00 33.73 ? 29  SER A O     1 
ATOM   157  C CB    . SER A 1 46  ? 10.986  19.140  -5.105  1.00 23.67 ? 29  SER A CB    1 
ATOM   158  O OG    . SER A 1 46  ? 10.963  18.111  -4.131  1.00 29.41 ? 29  SER A OG    1 
ATOM   159  N N     . ALA A 1 47  ? 8.515   17.045  -6.120  1.00 26.67 ? 30  ALA A N     1 
ATOM   160  C CA    . ALA A 1 47  ? 8.248   15.717  -6.656  1.00 29.50 ? 30  ALA A CA    1 
ATOM   161  C C     . ALA A 1 47  ? 7.472   15.786  -7.968  1.00 28.12 ? 30  ALA A C     1 
ATOM   162  O O     . ALA A 1 47  ? 6.552   16.590  -8.117  1.00 27.68 ? 30  ALA A O     1 
ATOM   163  C CB    . ALA A 1 47  ? 7.486   14.883  -5.637  1.00 28.62 ? 30  ALA A CB    1 
ATOM   164  N N     . GLU A 1 48  ? 7.855   14.940  -8.917  1.00 25.81 ? 31  GLU A N     1 
ATOM   165  C CA    . GLU A 1 48  ? 7.137   14.831  -10.180 1.00 34.78 ? 31  GLU A CA    1 
ATOM   166  C C     . GLU A 1 48  ? 5.901   13.961  -9.977  1.00 29.85 ? 31  GLU A C     1 
ATOM   167  O O     . GLU A 1 48  ? 4.932   14.045  -10.731 1.00 22.93 ? 31  GLU A O     1 
ATOM   168  C CB    . GLU A 1 48  ? 8.045   14.251  -11.269 1.00 32.69 ? 31  GLU A CB    1 
ATOM   169  C CG    . GLU A 1 48  ? 7.485   14.333  -12.684 1.00 37.88 ? 31  GLU A CG    1 
ATOM   170  C CD    . GLU A 1 48  ? 6.670   13.112  -13.067 1.00 41.03 ? 31  GLU A CD    1 
ATOM   171  O OE1   . GLU A 1 48  ? 7.047   11.991  -12.664 1.00 42.12 ? 31  GLU A OE1   1 
ATOM   172  O OE2   . GLU A 1 48  ? 5.653   13.273  -13.774 1.00 46.23 ? 31  GLU A OE2   1 
ATOM   173  N N     . ARG A 1 49  ? 5.943   13.137  -8.935  1.00 29.18 ? 32  ARG A N     1 
ATOM   174  C CA    . ARG A 1 49  ? 4.854   12.223  -8.615  1.00 25.75 ? 32  ARG A CA    1 
ATOM   175  C C     . ARG A 1 49  ? 4.964   11.752  -7.169  1.00 25.06 ? 32  ARG A C     1 
ATOM   176  O O     . ARG A 1 49  ? 6.065   11.598  -6.640  1.00 26.40 ? 32  ARG A O     1 
ATOM   177  C CB    . ARG A 1 49  ? 4.868   11.024  -9.566  1.00 25.41 ? 32  ARG A CB    1 
ATOM   178  C CG    . ARG A 1 49  ? 3.639   10.136  -9.486  1.00 25.52 ? 32  ARG A CG    1 
ATOM   179  C CD    . ARG A 1 49  ? 3.810   8.891   -10.342 1.00 24.04 ? 32  ARG A CD    1 
ATOM   180  N NE    . ARG A 1 49  ? 2.605   8.069   -10.364 1.00 32.86 ? 32  ARG A NE    1 
ATOM   181  C CZ    . ARG A 1 49  ? 1.629   8.199   -11.257 1.00 28.26 ? 32  ARG A CZ    1 
ATOM   182  N NH1   . ARG A 1 49  ? 1.716   9.120   -12.207 1.00 31.58 ? 32  ARG A NH1   1 
ATOM   183  N NH2   . ARG A 1 49  ? 0.567   7.407   -11.202 1.00 28.89 ? 32  ARG A NH2   1 
ATOM   184  N N     . ILE A 1 50  ? 3.821   11.530  -6.528  1.00 18.60 ? 33  ILE A N     1 
ATOM   185  C CA    . ILE A 1 50  ? 3.802   11.025  -5.161  1.00 21.50 ? 33  ILE A CA    1 
ATOM   186  C C     . ILE A 1 50  ? 3.104   9.669   -5.096  1.00 19.27 ? 33  ILE A C     1 
ATOM   187  O O     . ILE A 1 50  ? 1.957   9.529   -5.518  1.00 23.25 ? 33  ILE A O     1 
ATOM   188  C CB    . ILE A 1 50  ? 3.103   12.008  -4.202  1.00 18.68 ? 33  ILE A CB    1 
ATOM   189  C CG1   . ILE A 1 50  ? 3.772   13.382  -4.269  1.00 15.63 ? 33  ILE A CG1   1 
ATOM   190  C CG2   . ILE A 1 50  ? 3.121   11.471  -2.778  1.00 14.30 ? 33  ILE A CG2   1 
ATOM   191  C CD1   . ILE A 1 50  ? 3.189   14.396  -3.312  1.00 20.77 ? 33  ILE A CD1   1 
ATOM   192  N N     . LEU A 1 51  ? 3.808   8.672   -4.569  1.00 18.10 ? 34  LEU A N     1 
ATOM   193  C CA    . LEU A 1 51  ? 3.271   7.320   -4.472  1.00 17.55 ? 34  LEU A CA    1 
ATOM   194  C C     . LEU A 1 51  ? 3.235   6.840   -3.025  1.00 16.54 ? 34  LEU A C     1 
ATOM   195  O O     . LEU A 1 51  ? 4.266   6.768   -2.359  1.00 17.17 ? 34  LEU A O     1 
ATOM   196  C CB    . LEU A 1 51  ? 4.100   6.357   -5.325  1.00 17.19 ? 34  LEU A CB    1 
ATOM   197  C CG    . LEU A 1 51  ? 3.810   4.862   -5.165  1.00 17.58 ? 34  LEU A CG    1 
ATOM   198  C CD1   . LEU A 1 51  ? 2.389   4.537   -5.594  1.00 24.15 ? 34  LEU A CD1   1 
ATOM   199  C CD2   . LEU A 1 51  ? 4.814   4.039   -5.954  1.00 24.25 ? 34  LEU A CD2   1 
ATOM   200  N N     . VAL A 1 52  ? 2.040   6.509   -2.544  1.00 17.49 ? 35  VAL A N     1 
ATOM   201  C CA    . VAL A 1 52  ? 1.877   6.037   -1.175  1.00 19.98 ? 35  VAL A CA    1 
ATOM   202  C C     . VAL A 1 52  ? 1.640   4.532   -1.118  1.00 19.35 ? 35  VAL A C     1 
ATOM   203  O O     . VAL A 1 52  ? 0.673   4.021   -1.683  1.00 18.59 ? 35  VAL A O     1 
ATOM   204  C CB    . VAL A 1 52  ? 0.711   6.753   -0.465  1.00 13.46 ? 35  VAL A CB    1 
ATOM   205  C CG1   . VAL A 1 52  ? 0.419   6.093   0.874   1.00 11.21 ? 35  VAL A CG1   1 
ATOM   206  C CG2   . VAL A 1 52  ? 1.032   8.226   -0.278  1.00 16.31 ? 35  VAL A CG2   1 
ATOM   207  N N     . ASP A 1 53  ? 2.535   3.828   -0.435  1.00 20.60 ? 36  ASP A N     1 
ATOM   208  C CA    . ASP A 1 53  ? 2.378   2.397   -0.212  1.00 23.50 ? 36  ASP A CA    1 
ATOM   209  C C     . ASP A 1 53  ? 1.840   2.137   1.189   1.00 22.08 ? 36  ASP A C     1 
ATOM   210  O O     . ASP A 1 53  ? 2.448   2.539   2.181   1.00 24.95 ? 36  ASP A O     1 
ATOM   211  C CB    . ASP A 1 53  ? 3.706   1.666   -0.410  1.00 24.72 ? 36  ASP A CB    1 
ATOM   212  C CG    . ASP A 1 53  ? 4.268   1.847   -1.801  1.00 31.15 ? 36  ASP A CG    1 
ATOM   213  O OD1   . ASP A 1 53  ? 3.485   2.166   -2.720  1.00 46.00 ? 36  ASP A OD1   1 
ATOM   214  O OD2   . ASP A 1 53  ? 5.491   1.665   -1.979  1.00 43.42 ? 36  ASP A OD2   1 
ATOM   215  N N     . VAL A 1 54  ? 0.697   1.464   1.265   1.00 17.39 ? 37  VAL A N     1 
ATOM   216  C CA    . VAL A 1 54  ? 0.069   1.169   2.546   1.00 22.27 ? 37  VAL A CA    1 
ATOM   217  C C     . VAL A 1 54  ? 0.368   -0.265  2.969   1.00 23.08 ? 37  VAL A C     1 
ATOM   218  O O     . VAL A 1 54  ? -0.069  -1.217  2.325   1.00 26.61 ? 37  VAL A O     1 
ATOM   219  C CB    . VAL A 1 54  ? -1.453  1.382   2.487   1.00 22.92 ? 37  VAL A CB    1 
ATOM   220  C CG1   . VAL A 1 54  ? -2.078  1.146   3.854   1.00 20.55 ? 37  VAL A CG1   1 
ATOM   221  C CG2   . VAL A 1 54  ? -1.768  2.783   1.987   1.00 14.10 ? 37  VAL A CG2   1 
ATOM   222  N N     . GLY A 1 55  ? 1.116   -0.415  4.056   1.00 20.83 ? 38  GLY A N     1 
ATOM   223  C CA    . GLY A 1 55  ? 1.536   -1.729  4.507   1.00 26.81 ? 38  GLY A CA    1 
ATOM   224  C C     . GLY A 1 55  ? 2.776   -2.156  3.748   1.00 29.39 ? 38  GLY A C     1 
ATOM   225  O O     . GLY A 1 55  ? 2.686   -2.820  2.719   1.00 45.86 ? 38  GLY A O     1 
ATOM   226  N N     . THR A 1 56  ? 3.940   -1.760  4.248   1.00 32.74 ? 39  THR A N     1 
ATOM   227  C CA    . THR A 1 56  ? 5.180   -1.956  3.512   1.00 34.31 ? 39  THR A CA    1 
ATOM   228  C C     . THR A 1 56  ? 6.056   -3.054  4.101   1.00 37.70 ? 39  THR A C     1 
ATOM   229  O O     . THR A 1 56  ? 7.017   -3.479  3.471   1.00 40.51 ? 39  THR A O     1 
ATOM   230  C CB    . THR A 1 56  ? 5.982   -0.636  3.426   1.00 35.30 ? 39  THR A CB    1 
ATOM   231  O OG1   . THR A 1 56  ? 5.673   0.191   4.553   1.00 35.67 ? 39  THR A OG1   1 
ATOM   232  C CG2   . THR A 1 56  ? 5.602   0.121   2.186   1.00 36.05 ? 39  THR A CG2   1 
ATOM   233  N N     . GLY A 1 57  ? 5.704   -3.531  5.290   1.00 34.46 ? 40  GLY A N     1 
ATOM   234  C CA    . GLY A 1 57  ? 6.485   -4.560  5.949   1.00 35.43 ? 40  GLY A CA    1 
ATOM   235  C C     . GLY A 1 57  ? 7.816   -3.984  6.380   1.00 36.96 ? 40  GLY A C     1 
ATOM   236  O O     . GLY A 1 57  ? 7.864   -3.113  7.248   1.00 47.34 ? 40  GLY A O     1 
ATOM   237  N N     . ASP A 1 58  ? 8.899   -4.459  5.773   1.00 34.12 ? 41  ASP A N     1 
ATOM   238  C CA    . ASP A 1 58  ? 10.209  -3.867  6.013   1.00 41.23 ? 41  ASP A CA    1 
ATOM   239  C C     . ASP A 1 58  ? 10.531  -2.847  4.926   1.00 35.94 ? 41  ASP A C     1 
ATOM   240  O O     . ASP A 1 58  ? 11.632  -2.299  4.882   1.00 38.57 ? 41  ASP A O     1 
ATOM   241  C CB    . ASP A 1 58  ? 11.298  -4.942  6.090   1.00 47.67 ? 41  ASP A CB    1 
ATOM   242  C CG    . ASP A 1 58  ? 11.313  -5.855  4.880   1.00 46.27 ? 41  ASP A CG    1 
ATOM   243  O OD1   . ASP A 1 58  ? 10.550  -5.609  3.923   1.00 41.52 ? 41  ASP A OD1   1 
ATOM   244  O OD2   . ASP A 1 58  ? 12.100  -6.823  4.892   1.00 54.20 ? 41  ASP A OD2   1 
ATOM   245  N N     . ALA A 1 59  ? 9.559   -2.624  4.045   1.00 38.02 ? 42  ALA A N     1 
ATOM   246  C CA    . ALA A 1 59  ? 9.600   -1.552  3.051   1.00 38.37 ? 42  ALA A CA    1 
ATOM   247  C C     . ALA A 1 59  ? 10.760  -1.650  2.062   1.00 31.55 ? 42  ALA A C     1 
ATOM   248  O O     . ALA A 1 59  ? 11.288  -0.627  1.627   1.00 33.96 ? 42  ALA A O     1 
ATOM   249  C CB    . ALA A 1 59  ? 9.634   -0.195  3.754   1.00 32.57 ? 42  ALA A CB    1 
ATOM   250  N N     . ARG A 1 60  ? 11.151  -2.865  1.692   1.00 32.46 ? 43  ARG A N     1 
ATOM   251  C CA    . ARG A 1 60  ? 12.168  -3.021  0.658   1.00 34.96 ? 43  ARG A CA    1 
ATOM   252  C C     . ARG A 1 60  ? 11.554  -2.721  -0.706  1.00 40.18 ? 43  ARG A C     1 
ATOM   253  O O     . ARG A 1 60  ? 12.226  -2.213  -1.604  1.00 37.42 ? 43  ARG A O     1 
ATOM   254  C CB    . ARG A 1 60  ? 12.777  -4.424  0.672   1.00 40.68 ? 43  ARG A CB    1 
ATOM   255  C CG    . ARG A 1 60  ? 13.917  -4.588  -0.326  1.00 42.61 ? 43  ARG A CG    1 
ATOM   256  C CD    . ARG A 1 60  ? 14.464  -6.004  -0.366  1.00 54.12 ? 43  ARG A CD    1 
ATOM   257  N NE    . ARG A 1 60  ? 15.553  -6.123  -1.332  1.00 58.85 ? 43  ARG A NE    1 
ATOM   258  C CZ    . ARG A 1 60  ? 16.220  -7.246  -1.576  1.00 54.03 ? 43  ARG A CZ    1 
ATOM   259  N NH1   . ARG A 1 60  ? 15.910  -8.359  -0.925  1.00 57.55 ? 43  ARG A NH1   1 
ATOM   260  N NH2   . ARG A 1 60  ? 17.196  -7.258  -2.474  1.00 50.55 ? 43  ARG A NH2   1 
ATOM   261  N N     . THR A 1 61  ? 10.270  -3.038  -0.846  1.00 40.30 ? 44  THR A N     1 
ATOM   262  C CA    . THR A 1 61  ? 9.529   -2.747  -2.068  1.00 41.72 ? 44  THR A CA    1 
ATOM   263  C C     . THR A 1 61  ? 9.494   -1.247  -2.335  1.00 33.35 ? 44  THR A C     1 
ATOM   264  O O     . THR A 1 61  ? 9.802   -0.793  -3.437  1.00 34.46 ? 44  THR A O     1 
ATOM   265  C CB    . THR A 1 61  ? 8.083   -3.281  -1.997  1.00 44.48 ? 44  THR A CB    1 
ATOM   266  O OG1   . THR A 1 61  ? 8.091   -4.710  -2.100  1.00 51.57 ? 44  THR A OG1   1 
ATOM   267  C CG2   . THR A 1 61  ? 7.244   -2.711  -3.129  1.00 42.05 ? 44  THR A CG2   1 
ATOM   268  N N     . ALA A 1 62  ? 9.123   -0.483  -1.311  1.00 32.22 ? 45  ALA A N     1 
ATOM   269  C CA    . ALA A 1 62  ? 9.057   0.969   -1.419  1.00 30.22 ? 45  ALA A CA    1 
ATOM   270  C C     . ALA A 1 62  ? 10.443  1.564   -1.642  1.00 28.24 ? 45  ALA A C     1 
ATOM   271  O O     . ALA A 1 62  ? 10.585  2.611   -2.275  1.00 26.13 ? 45  ALA A O     1 
ATOM   272  C CB    . ALA A 1 62  ? 8.418   1.564   -0.174  1.00 27.87 ? 45  ALA A CB    1 
ATOM   273  N N     . TYR A 1 63  ? 11.462  0.887   -1.123  1.00 25.95 ? 46  TYR A N     1 
ATOM   274  C CA    . TYR A 1 63  ? 12.840  1.336   -1.276  1.00 25.68 ? 46  TYR A CA    1 
ATOM   275  C C     . TYR A 1 63  ? 13.323  1.168   -2.712  1.00 27.52 ? 46  TYR A C     1 
ATOM   276  O O     . TYR A 1 63  ? 13.959  2.063   -3.270  1.00 22.52 ? 46  TYR A O     1 
ATOM   277  C CB    . TYR A 1 63  ? 13.761  0.574   -0.321  1.00 27.06 ? 46  TYR A CB    1 
ATOM   278  C CG    . TYR A 1 63  ? 15.232  0.843   -0.545  1.00 28.35 ? 46  TYR A CG    1 
ATOM   279  C CD1   . TYR A 1 63  ? 15.824  2.011   -0.081  1.00 25.45 ? 46  TYR A CD1   1 
ATOM   280  C CD2   . TYR A 1 63  ? 16.031  -0.073  -1.217  1.00 28.58 ? 46  TYR A CD2   1 
ATOM   281  C CE1   . TYR A 1 63  ? 17.169  2.260   -0.284  1.00 27.39 ? 46  TYR A CE1   1 
ATOM   282  C CE2   . TYR A 1 63  ? 17.375  0.167   -1.425  1.00 26.09 ? 46  TYR A CE2   1 
ATOM   283  C CZ    . TYR A 1 63  ? 17.939  1.335   -0.956  1.00 33.49 ? 46  TYR A CZ    1 
ATOM   284  O OH    . TYR A 1 63  ? 19.277  1.578   -1.160  1.00 37.62 ? 46  TYR A OH    1 
ATOM   285  N N     . ARG A 1 64  ? 13.020  0.017   -3.305  1.00 32.15 ? 47  ARG A N     1 
ATOM   286  C CA    . ARG A 1 64  ? 13.426  -0.269  -4.677  1.00 29.32 ? 47  ARG A CA    1 
ATOM   287  C C     . ARG A 1 64  ? 12.772  0.697   -5.658  1.00 27.99 ? 47  ARG A C     1 
ATOM   288  O O     . ARG A 1 64  ? 13.381  1.094   -6.650  1.00 30.46 ? 47  ARG A O     1 
ATOM   289  C CB    . ARG A 1 64  ? 13.081  -1.712  -5.053  1.00 29.66 ? 47  ARG A CB    1 
ATOM   290  C CG    . ARG A 1 64  ? 13.939  -2.759  -4.358  1.00 38.06 ? 47  ARG A CG    1 
ATOM   291  C CD    . ARG A 1 64  ? 13.685  -4.146  -4.924  1.00 43.07 ? 47  ARG A CD    1 
ATOM   292  N NE    . ARG A 1 64  ? 12.290  -4.549  -4.783  1.00 59.40 ? 47  ARG A NE    1 
ATOM   293  C CZ    . ARG A 1 64  ? 11.588  -5.160  -5.733  1.00 68.65 ? 47  ARG A CZ    1 
ATOM   294  N NH1   . ARG A 1 64  ? 12.152  -5.441  -6.899  1.00 55.56 ? 47  ARG A NH1   1 
ATOM   295  N NH2   . ARG A 1 64  ? 10.323  -5.492  -5.515  1.00 64.68 ? 47  ARG A NH2   1 
ATOM   296  N N     . GLN A 1 65  ? 11.531  1.074   -5.370  1.00 22.16 ? 48  GLN A N     1 
ATOM   297  C CA    . GLN A 1 65  ? 10.801  2.014   -6.213  1.00 27.49 ? 48  GLN A CA    1 
ATOM   298  C C     . GLN A 1 65  ? 11.403  3.413   -6.129  1.00 23.75 ? 48  GLN A C     1 
ATOM   299  O O     . GLN A 1 65  ? 11.453  4.135   -7.125  1.00 23.14 ? 48  GLN A O     1 
ATOM   300  C CB    . GLN A 1 65  ? 9.326   2.053   -5.816  1.00 30.26 ? 48  GLN A CB    1 
ATOM   301  C CG    . GLN A 1 65  ? 8.575   0.771   -6.122  1.00 34.65 ? 48  GLN A CG    1 
ATOM   302  C CD    . GLN A 1 65  ? 7.157   0.787   -5.590  1.00 50.06 ? 48  GLN A CD    1 
ATOM   303  O OE1   . GLN A 1 65  ? 6.817   1.584   -4.715  1.00 43.35 ? 48  GLN A OE1   1 
ATOM   304  N NE2   . GLN A 1 65  ? 6.319   -0.096  -6.120  1.00 65.38 ? 48  GLN A NE2   1 
ATOM   305  N N     . ALA A 1 66  ? 11.856  3.788   -4.937  1.00 22.99 ? 49  ALA A N     1 
ATOM   306  C CA    . ALA A 1 66  ? 12.483  5.088   -4.729  1.00 25.16 ? 49  ALA A CA    1 
ATOM   307  C C     . ALA A 1 66  ? 13.792  5.186   -5.503  1.00 28.51 ? 49  ALA A C     1 
ATOM   308  O O     . ALA A 1 66  ? 14.105  6.223   -6.089  1.00 24.37 ? 49  ALA A O     1 
ATOM   309  C CB    . ALA A 1 66  ? 12.720  5.333   -3.247  1.00 20.44 ? 49  ALA A CB    1 
ATOM   310  N N     . ILE A 1 67  ? 14.553  4.096   -5.502  1.00 31.23 ? 50  ILE A N     1 
ATOM   311  C CA    . ILE A 1 67  ? 15.807  4.033   -6.241  1.00 29.92 ? 50  ILE A CA    1 
ATOM   312  C C     . ILE A 1 67  ? 15.546  4.042   -7.742  1.00 25.63 ? 50  ILE A C     1 
ATOM   313  O O     . ILE A 1 67  ? 16.218  4.747   -8.497  1.00 34.02 ? 50  ILE A O     1 
ATOM   314  C CB    . ILE A 1 67  ? 16.620  2.777   -5.865  1.00 24.96 ? 50  ILE A CB    1 
ATOM   315  C CG1   . ILE A 1 67  ? 17.041  2.837   -4.397  1.00 25.42 ? 50  ILE A CG1   1 
ATOM   316  C CG2   . ILE A 1 67  ? 17.843  2.642   -6.757  1.00 23.04 ? 50  ILE A CG2   1 
ATOM   317  C CD1   . ILE A 1 67  ? 17.933  4.014   -4.067  1.00 26.49 ? 50  ILE A CD1   1 
ATOM   318  N N     . ALA A 1 68  ? 14.558  3.263   -8.168  1.00 25.09 ? 51  ALA A N     1 
ATOM   319  C CA    . ALA A 1 68  ? 14.218  3.151   -9.582  1.00 25.63 ? 51  ALA A CA    1 
ATOM   320  C C     . ALA A 1 68  ? 13.643  4.455   -10.128 1.00 28.20 ? 51  ALA A C     1 
ATOM   321  O O     . ALA A 1 68  ? 13.759  4.743   -11.319 1.00 28.17 ? 51  ALA A O     1 
ATOM   322  C CB    . ALA A 1 68  ? 13.234  2.011   -9.800  1.00 19.10 ? 51  ALA A CB    1 
ATOM   323  N N     . HIS A 1 69  ? 13.023  5.239   -9.252  1.00 28.66 ? 52  HIS A N     1 
ATOM   324  C CA    . HIS A 1 69  ? 12.429  6.510   -9.651  1.00 27.05 ? 52  HIS A CA    1 
ATOM   325  C C     . HIS A 1 69  ? 12.775  7.620   -8.665  1.00 22.92 ? 52  HIS A C     1 
ATOM   326  O O     . HIS A 1 69  ? 12.029  7.871   -7.720  1.00 23.75 ? 52  HIS A O     1 
ATOM   327  C CB    . HIS A 1 69  ? 10.911  6.377   -9.772  1.00 23.84 ? 52  HIS A CB    1 
ATOM   328  C CG    . HIS A 1 69  ? 10.472  5.303   -10.718 1.00 28.96 ? 52  HIS A CG    1 
ATOM   329  N ND1   . HIS A 1 69  ? 10.467  3.968   -10.378 1.00 27.66 ? 52  HIS A ND1   1 
ATOM   330  C CD2   . HIS A 1 69  ? 10.026  5.369   -11.995 1.00 28.86 ? 52  HIS A CD2   1 
ATOM   331  C CE1   . HIS A 1 69  ? 10.036  3.257   -11.405 1.00 24.71 ? 52  HIS A CE1   1 
ATOM   332  N NE2   . HIS A 1 69  ? 9.761   4.082   -12.397 1.00 29.75 ? 52  HIS A NE2   1 
ATOM   333  N N     . PRO A 1 70  ? 13.916  8.290   -8.888  1.00 27.09 ? 53  PRO A N     1 
ATOM   334  C CA    . PRO A 1 70  ? 14.396  9.368   -8.017  1.00 25.07 ? 53  PRO A CA    1 
ATOM   335  C C     . PRO A 1 70  ? 13.449  10.565  -7.969  1.00 26.42 ? 53  PRO A C     1 
ATOM   336  O O     . PRO A 1 70  ? 13.365  11.234  -6.939  1.00 30.20 ? 53  PRO A O     1 
ATOM   337  C CB    . PRO A 1 70  ? 15.733  9.766   -8.655  1.00 24.68 ? 53  PRO A CB    1 
ATOM   338  C CG    . PRO A 1 70  ? 16.139  8.587   -9.473  1.00 28.39 ? 53  PRO A CG    1 
ATOM   339  C CD    . PRO A 1 70  ? 14.860  8.005   -9.980  1.00 29.34 ? 53  PRO A CD    1 
ATOM   340  N N     . GLU A 1 71  ? 12.746  10.827  -9.066  1.00 28.06 ? 54  GLU A N     1 
ATOM   341  C CA    . GLU A 1 71  ? 11.869  11.990  -9.150  1.00 22.48 ? 54  GLU A CA    1 
ATOM   342  C C     . GLU A 1 71  ? 10.525  11.737  -8.470  1.00 30.23 ? 54  GLU A C     1 
ATOM   343  O O     . GLU A 1 71  ? 9.689   12.636  -8.378  1.00 32.25 ? 54  GLU A O     1 
ATOM   344  C CB    . GLU A 1 71  ? 11.649  12.394  -10.611 1.00 23.03 ? 54  GLU A CB    1 
ATOM   345  C CG    . GLU A 1 71  ? 10.618  11.557  -11.356 1.00 29.63 ? 54  GLU A CG    1 
ATOM   346  C CD    . GLU A 1 71  ? 11.167  10.231  -11.847 1.00 26.29 ? 54  GLU A CD    1 
ATOM   347  O OE1   . GLU A 1 71  ? 12.336  9.913   -11.544 1.00 24.84 ? 54  GLU A OE1   1 
ATOM   348  O OE2   . GLU A 1 71  ? 10.426  9.506   -12.543 1.00 28.44 ? 54  GLU A OE2   1 
ATOM   349  N N     . TRP A 1 72  ? 10.322  10.511  -8.000  1.00 25.68 ? 55  TRP A N     1 
ATOM   350  C CA    . TRP A 1 72  ? 9.110   10.161  -7.267  1.00 22.24 ? 55  TRP A CA    1 
ATOM   351  C C     . TRP A 1 72  ? 9.305   10.333  -5.767  1.00 23.81 ? 55  TRP A C     1 
ATOM   352  O O     . TRP A 1 72  ? 10.378  10.049  -5.237  1.00 24.19 ? 55  TRP A O     1 
ATOM   353  C CB    . TRP A 1 72  ? 8.690   8.720   -7.564  1.00 22.04 ? 55  TRP A CB    1 
ATOM   354  C CG    . TRP A 1 72  ? 8.100   8.514   -8.922  1.00 27.79 ? 55  TRP A CG    1 
ATOM   355  C CD1   . TRP A 1 72  ? 7.928   9.454   -9.895  1.00 30.48 ? 55  TRP A CD1   1 
ATOM   356  C CD2   . TRP A 1 72  ? 7.597   7.284   -9.458  1.00 22.57 ? 55  TRP A CD2   1 
ATOM   357  N NE1   . TRP A 1 72  ? 7.351   8.885   -11.006 1.00 32.83 ? 55  TRP A NE1   1 
ATOM   358  C CE2   . TRP A 1 72  ? 7.139   7.553   -10.762 1.00 25.37 ? 55  TRP A CE2   1 
ATOM   359  C CE3   . TRP A 1 72  ? 7.493   5.982   -8.961  1.00 20.34 ? 55  TRP A CE3   1 
ATOM   360  C CZ2   . TRP A 1 72  ? 6.583   6.568   -11.576 1.00 24.88 ? 55  TRP A CZ2   1 
ATOM   361  C CZ3   . TRP A 1 72  ? 6.943   5.005   -9.769  1.00 23.09 ? 55  TRP A CZ3   1 
ATOM   362  C CH2   . TRP A 1 72  ? 6.495   5.304   -11.062 1.00 26.31 ? 55  TRP A CH2   1 
ATOM   363  N N     . LEU A 1 73  ? 8.263   10.798  -5.086  1.00 23.92 ? 56  LEU A N     1 
ATOM   364  C CA    . LEU A 1 73  ? 8.271   10.851  -3.630  1.00 18.25 ? 56  LEU A CA    1 
ATOM   365  C C     . LEU A 1 73  ? 7.555   9.620   -3.083  1.00 20.53 ? 56  LEU A C     1 
ATOM   366  O O     . LEU A 1 73  ? 6.326   9.587   -3.010  1.00 21.51 ? 56  LEU A O     1 
ATOM   367  C CB    . LEU A 1 73  ? 7.606   12.131  -3.124  1.00 18.83 ? 56  LEU A CB    1 
ATOM   368  C CG    . LEU A 1 73  ? 7.707   12.390  -1.619  1.00 23.76 ? 56  LEU A CG    1 
ATOM   369  C CD1   . LEU A 1 73  ? 9.149   12.660  -1.216  1.00 19.65 ? 56  LEU A CD1   1 
ATOM   370  C CD2   . LEU A 1 73  ? 6.804   13.543  -1.205  1.00 25.50 ? 56  LEU A CD2   1 
ATOM   371  N N     . VAL A 1 74  ? 8.329   8.607   -2.710  1.00 13.62 ? 57  VAL A N     1 
ATOM   372  C CA    . VAL A 1 74  ? 7.766   7.337   -2.265  1.00 16.78 ? 57  VAL A CA    1 
ATOM   373  C C     . VAL A 1 74  ? 7.453   7.347   -0.773  1.00 12.68 ? 57  VAL A C     1 
ATOM   374  O O     . VAL A 1 74  ? 8.334   7.573   0.057   1.00 16.28 ? 57  VAL A O     1 
ATOM   375  C CB    . VAL A 1 74  ? 8.717   6.168   -2.573  1.00 17.21 ? 57  VAL A CB    1 
ATOM   376  C CG1   . VAL A 1 74  ? 8.105   4.852   -2.116  1.00 18.80 ? 57  VAL A CG1   1 
ATOM   377  C CG2   . VAL A 1 74  ? 9.033   6.128   -4.058  1.00 14.13 ? 57  VAL A CG2   1 
ATOM   378  N N     . VAL A 1 75  ? 6.192   7.095   -0.437  1.00 13.60 ? 58  VAL A N     1 
ATOM   379  C CA    . VAL A 1 75  ? 5.745   7.136   0.949   1.00 16.64 ? 58  VAL A CA    1 
ATOM   380  C C     . VAL A 1 75  ? 5.240   5.778   1.432   1.00 17.69 ? 58  VAL A C     1 
ATOM   381  O O     . VAL A 1 75  ? 4.187   5.308   1.001   1.00 18.27 ? 58  VAL A O     1 
ATOM   382  C CB    . VAL A 1 75  ? 4.629   8.178   1.147   1.00 15.47 ? 58  VAL A CB    1 
ATOM   383  C CG1   . VAL A 1 75  ? 4.249   8.273   2.614   1.00 15.39 ? 58  VAL A CG1   1 
ATOM   384  C CG2   . VAL A 1 75  ? 5.070   9.535   0.620   1.00 19.04 ? 58  VAL A CG2   1 
ATOM   385  N N     . GLY A 1 76  ? 5.995   5.154   2.329   1.00 17.15 ? 59  GLY A N     1 
ATOM   386  C CA    . GLY A 1 76  ? 5.591   3.893   2.924   1.00 19.70 ? 59  GLY A CA    1 
ATOM   387  C C     . GLY A 1 76  ? 4.940   4.100   4.277   1.00 20.49 ? 59  GLY A C     1 
ATOM   388  O O     . GLY A 1 76  ? 5.506   4.759   5.150   1.00 18.40 ? 59  GLY A O     1 
ATOM   389  N N     . VAL A 1 77  ? 3.747   3.539   4.454   1.00 24.53 ? 60  VAL A N     1 
ATOM   390  C CA    . VAL A 1 77  ? 2.999   3.700   5.698   1.00 23.26 ? 60  VAL A CA    1 
ATOM   391  C C     . VAL A 1 77  ? 2.733   2.352   6.363   1.00 26.38 ? 60  VAL A C     1 
ATOM   392  O O     . VAL A 1 77  ? 2.207   1.433   5.734   1.00 27.37 ? 60  VAL A O     1 
ATOM   393  C CB    . VAL A 1 77  ? 1.657   4.419   5.456   1.00 22.43 ? 60  VAL A CB    1 
ATOM   394  C CG1   . VAL A 1 77  ? 0.919   4.621   6.769   1.00 27.35 ? 60  VAL A CG1   1 
ATOM   395  C CG2   . VAL A 1 77  ? 1.887   5.753   4.761   1.00 15.68 ? 60  VAL A CG2   1 
ATOM   396  N N     . ASP A 1 78  ? 3.096   2.242   7.639   1.00 27.27 ? 61  ASP A N     1 
ATOM   397  C CA    . ASP A 1 78  ? 2.945   0.990   8.375   1.00 29.45 ? 61  ASP A CA    1 
ATOM   398  C C     . ASP A 1 78  ? 3.008   1.219   9.883   1.00 29.31 ? 61  ASP A C     1 
ATOM   399  O O     . ASP A 1 78  ? 3.853   1.973   10.364  1.00 30.01 ? 61  ASP A O     1 
ATOM   400  C CB    . ASP A 1 78  ? 4.029   -0.002  7.953   1.00 33.37 ? 61  ASP A CB    1 
ATOM   401  C CG    . ASP A 1 78  ? 3.679   -1.435  8.293   1.00 39.58 ? 61  ASP A CG    1 
ATOM   402  O OD1   . ASP A 1 78  ? 3.753   -1.803  9.484   1.00 38.98 ? 61  ASP A OD1   1 
ATOM   403  O OD2   . ASP A 1 78  ? 3.348   -2.196  7.361   1.00 37.48 ? 61  ASP A OD2   1 
ATOM   404  N N     . PRO A 1 79  ? 2.107   0.565   10.635  1.00 39.24 ? 62  PRO A N     1 
ATOM   405  C CA    . PRO A 1 79  ? 2.080   0.649   12.099  1.00 27.84 ? 62  PRO A CA    1 
ATOM   406  C C     . PRO A 1 79  ? 3.322   0.037   12.745  1.00 26.15 ? 62  PRO A C     1 
ATOM   407  O O     . PRO A 1 79  ? 3.813   0.556   13.746  1.00 40.30 ? 62  PRO A O     1 
ATOM   408  C CB    . PRO A 1 79  ? 0.826   -0.148  12.476  1.00 30.29 ? 62  PRO A CB    1 
ATOM   409  C CG    . PRO A 1 79  ? -0.007  -0.166  11.237  1.00 37.06 ? 62  PRO A CG    1 
ATOM   410  C CD    . PRO A 1 79  ? 0.972   -0.210  10.110  1.00 38.03 ? 62  PRO A CD    1 
ATOM   411  N N     . ALA A 1 80  ? 3.818   -1.058  12.177  1.00 27.61 ? 63  ALA A N     1 
ATOM   412  C CA    . ALA A 1 80  ? 5.016   -1.714  12.691  1.00 32.52 ? 63  ALA A CA    1 
ATOM   413  C C     . ALA A 1 80  ? 6.272   -0.994  12.210  1.00 35.19 ? 63  ALA A C     1 
ATOM   414  O O     . ALA A 1 80  ? 6.942   -1.449  11.282  1.00 40.69 ? 63  ALA A O     1 
ATOM   415  C CB    . ALA A 1 80  ? 5.044   -3.175  12.269  1.00 27.90 ? 63  ALA A CB    1 
ATOM   416  N N     . TRP A 1 81  ? 6.591   0.126   12.851  1.00 33.49 ? 64  TRP A N     1 
ATOM   417  C CA    . TRP A 1 81  ? 7.688   0.977   12.405  1.00 40.51 ? 64  TRP A CA    1 
ATOM   418  C C     . TRP A 1 81  ? 9.061   0.352   12.649  1.00 39.94 ? 64  TRP A C     1 
ATOM   419  O O     . TRP A 1 81  ? 10.019  0.661   11.941  1.00 42.18 ? 64  TRP A O     1 
ATOM   420  C CB    . TRP A 1 81  ? 7.612   2.344   13.092  1.00 40.73 ? 64  TRP A CB    1 
ATOM   421  C CG    . TRP A 1 81  ? 7.931   2.310   14.554  1.00 50.78 ? 64  TRP A CG    1 
ATOM   422  C CD1   . TRP A 1 81  ? 7.049   2.156   15.583  1.00 47.15 ? 64  TRP A CD1   1 
ATOM   423  C CD2   . TRP A 1 81  ? 9.226   2.443   15.152  1.00 50.66 ? 64  TRP A CD2   1 
ATOM   424  N NE1   . TRP A 1 81  ? 7.715   2.181   16.785  1.00 52.45 ? 64  TRP A NE1   1 
ATOM   425  C CE2   . TRP A 1 81  ? 9.053   2.354   16.547  1.00 51.52 ? 64  TRP A CE2   1 
ATOM   426  C CE3   . TRP A 1 81  ? 10.516  2.624   14.643  1.00 44.23 ? 64  TRP A CE3   1 
ATOM   427  C CZ2   . TRP A 1 81  ? 10.120  2.442   17.439  1.00 53.30 ? 64  TRP A CZ2   1 
ATOM   428  C CZ3   . TRP A 1 81  ? 11.573  2.710   15.529  1.00 51.37 ? 64  TRP A CZ3   1 
ATOM   429  C CH2   . TRP A 1 81  ? 11.370  2.619   16.912  1.00 52.16 ? 64  TRP A CH2   1 
ATOM   430  N N     . GLN A 1 82  ? 9.161   -0.518  13.648  1.00 45.92 ? 65  GLN A N     1 
ATOM   431  C CA    . GLN A 1 82  ? 10.428  -1.184  13.940  1.00 44.68 ? 65  GLN A CA    1 
ATOM   432  C C     . GLN A 1 82  ? 10.792  -2.168  12.834  1.00 45.17 ? 65  GLN A C     1 
ATOM   433  O O     . GLN A 1 82  ? 11.967  -2.464  12.613  1.00 43.82 ? 65  GLN A O     1 
ATOM   434  C CB    . GLN A 1 82  ? 10.368  -1.915  15.283  1.00 47.10 ? 65  GLN A CB    1 
ATOM   435  C CG    . GLN A 1 82  ? 10.121  -1.017  16.483  1.00 54.54 ? 65  GLN A CG    1 
ATOM   436  C CD    . GLN A 1 82  ? 8.659   -0.962  16.879  1.00 58.81 ? 65  GLN A CD    1 
ATOM   437  O OE1   . GLN A 1 82  ? 7.781   -1.356  16.110  1.00 54.85 ? 65  GLN A OE1   1 
ATOM   438  N NE2   . GLN A 1 82  ? 8.391   -0.479  18.086  1.00 66.72 ? 65  GLN A NE2   1 
ATOM   439  N N     . ARG A 1 83  ? 9.775   -2.670  12.143  1.00 36.50 ? 66  ARG A N     1 
ATOM   440  C CA    . ARG A 1 83  ? 9.967   -3.651  11.084  1.00 36.02 ? 66  ARG A CA    1 
ATOM   441  C C     . ARG A 1 83  ? 10.696  -3.038  9.890   1.00 36.70 ? 66  ARG A C     1 
ATOM   442  O O     . ARG A 1 83  ? 11.329  -3.746  9.107   1.00 35.91 ? 66  ARG A O     1 
ATOM   443  C CB    . ARG A 1 83  ? 8.615   -4.226  10.648  1.00 41.89 ? 66  ARG A CB    1 
ATOM   444  C CG    . ARG A 1 83  ? 8.703   -5.423  9.715   1.00 49.89 ? 66  ARG A CG    1 
ATOM   445  C CD    . ARG A 1 83  ? 7.322   -5.883  9.274   1.00 52.12 ? 66  ARG A CD    1 
ATOM   446  N NE    . ARG A 1 83  ? 6.509   -6.348  10.395  1.00 65.98 ? 66  ARG A NE    1 
ATOM   447  C CZ    . ARG A 1 83  ? 6.432   -7.617  10.786  1.00 70.36 ? 66  ARG A CZ    1 
ATOM   448  N NH1   . ARG A 1 83  ? 7.120   -8.553  10.148  1.00 68.95 ? 66  ARG A NH1   1 
ATOM   449  N NH2   . ARG A 1 83  ? 5.665   -7.948  11.816  1.00 59.20 ? 66  ARG A NH2   1 
ATOM   450  N N     . MET A 1 84  ? 10.615  -1.717  9.764   1.00 38.09 ? 67  MET A N     1 
ATOM   451  C CA    . MET A 1 84  ? 11.193  -1.017  8.620   1.00 35.50 ? 67  MET A CA    1 
ATOM   452  C C     . MET A 1 84  ? 12.368  -0.128  8.996   1.00 39.04 ? 67  MET A C     1 
ATOM   453  O O     . MET A 1 84  ? 12.524  0.967   8.453   1.00 41.62 ? 67  MET A O     1 
ATOM   454  C CB    . MET A 1 84  ? 10.131  -0.171  7.930   1.00 29.78 ? 67  MET A CB    1 
ATOM   455  C CG    . MET A 1 84  ? 9.410   0.789   8.853   1.00 32.48 ? 67  MET A CG    1 
ATOM   456  S SD    . MET A 1 84  ? 8.055   1.562   7.965   1.00 34.00 ? 67  MET A SD    1 
ATOM   457  C CE    . MET A 1 84  ? 7.403   0.127   7.139   1.00 28.72 ? 67  MET A CE    1 
ATOM   458  N N     . THR A 1 85  ? 13.197  -0.595  9.918   1.00 32.44 ? 68  THR A N     1 
ATOM   459  C CA    . THR A 1 85  ? 14.363  0.173   10.318  1.00 34.18 ? 68  THR A CA    1 
ATOM   460  C C     . THR A 1 85  ? 15.559  -0.185  9.448   1.00 34.44 ? 68  THR A C     1 
ATOM   461  O O     . THR A 1 85  ? 16.418  0.656   9.189   1.00 34.96 ? 68  THR A O     1 
ATOM   462  C CB    . THR A 1 85  ? 14.714  -0.056  11.796  1.00 38.08 ? 68  THR A CB    1 
ATOM   463  O OG1   . THR A 1 85  ? 14.959  -1.449  12.022  1.00 43.89 ? 68  THR A OG1   1 
ATOM   464  C CG2   . THR A 1 85  ? 13.575  0.411   12.691  1.00 36.24 ? 68  THR A CG2   1 
ATOM   465  N N     . GLU A 1 86  ? 15.605  -1.435  8.995   1.00 33.27 ? 69  GLU A N     1 
ATOM   466  C CA    . GLU A 1 86  ? 16.681  -1.894  8.125   1.00 36.81 ? 69  GLU A CA    1 
ATOM   467  C C     . GLU A 1 86  ? 16.689  -1.103  6.821   1.00 35.91 ? 69  GLU A C     1 
ATOM   468  O O     . GLU A 1 86  ? 17.746  -0.717  6.323   1.00 33.02 ? 69  GLU A O     1 
ATOM   469  C CB    . GLU A 1 86  ? 16.539  -3.390  7.842   1.00 35.49 ? 69  GLU A CB    1 
ATOM   470  C CG    . GLU A 1 86  ? 17.698  -3.989  7.062   1.00 40.01 ? 69  GLU A CG    1 
ATOM   471  C CD    . GLU A 1 86  ? 17.564  -5.488  6.881   1.00 55.54 ? 69  GLU A CD    1 
ATOM   472  O OE1   . GLU A 1 86  ? 16.587  -6.066  7.403   1.00 52.53 ? 69  GLU A OE1   1 
ATOM   473  O OE2   . GLU A 1 86  ? 18.437  -6.088  6.217   1.00 61.99 ? 69  GLU A OE2   1 
ATOM   474  N N     . THR A 1 87  ? 15.501  -0.858  6.279   1.00 38.32 ? 70  THR A N     1 
ATOM   475  C CA    . THR A 1 87  ? 15.355  -0.042  5.079   1.00 32.32 ? 70  THR A CA    1 
ATOM   476  C C     . THR A 1 87  ? 15.674  1.418   5.382   1.00 34.55 ? 70  THR A C     1 
ATOM   477  O O     . THR A 1 87  ? 16.329  2.098   4.592   1.00 36.65 ? 70  THR A O     1 
ATOM   478  C CB    . THR A 1 87  ? 13.932  -0.142  4.500   1.00 29.88 ? 70  THR A CB    1 
ATOM   479  O OG1   . THR A 1 87  ? 13.676  -1.489  4.084   1.00 27.55 ? 70  THR A OG1   1 
ATOM   480  C CG2   . THR A 1 87  ? 13.767  0.788   3.310   1.00 28.98 ? 70  THR A CG2   1 
ATOM   481  N N     . ALA A 1 88  ? 15.211  1.886   6.537   1.00 36.01 ? 71  ALA A N     1 
ATOM   482  C CA    . ALA A 1 88  ? 15.413  3.271   6.949   1.00 26.26 ? 71  ALA A CA    1 
ATOM   483  C C     . ALA A 1 88  ? 16.894  3.607   7.102   1.00 28.43 ? 71  ALA A C     1 
ATOM   484  O O     . ALA A 1 88  ? 17.305  4.744   6.875   1.00 37.24 ? 71  ALA A O     1 
ATOM   485  C CB    . ALA A 1 88  ? 14.674  3.545   8.249   1.00 25.71 ? 71  ALA A CB    1 
ATOM   486  N N     . VAL A 1 89  ? 17.692  2.616   7.488   1.00 29.84 ? 72  VAL A N     1 
ATOM   487  C CA    . VAL A 1 89  ? 19.130  2.808   7.634   1.00 36.04 ? 72  VAL A CA    1 
ATOM   488  C C     . VAL A 1 89  ? 19.811  2.892   6.271   1.00 35.65 ? 72  VAL A C     1 
ATOM   489  O O     . VAL A 1 89  ? 20.627  3.781   6.027   1.00 35.59 ? 72  VAL A O     1 
ATOM   490  C CB    . VAL A 1 89  ? 19.774  1.672   8.458   1.00 31.67 ? 72  VAL A CB    1 
ATOM   491  C CG1   . VAL A 1 89  ? 21.291  1.724   8.355   1.00 27.15 ? 72  VAL A CG1   1 
ATOM   492  C CG2   . VAL A 1 89  ? 19.332  1.753   9.910   1.00 32.41 ? 72  VAL A CG2   1 
ATOM   493  N N     . ARG A 1 90  ? 19.463  1.966   5.383   1.00 35.13 ? 73  ARG A N     1 
ATOM   494  C CA    . ARG A 1 90  ? 20.079  1.901   4.062   1.00 37.10 ? 73  ARG A CA    1 
ATOM   495  C C     . ARG A 1 90  ? 19.705  3.105   3.206   1.00 32.28 ? 73  ARG A C     1 
ATOM   496  O O     . ARG A 1 90  ? 20.514  3.592   2.416   1.00 29.63 ? 73  ARG A O     1 
ATOM   497  C CB    . ARG A 1 90  ? 19.684  0.605   3.351   1.00 39.94 ? 73  ARG A CB    1 
ATOM   498  C CG    . ARG A 1 90  ? 20.109  -0.647  4.100   1.00 52.21 ? 73  ARG A CG    1 
ATOM   499  C CD    . ARG A 1 90  ? 20.129  -1.872  3.203   1.00 55.42 ? 73  ARG A CD    1 
ATOM   500  N NE    . ARG A 1 90  ? 20.680  -3.031  3.900   1.00 66.74 ? 73  ARG A NE    1 
ATOM   501  C CZ    . ARG A 1 90  ? 21.063  -4.154  3.303   1.00 66.48 ? 73  ARG A CZ    1 
ATOM   502  N NH1   . ARG A 1 90  ? 20.965  -4.275  1.986   1.00 64.83 ? 73  ARG A NH1   1 
ATOM   503  N NH2   . ARG A 1 90  ? 21.555  -5.154  4.022   1.00 70.55 ? 73  ARG A NH2   1 
ATOM   504  N N     . ALA A 1 91  ? 18.478  3.586   3.372   1.00 31.17 ? 74  ALA A N     1 
ATOM   505  C CA    . ALA A 1 91  ? 18.004  4.742   2.622   1.00 28.04 ? 74  ALA A CA    1 
ATOM   506  C C     . ALA A 1 91  ? 18.601  6.035   3.170   1.00 25.88 ? 74  ALA A C     1 
ATOM   507  O O     . ALA A 1 91  ? 18.562  7.075   2.512   1.00 24.49 ? 74  ALA A O     1 
ATOM   508  C CB    . ALA A 1 91  ? 16.486  4.804   2.651   1.00 21.42 ? 74  ALA A CB    1 
ATOM   509  N N     . ALA A 1 92  ? 19.159  5.963   4.375   1.00 29.43 ? 75  ALA A N     1 
ATOM   510  C CA    . ALA A 1 92  ? 19.737  7.132   5.029   1.00 27.01 ? 75  ALA A CA    1 
ATOM   511  C C     . ALA A 1 92  ? 21.196  7.338   4.632   1.00 30.47 ? 75  ALA A C     1 
ATOM   512  O O     . ALA A 1 92  ? 21.808  8.348   4.982   1.00 26.29 ? 75  ALA A O     1 
ATOM   513  C CB    . ALA A 1 92  ? 19.616  7.006   6.541   1.00 21.38 ? 75  ALA A CB    1 
ATOM   514  N N     . ARG A 1 93  ? 21.749  6.381   3.897   1.00 27.76 ? 76  ARG A N     1 
ATOM   515  C CA    . ARG A 1 93  ? 23.136  6.468   3.457   1.00 28.25 ? 76  ARG A CA    1 
ATOM   516  C C     . ARG A 1 93  ? 23.319  7.500   2.348   1.00 31.15 ? 76  ARG A C     1 
ATOM   517  O O     . ARG A 1 93  ? 22.364  8.152   1.931   1.00 28.91 ? 76  ARG A O     1 
ATOM   518  C CB    . ARG A 1 93  ? 23.627  5.101   2.986   1.00 27.39 ? 76  ARG A CB    1 
ATOM   519  C CG    . ARG A 1 93  ? 24.147  4.233   4.108   1.00 29.09 ? 76  ARG A CG    1 
ATOM   520  C CD    . ARG A 1 93  ? 24.158  2.767   3.721   1.00 29.92 ? 76  ARG A CD    1 
ATOM   521  N NE    . ARG A 1 93  ? 24.412  1.922   4.883   1.00 51.83 ? 76  ARG A NE    1 
ATOM   522  C CZ    . ARG A 1 93  ? 23.965  0.677   5.020   1.00 58.12 ? 76  ARG A CZ    1 
ATOM   523  N NH1   . ARG A 1 93  ? 23.240  0.119   4.061   1.00 53.92 ? 76  ARG A NH1   1 
ATOM   524  N NH2   . ARG A 1 93  ? 24.248  -0.009  6.119   1.00 52.62 ? 76  ARG A NH2   1 
ATOM   525  N N     . LYS A 1 94  ? 24.554  7.649   1.881   1.00 31.93 ? 77  LYS A N     1 
ATOM   526  C CA    . LYS A 1 94  ? 24.858  8.595   0.812   1.00 31.12 ? 77  LYS A CA    1 
ATOM   527  C C     . LYS A 1 94  ? 24.534  7.985   -0.550  1.00 32.53 ? 77  LYS A C     1 
ATOM   528  O O     . LYS A 1 94  ? 24.570  6.762   -0.700  1.00 36.58 ? 77  LYS A O     1 
ATOM   529  C CB    . LYS A 1 94  ? 26.326  9.025   0.881   1.00 33.99 ? 77  LYS A CB    1 
ATOM   530  C CG    . LYS A 1 94  ? 26.623  10.003  2.008   1.00 37.33 ? 77  LYS A CG    1 
ATOM   531  C CD    . LYS A 1 94  ? 28.105  10.324  2.103   1.00 38.81 ? 77  LYS A CD    1 
ATOM   532  C CE    . LYS A 1 94  ? 28.370  11.336  3.206   1.00 44.10 ? 77  LYS A CE    1 
ATOM   533  N NZ    . LYS A 1 94  ? 29.825  11.587  3.397   1.00 57.74 ? 77  LYS A NZ    1 
ATOM   534  N N     . PRO A 1 95  ? 24.205  8.833   -1.541  1.00 34.61 ? 78  PRO A N     1 
ATOM   535  C CA    . PRO A 1 95  ? 23.870  8.396   -2.903  1.00 33.61 ? 78  PRO A CA    1 
ATOM   536  C C     . PRO A 1 95  ? 24.868  7.401   -3.493  1.00 41.98 ? 78  PRO A C     1 
ATOM   537  O O     . PRO A 1 95  ? 24.474  6.509   -4.243  1.00 47.55 ? 78  PRO A O     1 
ATOM   538  C CB    . PRO A 1 95  ? 23.885  9.704   -3.695  1.00 33.20 ? 78  PRO A CB    1 
ATOM   539  C CG    . PRO A 1 95  ? 23.457  10.724  -2.707  1.00 35.89 ? 78  PRO A CG    1 
ATOM   540  C CD    . PRO A 1 95  ? 24.045  10.292  -1.386  1.00 36.07 ? 78  PRO A CD    1 
ATOM   541  N N     . ALA A 1 96  ? 26.142  7.554   -3.148  1.00 51.65 ? 79  ALA A N     1 
ATOM   542  C CA    . ALA A 1 96  ? 27.181  6.666   -3.652  1.00 44.54 ? 79  ALA A CA    1 
ATOM   543  C C     . ALA A 1 96  ? 27.166  5.316   -2.939  1.00 50.07 ? 79  ALA A C     1 
ATOM   544  O O     . ALA A 1 96  ? 27.842  4.378   -3.362  1.00 57.63 ? 79  ALA A O     1 
ATOM   545  C CB    . ALA A 1 96  ? 28.546  7.321   -3.512  1.00 40.41 ? 79  ALA A CB    1 
ATOM   546  N N     . LYS A 1 97  ? 26.396  5.217   -1.859  1.00 40.65 ? 80  LYS A N     1 
ATOM   547  C CA    . LYS A 1 97  ? 26.324  3.975   -1.098  1.00 44.22 ? 80  LYS A CA    1 
ATOM   548  C C     . LYS A 1 97  ? 24.890  3.463   -0.947  1.00 40.71 ? 80  LYS A C     1 
ATOM   549  O O     . LYS A 1 97  ? 24.608  2.639   -0.078  1.00 41.53 ? 80  LYS A O     1 
ATOM   550  C CB    . LYS A 1 97  ? 26.966  4.156   0.281   1.00 46.41 ? 80  LYS A CB    1 
ATOM   551  C CG    . LYS A 1 97  ? 28.476  4.334   0.231   1.00 52.14 ? 80  LYS A CG    1 
ATOM   552  C CD    . LYS A 1 97  ? 29.125  4.047   1.576   1.00 48.28 ? 80  LYS A CD    1 
ATOM   553  C CE    . LYS A 1 97  ? 28.775  5.108   2.605   1.00 46.93 ? 80  LYS A CE    1 
ATOM   554  N NZ    . LYS A 1 97  ? 29.497  4.883   3.889   1.00 61.64 ? 80  LYS A NZ    1 
ATOM   555  N N     . GLY A 1 98  ? 23.991  3.954   -1.794  1.00 43.19 ? 81  GLY A N     1 
ATOM   556  C CA    . GLY A 1 98  ? 22.640  3.426   -1.858  1.00 40.23 ? 81  GLY A CA    1 
ATOM   557  C C     . GLY A 1 98  ? 21.590  4.211   -1.094  1.00 40.06 ? 81  GLY A C     1 
ATOM   558  O O     . GLY A 1 98  ? 20.577  3.654   -0.673  1.00 30.26 ? 81  GLY A O     1 
ATOM   559  N N     . GLY A 1 99  ? 21.824  5.507   -0.919  1.00 33.29 ? 82  GLY A N     1 
ATOM   560  C CA    . GLY A 1 99  ? 20.872  6.359   -0.233  1.00 22.64 ? 82  GLY A CA    1 
ATOM   561  C C     . GLY A 1 99  ? 19.675  6.706   -1.097  1.00 33.03 ? 82  GLY A C     1 
ATOM   562  O O     . GLY A 1 99  ? 19.804  6.884   -2.308  1.00 38.77 ? 82  GLY A O     1 
ATOM   563  N N     . ALA A 1 100 ? 18.507  6.800   -0.471  1.00 33.11 ? 83  ALA A N     1 
ATOM   564  C CA    . ALA A 1 100 ? 17.281  7.159   -1.177  1.00 23.36 ? 83  ALA A CA    1 
ATOM   565  C C     . ALA A 1 100 ? 16.575  8.313   -0.473  1.00 25.92 ? 83  ALA A C     1 
ATOM   566  O O     . ALA A 1 100 ? 15.689  8.093   0.355   1.00 25.25 ? 83  ALA A O     1 
ATOM   567  C CB    . ALA A 1 100 ? 16.358  5.955   -1.287  1.00 19.99 ? 83  ALA A CB    1 
ATOM   568  N N     . PRO A 1 101 ? 16.967  9.552   -0.804  1.00 23.63 ? 84  PRO A N     1 
ATOM   569  C CA    . PRO A 1 101 ? 16.453  10.764  -0.153  1.00 24.12 ? 84  PRO A CA    1 
ATOM   570  C C     . PRO A 1 101 ? 14.972  11.013  -0.425  1.00 24.13 ? 84  PRO A C     1 
ATOM   571  O O     . PRO A 1 101 ? 14.320  11.723  0.342   1.00 29.16 ? 84  PRO A O     1 
ATOM   572  C CB    . PRO A 1 101 ? 17.310  11.876  -0.767  1.00 25.25 ? 84  PRO A CB    1 
ATOM   573  C CG    . PRO A 1 101 ? 17.733  11.336  -2.087  1.00 24.62 ? 84  PRO A CG    1 
ATOM   574  C CD    . PRO A 1 101 ? 17.932  9.866   -1.872  1.00 24.45 ? 84  PRO A CD    1 
ATOM   575  N N     . ASN A 1 102 ? 14.448  10.436  -1.501  1.00 22.07 ? 85  ASN A N     1 
ATOM   576  C CA    . ASN A 1 102 ? 13.051  10.632  -1.865  1.00 20.12 ? 85  ASN A CA    1 
ATOM   577  C C     . ASN A 1 102 ? 12.133  9.590   -1.233  1.00 21.20 ? 85  ASN A C     1 
ATOM   578  O O     . ASN A 1 102 ? 10.978  9.443   -1.630  1.00 22.06 ? 85  ASN A O     1 
ATOM   579  C CB    . ASN A 1 102 ? 12.894  10.611  -3.385  1.00 20.04 ? 85  ASN A CB    1 
ATOM   580  C CG    . ASN A 1 102 ? 13.337  9.299   -3.999  1.00 22.54 ? 85  ASN A CG    1 
ATOM   581  O OD1   . ASN A 1 102 ? 14.295  8.677   -3.539  1.00 23.97 ? 85  ASN A OD1   1 
ATOM   582  N ND2   . ASN A 1 102 ? 12.637  8.868   -5.042  1.00 19.80 ? 85  ASN A ND2   1 
ATOM   583  N N     . LEU A 1 103 ? 12.655  8.869   -0.246  1.00 23.79 ? 86  LEU A N     1 
ATOM   584  C CA    . LEU A 1 103 ? 11.884  7.841   0.442   1.00 16.74 ? 86  LEU A CA    1 
ATOM   585  C C     . LEU A 1 103 ? 11.421  8.326   1.810   1.00 17.65 ? 86  LEU A C     1 
ATOM   586  O O     . LEU A 1 103 ? 12.228  8.751   2.637   1.00 14.87 ? 86  LEU A O     1 
ATOM   587  C CB    . LEU A 1 103 ? 12.705  6.561   0.587   1.00 13.78 ? 86  LEU A CB    1 
ATOM   588  C CG    . LEU A 1 103 ? 12.038  5.414   1.348   1.00 16.06 ? 86  LEU A CG    1 
ATOM   589  C CD1   . LEU A 1 103 ? 10.708  5.046   0.709   1.00 21.08 ? 86  LEU A CD1   1 
ATOM   590  C CD2   . LEU A 1 103 ? 12.959  4.207   1.408   1.00 16.89 ? 86  LEU A CD2   1 
ATOM   591  N N     . VAL A 1 104 ? 10.115  8.260   2.043   1.00 20.91 ? 87  VAL A N     1 
ATOM   592  C CA    . VAL A 1 104 ? 9.532   8.707   3.301   1.00 13.53 ? 87  VAL A CA    1 
ATOM   593  C C     . VAL A 1 104 ? 8.752   7.577   3.973   1.00 18.60 ? 87  VAL A C     1 
ATOM   594  O O     . VAL A 1 104 ? 7.689   7.178   3.500   1.00 16.63 ? 87  VAL A O     1 
ATOM   595  C CB    . VAL A 1 104 ? 8.601   9.914   3.086   1.00 14.59 ? 87  VAL A CB    1 
ATOM   596  C CG1   . VAL A 1 104 ? 8.054   10.400  4.409   1.00 16.60 ? 87  VAL A CG1   1 
ATOM   597  C CG2   . VAL A 1 104 ? 9.342   11.036  2.373   1.00 13.58 ? 87  VAL A CG2   1 
ATOM   598  N N     . LEU A 1 105 ? 9.287   7.065   5.077   1.00 21.42 ? 88  LEU A N     1 
ATOM   599  C CA    . LEU A 1 105 ? 8.665   5.951   5.789   1.00 20.40 ? 88  LEU A CA    1 
ATOM   600  C C     . LEU A 1 105 ? 7.876   6.429   7.003   1.00 21.11 ? 88  LEU A C     1 
ATOM   601  O O     . LEU A 1 105 ? 8.455   6.756   8.036   1.00 22.98 ? 88  LEU A O     1 
ATOM   602  C CB    . LEU A 1 105 ? 9.727   4.941   6.225   1.00 15.53 ? 88  LEU A CB    1 
ATOM   603  C CG    . LEU A 1 105 ? 10.538  4.293   5.103   1.00 16.91 ? 88  LEU A CG    1 
ATOM   604  C CD1   . LEU A 1 105 ? 11.626  3.402   5.678   1.00 25.95 ? 88  LEU A CD1   1 
ATOM   605  C CD2   . LEU A 1 105 ? 9.628   3.506   4.174   1.00 19.37 ? 88  LEU A CD2   1 
ATOM   606  N N     . VAL A 1 106 ? 6.552   6.452   6.878   1.00 21.04 ? 89  VAL A N     1 
ATOM   607  C CA    . VAL A 1 106 ? 5.688   6.990   7.925   1.00 22.62 ? 89  VAL A CA    1 
ATOM   608  C C     . VAL A 1 106 ? 5.173   5.909   8.873   1.00 24.67 ? 89  VAL A C     1 
ATOM   609  O O     . VAL A 1 106 ? 4.670   4.874   8.437   1.00 22.37 ? 89  VAL A O     1 
ATOM   610  C CB    . VAL A 1 106 ? 4.480   7.732   7.319   1.00 21.82 ? 89  VAL A CB    1 
ATOM   611  C CG1   . VAL A 1 106 ? 3.686   8.434   8.409   1.00 23.38 ? 89  VAL A CG1   1 
ATOM   612  C CG2   . VAL A 1 106 ? 4.944   8.731   6.271   1.00 21.06 ? 89  VAL A CG2   1 
ATOM   613  N N     . SER A 1 107 ? 5.299   6.162   10.172  1.00 25.40 ? 90  SER A N     1 
ATOM   614  C CA    . SER A 1 107 ? 4.787   5.251   11.191  1.00 22.78 ? 90  SER A CA    1 
ATOM   615  C C     . SER A 1 107 ? 3.338   5.575   11.536  1.00 27.45 ? 90  SER A C     1 
ATOM   616  O O     . SER A 1 107 ? 3.070   6.447   12.363  1.00 25.49 ? 90  SER A O     1 
ATOM   617  C CB    . SER A 1 107 ? 5.649   5.315   12.452  1.00 30.04 ? 90  SER A CB    1 
ATOM   618  O OG    . SER A 1 107 ? 5.086   4.536   13.492  1.00 35.74 ? 90  SER A OG    1 
ATOM   619  N N     . SER A 1 108 ? 2.406   4.868   10.904  1.00 30.14 ? 91  SER A N     1 
ATOM   620  C CA    . SER A 1 108 ? 0.986   5.132   11.108  1.00 23.44 ? 91  SER A CA    1 
ATOM   621  C C     . SER A 1 108 ? 0.097   3.993   10.623  1.00 29.04 ? 91  SER A C     1 
ATOM   622  O O     . SER A 1 108 ? 0.498   3.189   9.781   1.00 27.46 ? 91  SER A O     1 
ATOM   623  C CB    . SER A 1 108 ? 0.585   6.428   10.398  1.00 25.39 ? 91  SER A CB    1 
ATOM   624  O OG    . SER A 1 108 ? -0.811  6.652   10.494  1.00 30.68 ? 91  SER A OG    1 
ATOM   625  N N     . ALA A 1 109 ? -1.112  3.932   11.172  1.00 31.07 ? 92  ALA A N     1 
ATOM   626  C CA    . ALA A 1 109 ? -2.148  3.045   10.663  1.00 31.98 ? 92  ALA A CA    1 
ATOM   627  C C     . ALA A 1 109 ? -3.021  3.836   9.695   1.00 32.86 ? 92  ALA A C     1 
ATOM   628  O O     . ALA A 1 109 ? -3.200  5.042   9.864   1.00 31.16 ? 92  ALA A O     1 
ATOM   629  C CB    . ALA A 1 109 ? -2.975  2.466   11.796  1.00 31.58 ? 92  ALA A CB    1 
ATOM   630  N N     . ILE A 1 110 ? -3.563  3.164   8.686   1.00 33.18 ? 93  ILE A N     1 
ATOM   631  C CA    . ILE A 1 110 ? -4.266  3.861   7.614   1.00 31.02 ? 93  ILE A CA    1 
ATOM   632  C C     . ILE A 1 110 ? -5.626  4.405   8.060   1.00 30.31 ? 93  ILE A C     1 
ATOM   633  O O     . ILE A 1 110 ? -6.121  5.379   7.496   1.00 28.60 ? 93  ILE A O     1 
ATOM   634  C CB    . ILE A 1 110 ? -4.452  2.946   6.378   1.00 28.09 ? 93  ILE A CB    1 
ATOM   635  C CG1   . ILE A 1 110 ? -4.734  3.782   5.127   1.00 24.69 ? 93  ILE A CG1   1 
ATOM   636  C CG2   . ILE A 1 110 ? -5.542  1.906   6.616   1.00 28.83 ? 93  ILE A CG2   1 
ATOM   637  C CD1   . ILE A 1 110 ? -3.640  4.777   4.800   1.00 23.32 ? 93  ILE A CD1   1 
ATOM   638  N N     . GLU A 1 111 ? -6.219  3.797   9.085   1.00 37.15 ? 94  GLU A N     1 
ATOM   639  C CA    . GLU A 1 111 ? -7.524  4.240   9.564   1.00 40.01 ? 94  GLU A CA    1 
ATOM   640  C C     . GLU A 1 111 ? -7.405  5.495   10.424  1.00 38.51 ? 94  GLU A C     1 
ATOM   641  O O     . GLU A 1 111 ? -8.400  6.162   10.708  1.00 33.82 ? 94  GLU A O     1 
ATOM   642  C CB    . GLU A 1 111 ? -8.222  3.127   10.352  1.00 28.70 ? 94  GLU A CB    1 
ATOM   643  C CG    . GLU A 1 111 ? -7.436  2.601   11.540  1.00 39.28 ? 94  GLU A CG    1 
ATOM   644  C CD    . GLU A 1 111 ? -6.650  1.347   11.209  1.00 40.34 ? 94  GLU A CD    1 
ATOM   645  O OE1   . GLU A 1 111 ? -6.376  1.112   10.014  1.00 40.21 ? 94  GLU A OE1   1 
ATOM   646  O OE2   . GLU A 1 111 ? -6.311  0.592   12.146  1.00 42.65 ? 94  GLU A OE2   1 
ATOM   647  N N     . THR A 1 112 ? -6.182  5.813   10.836  1.00 34.29 ? 95  THR A N     1 
ATOM   648  C CA    . THR A 1 112 ? -5.931  6.996   11.650  1.00 31.26 ? 95  THR A CA    1 
ATOM   649  C C     . THR A 1 112 ? -4.796  7.831   11.067  1.00 38.64 ? 95  THR A C     1 
ATOM   650  O O     . THR A 1 112 ? -4.000  8.413   11.804  1.00 44.88 ? 95  THR A O     1 
ATOM   651  C CB    . THR A 1 112 ? -5.583  6.618   13.100  1.00 34.63 ? 95  THR A CB    1 
ATOM   652  O OG1   . THR A 1 112 ? -4.515  5.663   13.102  1.00 36.72 ? 95  THR A OG1   1 
ATOM   653  C CG2   . THR A 1 112 ? -6.793  6.016   13.798  1.00 31.85 ? 95  THR A CG2   1 
ATOM   654  N N     . VAL A 1 113 ? -4.730  7.884   9.741   1.00 38.08 ? 96  VAL A N     1 
ATOM   655  C CA    . VAL A 1 113 ? -3.683  8.623   9.046   1.00 32.75 ? 96  VAL A CA    1 
ATOM   656  C C     . VAL A 1 113 ? -3.773  10.123  9.336   1.00 35.77 ? 96  VAL A C     1 
ATOM   657  O O     . VAL A 1 113 ? -4.844  10.720  9.219   1.00 35.02 ? 96  VAL A O     1 
ATOM   658  C CB    . VAL A 1 113 ? -3.747  8.372   7.517   1.00 38.04 ? 96  VAL A CB    1 
ATOM   659  C CG1   . VAL A 1 113 ? -5.161  8.584   6.987   1.00 39.31 ? 96  VAL A CG1   1 
ATOM   660  C CG2   . VAL A 1 113 ? -2.753  9.252   6.780   1.00 34.05 ? 96  VAL A CG2   1 
ATOM   661  N N     . PRO A 1 114 ? -2.644  10.730  9.740   1.00 38.61 ? 97  PRO A N     1 
ATOM   662  C CA    . PRO A 1 114 ? -2.582  12.165  10.045  1.00 39.22 ? 97  PRO A CA    1 
ATOM   663  C C     . PRO A 1 114 ? -3.016  13.034  8.866   1.00 34.52 ? 97  PRO A C     1 
ATOM   664  O O     . PRO A 1 114 ? -2.943  12.598  7.716   1.00 34.90 ? 97  PRO A O     1 
ATOM   665  C CB    . PRO A 1 114 ? -1.101  12.394  10.381  1.00 36.57 ? 97  PRO A CB    1 
ATOM   666  C CG    . PRO A 1 114 ? -0.381  11.199  9.837   1.00 40.07 ? 97  PRO A CG    1 
ATOM   667  C CD    . PRO A 1 114 ? -1.348  10.068  9.959   1.00 32.20 ? 97  PRO A CD    1 
ATOM   668  N N     . ALA A 1 115 ? -3.457  14.253  9.160   1.00 38.44 ? 98  ALA A N     1 
ATOM   669  C CA    . ALA A 1 115 ? -4.014  15.145  8.147   1.00 33.37 ? 98  ALA A CA    1 
ATOM   670  C C     . ALA A 1 115 ? -2.976  15.602  7.123   1.00 34.99 ? 98  ALA A C     1 
ATOM   671  O O     . ALA A 1 115 ? -3.330  16.071  6.041   1.00 31.04 ? 98  ALA A O     1 
ATOM   672  C CB    . ALA A 1 115 ? -4.656  16.353  8.815   1.00 31.56 ? 98  ALA A CB    1 
ATOM   673  N N     . ALA A 1 116 ? -1.699  15.462  7.463   1.00 32.20 ? 99  ALA A N     1 
ATOM   674  C CA    . ALA A 1 116 ? -0.622  15.894  6.577   1.00 32.42 ? 99  ALA A CA    1 
ATOM   675  C C     . ALA A 1 116 ? -0.516  15.006  5.339   1.00 27.91 ? 99  ALA A C     1 
ATOM   676  O O     . ALA A 1 116 ? 0.036   15.416  4.318   1.00 31.88 ? 99  ALA A O     1 
ATOM   677  C CB    . ALA A 1 116 ? 0.701   15.913  7.327   1.00 20.81 ? 99  ALA A CB    1 
ATOM   678  N N     . LEU A 1 117 ? -1.051  13.793  5.432   1.00 23.74 ? 100 LEU A N     1 
ATOM   679  C CA    . LEU A 1 117 ? -1.006  12.847  4.320   1.00 25.78 ? 100 LEU A CA    1 
ATOM   680  C C     . LEU A 1 117 ? -2.305  12.833  3.520   1.00 25.19 ? 100 LEU A C     1 
ATOM   681  O O     . LEU A 1 117 ? -2.461  12.037  2.596   1.00 24.07 ? 100 LEU A O     1 
ATOM   682  C CB    . LEU A 1 117 ? -0.706  11.438  4.833   1.00 23.34 ? 100 LEU A CB    1 
ATOM   683  C CG    . LEU A 1 117 ? 0.759   11.045  5.023   1.00 30.82 ? 100 LEU A CG    1 
ATOM   684  C CD1   . LEU A 1 117 ? 0.854   9.643   5.603   1.00 23.58 ? 100 LEU A CD1   1 
ATOM   685  C CD2   . LEU A 1 117 ? 1.502   11.125  3.703   1.00 25.63 ? 100 LEU A CD2   1 
ATOM   686  N N     . HIS A 1 118 ? -3.236  13.711  3.878   1.00 28.55 ? 101 HIS A N     1 
ATOM   687  C CA    . HIS A 1 118 ? -4.537  13.748  3.215   1.00 27.15 ? 101 HIS A CA    1 
ATOM   688  C C     . HIS A 1 118 ? -4.452  14.319  1.801   1.00 29.94 ? 101 HIS A C     1 
ATOM   689  O O     . HIS A 1 118 ? -4.013  15.453  1.602   1.00 29.19 ? 101 HIS A O     1 
ATOM   690  C CB    . HIS A 1 118 ? -5.536  14.560  4.041   1.00 29.86 ? 101 HIS A CB    1 
ATOM   691  C CG    . HIS A 1 118 ? -6.191  13.779  5.137   1.00 31.42 ? 101 HIS A CG    1 
ATOM   692  N ND1   . HIS A 1 118 ? -5.479  13.003  6.026   1.00 35.53 ? 101 HIS A ND1   1 
ATOM   693  C CD2   . HIS A 1 118 ? -7.492  13.654  5.488   1.00 30.38 ? 101 HIS A CD2   1 
ATOM   694  C CE1   . HIS A 1 118 ? -6.314  12.433  6.878   1.00 33.82 ? 101 HIS A CE1   1 
ATOM   695  N NE2   . HIS A 1 118 ? -7.542  12.813  6.572   1.00 33.13 ? 101 HIS A NE2   1 
ATOM   696  N N     . GLY A 1 119 ? -4.879  13.521  0.827   1.00 25.98 ? 102 GLY A N     1 
ATOM   697  C CA    . GLY A 1 119 ? -4.957  13.952  -0.557  1.00 20.07 ? 102 GLY A CA    1 
ATOM   698  C C     . GLY A 1 119 ? -3.636  14.379  -1.165  1.00 22.06 ? 102 GLY A C     1 
ATOM   699  O O     . GLY A 1 119 ? -3.568  15.383  -1.872  1.00 28.78 ? 102 GLY A O     1 
ATOM   700  N N     . VAL A 1 120 ? -2.583  13.612  -0.899  1.00 24.63 ? 103 VAL A N     1 
ATOM   701  C CA    . VAL A 1 120 ? -1.258  13.938  -1.412  1.00 20.35 ? 103 VAL A CA    1 
ATOM   702  C C     . VAL A 1 120 ? -0.792  12.944  -2.473  1.00 21.11 ? 103 VAL A C     1 
ATOM   703  O O     . VAL A 1 120 ? 0.157   13.211  -3.207  1.00 28.23 ? 103 VAL A O     1 
ATOM   704  C CB    . VAL A 1 120 ? -0.210  13.978  -0.282  1.00 21.48 ? 103 VAL A CB    1 
ATOM   705  C CG1   . VAL A 1 120 ? -0.651  14.927  0.820   1.00 29.28 ? 103 VAL A CG1   1 
ATOM   706  C CG2   . VAL A 1 120 ? 0.026   12.582  0.276   1.00 19.93 ? 103 VAL A CG2   1 
ATOM   707  N N     . ALA A 1 121 ? -1.465  11.802  -2.555  1.00 21.47 ? 104 ALA A N     1 
ATOM   708  C CA    . ALA A 1 121 ? -1.005  10.707  -3.401  1.00 17.63 ? 104 ALA A CA    1 
ATOM   709  C C     . ALA A 1 121 ? -1.566  10.765  -4.818  1.00 24.37 ? 104 ALA A C     1 
ATOM   710  O O     . ALA A 1 121 ? -2.769  10.936  -5.018  1.00 24.37 ? 104 ALA A O     1 
ATOM   711  C CB    . ALA A 1 121 ? -1.355  9.373   -2.761  1.00 14.49 ? 104 ALA A CB    1 
ATOM   712  N N     . ASP A 1 122 ? -0.680  10.619  -5.799  1.00 21.85 ? 105 ASP A N     1 
ATOM   713  C CA    . ASP A 1 122 ? -1.093  10.465  -7.187  1.00 21.06 ? 105 ASP A CA    1 
ATOM   714  C C     . ASP A 1 122 ? -1.405  9.001   -7.462  1.00 19.68 ? 105 ASP A C     1 
ATOM   715  O O     . ASP A 1 122 ? -1.983  8.664   -8.493  1.00 22.68 ? 105 ASP A O     1 
ATOM   716  C CB    . ASP A 1 122 ? -0.009  10.966  -8.144  1.00 22.25 ? 105 ASP A CB    1 
ATOM   717  C CG    . ASP A 1 122 ? 0.227   12.458  -8.028  1.00 24.00 ? 105 ASP A CG    1 
ATOM   718  O OD1   . ASP A 1 122 ? -0.627  13.234  -8.503  1.00 30.03 ? 105 ASP A OD1   1 
ATOM   719  O OD2   . ASP A 1 122 ? 1.272   12.853  -7.468  1.00 24.71 ? 105 ASP A OD2   1 
ATOM   720  N N     . GLU A 1 123 ? -1.012  8.138   -6.530  1.00 20.86 ? 106 GLU A N     1 
ATOM   721  C CA    . GLU A 1 123 ? -1.276  6.707   -6.634  1.00 20.48 ? 106 GLU A CA    1 
ATOM   722  C C     . GLU A 1 123 ? -1.139  6.030   -5.273  1.00 18.88 ? 106 GLU A C     1 
ATOM   723  O O     . GLU A 1 123 ? -0.222  6.328   -4.509  1.00 16.25 ? 106 GLU A O     1 
ATOM   724  C CB    . GLU A 1 123 ? -0.331  6.057   -7.648  1.00 21.42 ? 106 GLU A CB    1 
ATOM   725  C CG    . GLU A 1 123 ? -0.613  4.585   -7.905  1.00 30.58 ? 106 GLU A CG    1 
ATOM   726  C CD    . GLU A 1 123 ? 0.163   4.039   -9.086  1.00 35.42 ? 106 GLU A CD    1 
ATOM   727  O OE1   . GLU A 1 123 ? 0.859   4.830   -9.758  1.00 35.87 ? 106 GLU A OE1   1 
ATOM   728  O OE2   . GLU A 1 123 ? 0.077   2.820   -9.344  1.00 37.06 ? 106 GLU A OE2   1 
ATOM   729  N N     . VAL A 1 124 ? -2.064  5.121   -4.976  1.00 18.23 ? 107 VAL A N     1 
ATOM   730  C CA    . VAL A 1 124 ? -2.056  4.386   -3.715  1.00 14.32 ? 107 VAL A CA    1 
ATOM   731  C C     . VAL A 1 124 ? -2.021  2.883   -3.971  1.00 16.36 ? 107 VAL A C     1 
ATOM   732  O O     . VAL A 1 124 ? -2.832  2.361   -4.734  1.00 21.23 ? 107 VAL A O     1 
ATOM   733  C CB    . VAL A 1 124 ? -3.291  4.724   -2.857  1.00 17.04 ? 107 VAL A CB    1 
ATOM   734  C CG1   . VAL A 1 124 ? -3.196  4.049   -1.495  1.00 14.63 ? 107 VAL A CG1   1 
ATOM   735  C CG2   . VAL A 1 124 ? -3.440  6.229   -2.703  1.00 15.31 ? 107 VAL A CG2   1 
ATOM   736  N N     . MET A 1 125 ? -1.084  2.187   -3.336  1.00 20.22 ? 108 MET A N     1 
ATOM   737  C CA    . MET A 1 125 ? -0.938  0.753   -3.563  1.00 24.54 ? 108 MET A CA    1 
ATOM   738  C C     . MET A 1 125 ? -0.964  -0.067  -2.275  1.00 27.73 ? 108 MET A C     1 
ATOM   739  O O     . MET A 1 125 ? -0.263  0.240   -1.310  1.00 28.97 ? 108 MET A O     1 
ATOM   740  C CB    . MET A 1 125 ? 0.358   0.465   -4.323  1.00 30.51 ? 108 MET A CB    1 
ATOM   741  C CG    . MET A 1 125 ? 0.468   1.179   -5.660  1.00 32.24 ? 108 MET A CG    1 
ATOM   742  S SD    . MET A 1 125 ? 1.809   0.532   -6.673  1.00 47.22 ? 108 MET A SD    1 
ATOM   743  C CE    . MET A 1 125 ? 3.163   0.569   -5.504  1.00 22.83 ? 108 MET A CE    1 
ATOM   744  N N     . VAL A 1 126 ? -1.781  -1.115  -2.278  1.00 22.08 ? 109 VAL A N     1 
ATOM   745  C CA    . VAL A 1 126 ? -1.820  -2.074  -1.182  1.00 20.07 ? 109 VAL A CA    1 
ATOM   746  C C     . VAL A 1 126 ? -1.315  -3.423  -1.682  1.00 21.55 ? 109 VAL A C     1 
ATOM   747  O O     . VAL A 1 126 ? -2.053  -4.179  -2.314  1.00 25.49 ? 109 VAL A O     1 
ATOM   748  C CB    . VAL A 1 126 ? -3.240  -2.227  -0.606  1.00 21.19 ? 109 VAL A CB    1 
ATOM   749  C CG1   . VAL A 1 126 ? -3.249  -3.244  0.523   1.00 17.27 ? 109 VAL A CG1   1 
ATOM   750  C CG2   . VAL A 1 126 ? -3.762  -0.884  -0.122  1.00 22.70 ? 109 VAL A CG2   1 
ATOM   751  N N     . LEU A 1 127 ? -0.049  -3.715  -1.404  1.00 27.72 ? 110 LEU A N     1 
ATOM   752  C CA    . LEU A 1 127 ? 0.599   -4.903  -1.947  1.00 21.63 ? 110 LEU A CA    1 
ATOM   753  C C     . LEU A 1 127 ? 0.814   -5.981  -0.890  1.00 26.16 ? 110 LEU A C     1 
ATOM   754  O O     . LEU A 1 127 ? 1.545   -5.773  0.079   1.00 29.79 ? 110 LEU A O     1 
ATOM   755  C CB    . LEU A 1 127 ? 1.936   -4.523  -2.584  1.00 27.91 ? 110 LEU A CB    1 
ATOM   756  C CG    . LEU A 1 127 ? 1.875   -3.402  -3.624  1.00 32.36 ? 110 LEU A CG    1 
ATOM   757  C CD1   . LEU A 1 127 ? 3.258   -3.117  -4.193  1.00 39.22 ? 110 LEU A CD1   1 
ATOM   758  C CD2   . LEU A 1 127 ? 0.892   -3.747  -4.734  1.00 30.96 ? 110 LEU A CD2   1 
ATOM   759  N N     . MET A 1 128 ? 0.178   -7.132  -1.097  1.00 27.43 ? 111 MET A N     1 
ATOM   760  C CA    . MET A 1 128 ? 0.265   -8.273  -0.185  1.00 27.79 ? 111 MET A CA    1 
ATOM   761  C C     . MET A 1 128 ? -0.025  -7.893  1.267   1.00 28.76 ? 111 MET A C     1 
ATOM   762  O O     . MET A 1 128 ? 0.840   -8.044  2.128   1.00 33.41 ? 111 MET A O     1 
ATOM   763  C CB    . MET A 1 128 ? 1.650   -8.922  -0.274  1.00 35.84 ? 111 MET A CB    1 
ATOM   764  C CG    . MET A 1 128 ? 2.136   -9.180  -1.691  1.00 42.60 ? 111 MET A CG    1 
ATOM   765  S SD    . MET A 1 128 ? 1.225   -10.482 -2.541  1.00 48.54 ? 111 MET A SD    1 
ATOM   766  C CE    . MET A 1 128 ? 1.623   -11.896 -1.515  1.00 50.05 ? 111 MET A CE    1 
ATOM   767  N N     . PRO A 1 129 ? -1.244  -7.406  1.549   1.00 30.24 ? 112 PRO A N     1 
ATOM   768  C CA    . PRO A 1 129 ? -1.540  -6.945  2.908   1.00 29.75 ? 112 PRO A CA    1 
ATOM   769  C C     . PRO A 1 129 ? -1.771  -8.086  3.894   1.00 29.76 ? 112 PRO A C     1 
ATOM   770  O O     . PRO A 1 129 ? -2.100  -9.201  3.491   1.00 31.35 ? 112 PRO A O     1 
ATOM   771  C CB    . PRO A 1 129 ? -2.820  -6.130  2.720   1.00 22.85 ? 112 PRO A CB    1 
ATOM   772  C CG    . PRO A 1 129 ? -3.507  -6.803  1.584   1.00 30.58 ? 112 PRO A CG    1 
ATOM   773  C CD    . PRO A 1 129 ? -2.414  -7.287  0.661   1.00 30.36 ? 112 PRO A CD    1 
ATOM   774  N N     . TRP A 1 130 ? -1.589  -7.796  5.178   1.00 30.06 ? 113 TRP A N     1 
ATOM   775  C CA    . TRP A 1 130 ? -1.879  -8.752  6.240   1.00 30.04 ? 113 TRP A CA    1 
ATOM   776  C C     . TRP A 1 130 ? -2.610  -8.046  7.379   1.00 27.94 ? 113 TRP A C     1 
ATOM   777  O O     . TRP A 1 130 ? -2.628  -6.818  7.445   1.00 29.15 ? 113 TRP A O     1 
ATOM   778  C CB    . TRP A 1 130 ? -0.593  -9.402  6.762   1.00 31.69 ? 113 TRP A CB    1 
ATOM   779  C CG    . TRP A 1 130 ? 0.179   -10.172 5.729   1.00 43.41 ? 113 TRP A CG    1 
ATOM   780  C CD1   . TRP A 1 130 ? 1.046   -9.664  4.808   1.00 50.05 ? 113 TRP A CD1   1 
ATOM   781  C CD2   . TRP A 1 130 ? 0.166   -11.592 5.526   1.00 49.06 ? 113 TRP A CD2   1 
ATOM   782  N NE1   . TRP A 1 130 ? 1.568   -10.674 4.039   1.00 47.03 ? 113 TRP A NE1   1 
ATOM   783  C CE2   . TRP A 1 130 ? 1.045   -11.868 4.459   1.00 48.03 ? 113 TRP A CE2   1 
ATOM   784  C CE3   . TRP A 1 130 ? -0.506  -12.654 6.139   1.00 47.20 ? 113 TRP A CE3   1 
ATOM   785  C CZ2   . TRP A 1 130 ? 1.269   -13.161 3.992   1.00 47.29 ? 113 TRP A CZ2   1 
ATOM   786  C CZ3   . TRP A 1 130 ? -0.280  -13.938 5.673   1.00 52.84 ? 113 TRP A CZ3   1 
ATOM   787  C CH2   . TRP A 1 130 ? 0.599   -14.180 4.611   1.00 47.46 ? 113 TRP A CH2   1 
ATOM   788  N N     . GLY A 1 131 ? -3.215  -8.827  8.266   1.00 23.39 ? 114 GLY A N     1 
ATOM   789  C CA    . GLY A 1 131 ? -3.857  -8.285  9.450   1.00 23.46 ? 114 GLY A CA    1 
ATOM   790  C C     . GLY A 1 131 ? -5.065  -7.404  9.184   1.00 24.57 ? 114 GLY A C     1 
ATOM   791  O O     . GLY A 1 131 ? -5.946  -7.757  8.400   1.00 20.78 ? 114 GLY A O     1 
ATOM   792  N N     . LYS A 1 132 ? -5.097  -6.251  9.846   1.00 25.44 ? 115 LYS A N     1 
ATOM   793  C CA    . LYS A 1 132 ? -6.236  -5.338  9.785   1.00 23.32 ? 115 LYS A CA    1 
ATOM   794  C C     . LYS A 1 132 ? -6.475  -4.792  8.379   1.00 28.30 ? 115 LYS A C     1 
ATOM   795  O O     . LYS A 1 132 ? -7.619  -4.622  7.955   1.00 19.48 ? 115 LYS A O     1 
ATOM   796  C CB    . LYS A 1 132 ? -6.032  -4.180  10.765  1.00 18.09 ? 115 LYS A CB    1 
ATOM   797  C CG    . LYS A 1 132 ? -7.178  -3.184  10.805  1.00 26.84 ? 115 LYS A CG    1 
ATOM   798  C CD    . LYS A 1 132 ? -8.442  -3.816  11.364  1.00 42.47 ? 115 LYS A CD    1 
ATOM   799  C CE    . LYS A 1 132 ? -9.609  -2.844  11.323  1.00 46.71 ? 115 LYS A CE    1 
ATOM   800  N NZ    . LYS A 1 132 ? -9.313  -1.590  12.069  1.00 44.71 ? 115 LYS A NZ    1 
ATOM   801  N N     . LEU A 1 133 ? -5.391  -4.518  7.662   1.00 28.27 ? 116 LEU A N     1 
ATOM   802  C CA    . LEU A 1 133 ? -5.482  -3.969  6.314   1.00 21.48 ? 116 LEU A CA    1 
ATOM   803  C C     . LEU A 1 133 ? -6.069  -4.982  5.338   1.00 21.01 ? 116 LEU A C     1 
ATOM   804  O O     . LEU A 1 133 ? -6.935  -4.648  4.529   1.00 20.62 ? 116 LEU A O     1 
ATOM   805  C CB    . LEU A 1 133 ? -4.105  -3.511  5.832   1.00 29.43 ? 116 LEU A CB    1 
ATOM   806  C CG    . LEU A 1 133 ? -4.040  -2.914  4.426   1.00 24.64 ? 116 LEU A CG    1 
ATOM   807  C CD1   . LEU A 1 133 ? -4.974  -1.719  4.306   1.00 28.66 ? 116 LEU A CD1   1 
ATOM   808  C CD2   . LEU A 1 133 ? -2.613  -2.520  4.085   1.00 20.84 ? 116 LEU A CD2   1 
ATOM   809  N N     . LEU A 1 134 ? -5.591  -6.220  5.419   1.00 20.09 ? 117 LEU A N     1 
ATOM   810  C CA    . LEU A 1 134 ? -6.079  -7.290  4.558   1.00 19.83 ? 117 LEU A CA    1 
ATOM   811  C C     . LEU A 1 134 ? -7.553  -7.578  4.819   1.00 20.05 ? 117 LEU A C     1 
ATOM   812  O O     . LEU A 1 134 ? -8.357  -7.639  3.890   1.00 22.11 ? 117 LEU A O     1 
ATOM   813  C CB    . LEU A 1 134 ? -5.254  -8.562  4.762   1.00 21.93 ? 117 LEU A CB    1 
ATOM   814  C CG    . LEU A 1 134 ? -5.777  -9.830  4.087   1.00 22.49 ? 117 LEU A CG    1 
ATOM   815  C CD1   . LEU A 1 134 ? -5.795  -9.670  2.575   1.00 23.54 ? 117 LEU A CD1   1 
ATOM   816  C CD2   . LEU A 1 134 ? -4.945  -11.036 4.493   1.00 24.89 ? 117 LEU A CD2   1 
ATOM   817  N N     . ARG A 1 135 ? -7.899  -7.752  6.091   1.00 23.10 ? 118 ARG A N     1 
ATOM   818  C CA    . ARG A 1 135 ? -9.271  -8.053  6.481   1.00 21.22 ? 118 ARG A CA    1 
ATOM   819  C C     . ARG A 1 135 ? -10.213 -6.905  6.128   1.00 22.38 ? 118 ARG A C     1 
ATOM   820  O O     . ARG A 1 135 ? -11.342 -7.130  5.692   1.00 22.13 ? 118 ARG A O     1 
ATOM   821  C CB    . ARG A 1 135 ? -9.345  -8.352  7.979   1.00 18.15 ? 118 ARG A CB    1 
ATOM   822  C CG    . ARG A 1 135 ? -10.732 -8.740  8.461   1.00 21.67 ? 118 ARG A CG    1 
ATOM   823  C CD    . ARG A 1 135 ? -10.723 -9.140  9.925   1.00 20.81 ? 118 ARG A CD    1 
ATOM   824  N NE    . ARG A 1 135 ? -12.010 -9.687  10.341  1.00 21.16 ? 118 ARG A NE    1 
ATOM   825  C CZ    . ARG A 1 135 ? -12.367 -10.957 10.181  1.00 26.07 ? 118 ARG A CZ    1 
ATOM   826  N NH1   . ARG A 1 135 ? -11.534 -11.816 9.609   1.00 26.36 ? 118 ARG A NH1   1 
ATOM   827  N NH2   . ARG A 1 135 ? -13.559 -11.371 10.590  1.00 29.36 ? 118 ARG A NH2   1 
ATOM   828  N N     . GLY A 1 136 ? -9.739  -5.678  6.314   1.00 19.75 ? 119 GLY A N     1 
ATOM   829  C CA    . GLY A 1 136 ? -10.529 -4.500  6.007   1.00 22.56 ? 119 GLY A CA    1 
ATOM   830  C C     . GLY A 1 136 ? -10.814 -4.368  4.524   1.00 26.78 ? 119 GLY A C     1 
ATOM   831  O O     . GLY A 1 136 ? -11.879 -3.898  4.127   1.00 26.01 ? 119 GLY A O     1 
ATOM   832  N N     . VAL A 1 137 ? -9.856  -4.786  3.703   1.00 20.89 ? 120 VAL A N     1 
ATOM   833  C CA    . VAL A 1 137 ? -10.010 -4.739  2.255   1.00 23.42 ? 120 VAL A CA    1 
ATOM   834  C C     . VAL A 1 137 ? -10.974 -5.821  1.775   1.00 23.90 ? 120 VAL A C     1 
ATOM   835  O O     . VAL A 1 137 ? -11.868 -5.556  0.968   1.00 25.82 ? 120 VAL A O     1 
ATOM   836  C CB    . VAL A 1 137 ? -8.647  -4.895  1.540   1.00 27.63 ? 120 VAL A CB    1 
ATOM   837  C CG1   . VAL A 1 137 ? -8.829  -5.403  0.116   1.00 22.76 ? 120 VAL A CG1   1 
ATOM   838  C CG2   . VAL A 1 137 ? -7.881  -3.578  1.559   1.00 20.90 ? 120 VAL A CG2   1 
ATOM   839  N N     . VAL A 1 138 ? -10.797 -7.037  2.284   1.00 20.18 ? 121 VAL A N     1 
ATOM   840  C CA    . VAL A 1 138 ? -11.645 -8.163  1.908   1.00 24.48 ? 121 VAL A CA    1 
ATOM   841  C C     . VAL A 1 138 ? -13.098 -7.930  2.324   1.00 21.52 ? 121 VAL A C     1 
ATOM   842  O O     . VAL A 1 138 ? -14.025 -8.222  1.567   1.00 24.07 ? 121 VAL A O     1 
ATOM   843  C CB    . VAL A 1 138 ? -11.135 -9.484  2.530   1.00 26.48 ? 121 VAL A CB    1 
ATOM   844  C CG1   . VAL A 1 138 ? -12.110 -10.622 2.263   1.00 28.72 ? 121 VAL A CG1   1 
ATOM   845  C CG2   . VAL A 1 138 ? -9.755  -9.825  1.988   1.00 22.65 ? 121 VAL A CG2   1 
ATOM   846  N N     . LEU A 1 139 ? -13.289 -7.390  3.523   1.00 20.89 ? 122 LEU A N     1 
ATOM   847  C CA    . LEU A 1 139 ? -14.628 -7.125  4.037   1.00 24.69 ? 122 LEU A CA    1 
ATOM   848  C C     . LEU A 1 139 ? -15.190 -5.801  3.528   1.00 30.63 ? 122 LEU A C     1 
ATOM   849  O O     . LEU A 1 139 ? -16.406 -5.615  3.472   1.00 36.62 ? 122 LEU A O     1 
ATOM   850  C CB    . LEU A 1 139 ? -14.623 -7.127  5.566   1.00 23.78 ? 122 LEU A CB    1 
ATOM   851  C CG    . LEU A 1 139 ? -14.448 -8.485  6.242   1.00 23.62 ? 122 LEU A CG    1 
ATOM   852  C CD1   . LEU A 1 139 ? -14.341 -8.320  7.748   1.00 24.31 ? 122 LEU A CD1   1 
ATOM   853  C CD2   . LEU A 1 139 ? -15.601 -9.407  5.881   1.00 25.82 ? 122 LEU A CD2   1 
ATOM   854  N N     . GLY A 1 140 ? -14.305 -4.882  3.160   1.00 27.45 ? 123 GLY A N     1 
ATOM   855  C CA    . GLY A 1 140 ? -14.722 -3.561  2.729   1.00 24.70 ? 123 GLY A CA    1 
ATOM   856  C C     . GLY A 1 140 ? -15.153 -2.709  3.905   1.00 28.66 ? 123 GLY A C     1 
ATOM   857  O O     . GLY A 1 140 ? -16.221 -2.097  3.887   1.00 27.90 ? 123 GLY A O     1 
ATOM   858  N N     . GLU A 1 141 ? -14.316 -2.674  4.937   1.00 21.01 ? 124 GLU A N     1 
ATOM   859  C CA    . GLU A 1 141 ? -14.613 -1.908  6.139   1.00 27.37 ? 124 GLU A CA    1 
ATOM   860  C C     . GLU A 1 141 ? -14.403 -0.417  5.901   1.00 26.67 ? 124 GLU A C     1 
ATOM   861  O O     . GLU A 1 141 ? -13.491 -0.017  5.179   1.00 28.55 ? 124 GLU A O     1 
ATOM   862  C CB    . GLU A 1 141 ? -13.750 -2.390  7.307   1.00 27.78 ? 124 GLU A CB    1 
ATOM   863  C CG    . GLU A 1 141 ? -14.008 -3.833  7.706   1.00 38.01 ? 124 GLU A CG    1 
ATOM   864  C CD    . GLU A 1 141 ? -13.121 -4.294  8.846   1.00 50.49 ? 124 GLU A CD    1 
ATOM   865  O OE1   . GLU A 1 141 ? -12.462 -3.437  9.471   1.00 45.46 ? 124 GLU A OE1   1 
ATOM   866  O OE2   . GLU A 1 141 ? -13.083 -5.513  9.114   1.00 47.31 ? 124 GLU A OE2   1 
ATOM   867  N N     . ALA A 1 142 ? -15.255 0.398   6.515   1.00 23.28 ? 125 ALA A N     1 
ATOM   868  C CA    . ALA A 1 142 ? -15.239 1.841   6.302   1.00 20.86 ? 125 ALA A CA    1 
ATOM   869  C C     . ALA A 1 142 ? -13.943 2.486   6.782   1.00 27.18 ? 125 ALA A C     1 
ATOM   870  O O     . ALA A 1 142 ? -13.356 3.301   6.075   1.00 30.31 ? 125 ALA A O     1 
ATOM   871  C CB    . ALA A 1 142 ? -16.432 2.485   6.991   1.00 31.17 ? 125 ALA A CB    1 
ATOM   872  N N     . ASP A 1 143 ? -13.504 2.117   7.982   1.00 28.56 ? 126 ASP A N     1 
ATOM   873  C CA    . ASP A 1 143 ? -12.310 2.706   8.584   1.00 24.22 ? 126 ASP A CA    1 
ATOM   874  C C     . ASP A 1 143 ? -11.068 2.544   7.707   1.00 28.17 ? 126 ASP A C     1 
ATOM   875  O O     . ASP A 1 143 ? -10.276 3.476   7.565   1.00 27.77 ? 126 ASP A O     1 
ATOM   876  C CB    . ASP A 1 143 ? -12.056 2.092   9.963   1.00 28.81 ? 126 ASP A CB    1 
ATOM   877  C CG    . ASP A 1 143 ? -12.241 0.587   9.975   1.00 47.59 ? 126 ASP A CG    1 
ATOM   878  O OD1   . ASP A 1 143 ? -13.119 0.091   9.236   1.00 44.57 ? 126 ASP A OD1   1 
ATOM   879  O OD2   . ASP A 1 143 ? -11.512 -0.099  10.721  1.00 48.03 ? 126 ASP A OD2   1 
ATOM   880  N N     . VAL A 1 144 ? -10.908 1.365   7.115   1.00 27.73 ? 127 VAL A N     1 
ATOM   881  C CA    . VAL A 1 144 ? -9.768  1.097   6.245   1.00 25.02 ? 127 VAL A CA    1 
ATOM   882  C C     . VAL A 1 144 ? -9.936  1.776   4.888   1.00 23.41 ? 127 VAL A C     1 
ATOM   883  O O     . VAL A 1 144 ? -9.030  2.459   4.409   1.00 24.76 ? 127 VAL A O     1 
ATOM   884  C CB    . VAL A 1 144 ? -9.562  -0.419  6.036   1.00 30.33 ? 127 VAL A CB    1 
ATOM   885  C CG1   . VAL A 1 144 ? -8.614  -0.680  4.874   1.00 25.57 ? 127 VAL A CG1   1 
ATOM   886  C CG2   . VAL A 1 144 ? -9.049  -1.067  7.313   1.00 27.35 ? 127 VAL A CG2   1 
ATOM   887  N N     . LEU A 1 145 ? -11.104 1.589   4.279   1.00 24.02 ? 128 LEU A N     1 
ATOM   888  C CA    . LEU A 1 145 ? -11.377 2.130   2.950   1.00 22.72 ? 128 LEU A CA    1 
ATOM   889  C C     . LEU A 1 145 ? -11.378 3.657   2.929   1.00 24.72 ? 128 LEU A C     1 
ATOM   890  O O     . LEU A 1 145 ? -10.938 4.266   1.955   1.00 26.68 ? 128 LEU A O     1 
ATOM   891  C CB    . LEU A 1 145 ? -12.715 1.599   2.427   1.00 21.71 ? 128 LEU A CB    1 
ATOM   892  C CG    . LEU A 1 145 ? -12.663 0.368   1.518   1.00 23.73 ? 128 LEU A CG    1 
ATOM   893  C CD1   . LEU A 1 145 ? -11.835 -0.748  2.136   1.00 26.94 ? 128 LEU A CD1   1 
ATOM   894  C CD2   . LEU A 1 145 ? -14.069 -0.123  1.205   1.00 26.95 ? 128 LEU A CD2   1 
ATOM   895  N N     . SER A 1 146 ? -11.875 4.274   3.998   1.00 26.01 ? 129 SER A N     1 
ATOM   896  C CA    . SER A 1 146 ? -11.866 5.730   4.101   1.00 25.88 ? 129 SER A CA    1 
ATOM   897  C C     . SER A 1 146 ? -10.437 6.243   4.208   1.00 24.47 ? 129 SER A C     1 
ATOM   898  O O     . SER A 1 146 ? -10.077 7.241   3.585   1.00 24.83 ? 129 SER A O     1 
ATOM   899  C CB    . SER A 1 146 ? -12.684 6.204   5.305   1.00 27.00 ? 129 SER A CB    1 
ATOM   900  O OG    . SER A 1 146 ? -14.036 5.793   5.202   1.00 27.59 ? 129 SER A OG    1 
ATOM   901  N N     . GLY A 1 147 ? -9.629  5.549   5.004   1.00 23.22 ? 130 GLY A N     1 
ATOM   902  C CA    . GLY A 1 147 ? -8.236  5.911   5.188   1.00 24.14 ? 130 GLY A CA    1 
ATOM   903  C C     . GLY A 1 147 ? -7.450  5.823   3.895   1.00 31.84 ? 130 GLY A C     1 
ATOM   904  O O     . GLY A 1 147 ? -6.597  6.668   3.618   1.00 30.74 ? 130 GLY A O     1 
ATOM   905  N N     . LEU A 1 148 ? -7.740  4.797   3.103   1.00 26.05 ? 131 LEU A N     1 
ATOM   906  C CA    . LEU A 1 148 ? -7.108  4.630   1.800   1.00 19.89 ? 131 LEU A CA    1 
ATOM   907  C C     . LEU A 1 148 ? -7.505  5.760   0.859   1.00 20.57 ? 131 LEU A C     1 
ATOM   908  O O     . LEU A 1 148 ? -6.684  6.264   0.095   1.00 32.14 ? 131 LEU A O     1 
ATOM   909  C CB    . LEU A 1 148 ? -7.483  3.280   1.189   1.00 20.66 ? 131 LEU A CB    1 
ATOM   910  C CG    . LEU A 1 148 ? -6.883  2.038   1.849   1.00 17.47 ? 131 LEU A CG    1 
ATOM   911  C CD1   . LEU A 1 148 ? -7.424  0.774   1.201   1.00 18.91 ? 131 LEU A CD1   1 
ATOM   912  C CD2   . LEU A 1 148 ? -5.366  2.074   1.772   1.00 15.00 ? 131 LEU A CD2   1 
ATOM   913  N N     . ARG A 1 149 ? -8.773  6.154   0.923   1.00 22.84 ? 132 ARG A N     1 
ATOM   914  C CA    . ARG A 1 149 ? -9.295  7.218   0.075   1.00 17.79 ? 132 ARG A CA    1 
ATOM   915  C C     . ARG A 1 149 ? -8.802  8.588   0.533   1.00 22.31 ? 132 ARG A C     1 
ATOM   916  O O     . ARG A 1 149 ? -8.634  9.502   -0.276  1.00 24.66 ? 132 ARG A O     1 
ATOM   917  C CB    . ARG A 1 149 ? -10.825 7.183   0.063   1.00 15.24 ? 132 ARG A CB    1 
ATOM   918  C CG    . ARG A 1 149 ? -11.472 8.280   -0.768  1.00 17.60 ? 132 ARG A CG    1 
ATOM   919  C CD    . ARG A 1 149 ? -11.009 8.221   -2.214  1.00 21.60 ? 132 ARG A CD    1 
ATOM   920  N NE    . ARG A 1 149 ? -11.583 9.296   -3.018  1.00 24.36 ? 132 ARG A NE    1 
ATOM   921  C CZ    . ARG A 1 149 ? -11.003 10.476  -3.210  1.00 16.54 ? 132 ARG A CZ    1 
ATOM   922  N NH1   . ARG A 1 149 ? -9.828  10.738  -2.655  1.00 13.64 ? 132 ARG A NH1   1 
ATOM   923  N NH2   . ARG A 1 149 ? -11.597 11.396  -3.958  1.00 17.55 ? 132 ARG A NH2   1 
ATOM   924  N N     . ALA A 1 150 ? -8.559  8.717   1.833   1.00 22.45 ? 133 ALA A N     1 
ATOM   925  C CA    . ALA A 1 150 ? -8.185  9.996   2.428   1.00 23.92 ? 133 ALA A CA    1 
ATOM   926  C C     . ALA A 1 150 ? -6.857  10.533  1.898   1.00 22.13 ? 133 ALA A C     1 
ATOM   927  O O     . ALA A 1 150 ? -6.660  11.745  1.817   1.00 23.35 ? 133 ALA A O     1 
ATOM   928  C CB    . ALA A 1 150 ? -8.127  9.867   3.943   1.00 26.41 ? 133 ALA A CB    1 
ATOM   929  N N     . VAL A 1 151 ? -5.950  9.633   1.534   1.00 20.70 ? 134 VAL A N     1 
ATOM   930  C CA    . VAL A 1 151 ? -4.610  10.034  1.121   1.00 25.92 ? 134 VAL A CA    1 
ATOM   931  C C     . VAL A 1 151 ? -4.508  10.304  -0.378  1.00 24.33 ? 134 VAL A C     1 
ATOM   932  O O     . VAL A 1 151 ? -3.514  10.855  -0.849  1.00 18.03 ? 134 VAL A O     1 
ATOM   933  C CB    . VAL A 1 151 ? -3.567  8.965   1.497   1.00 27.39 ? 134 VAL A CB    1 
ATOM   934  C CG1   . VAL A 1 151 ? -3.630  8.663   2.985   1.00 22.17 ? 134 VAL A CG1   1 
ATOM   935  C CG2   . VAL A 1 151 ? -3.787  7.698   0.686   1.00 24.29 ? 134 VAL A CG2   1 
ATOM   936  N N     . ALA A 1 152 ? -5.540  9.925   -1.124  1.00 27.74 ? 135 ALA A N     1 
ATOM   937  C CA    . ALA A 1 152 ? -5.490  10.002  -2.580  1.00 19.12 ? 135 ALA A CA    1 
ATOM   938  C C     . ALA A 1 152 ? -6.033  11.317  -3.128  1.00 23.35 ? 135 ALA A C     1 
ATOM   939  O O     . ALA A 1 152 ? -6.968  11.900  -2.576  1.00 18.56 ? 135 ALA A O     1 
ATOM   940  C CB    . ALA A 1 152 ? -6.249  8.834   -3.188  1.00 18.12 ? 135 ALA A CB    1 
ATOM   941  N N     . LYS A 1 153 ? -5.428  11.779  -4.218  1.00 23.93 ? 136 LYS A N     1 
ATOM   942  C CA    . LYS A 1 153 ? -5.950  12.908  -4.978  1.00 19.36 ? 136 LYS A CA    1 
ATOM   943  C C     . LYS A 1 153 ? -7.088  12.417  -5.865  1.00 23.82 ? 136 LYS A C     1 
ATOM   944  O O     . LYS A 1 153 ? -7.194  11.217  -6.121  1.00 25.70 ? 136 LYS A O     1 
ATOM   945  C CB    . LYS A 1 153 ? -4.848  13.551  -5.824  1.00 21.57 ? 136 LYS A CB    1 
ATOM   946  C CG    . LYS A 1 153 ? -3.688  14.133  -5.035  1.00 22.39 ? 136 LYS A CG    1 
ATOM   947  C CD    . LYS A 1 153 ? -2.661  14.748  -5.973  1.00 25.28 ? 136 LYS A CD    1 
ATOM   948  C CE    . LYS A 1 153 ? -1.446  15.258  -5.218  1.00 34.28 ? 136 LYS A CE    1 
ATOM   949  N NZ    . LYS A 1 153 ? -0.456  15.890  -6.135  1.00 43.24 ? 136 LYS A NZ    1 
ATOM   950  N N     . PRO A 1 154 ? -7.950  13.334  -6.330  1.00 27.35 ? 137 PRO A N     1 
ATOM   951  C CA    . PRO A 1 154 ? -8.994  12.928  -7.278  1.00 20.71 ? 137 PRO A CA    1 
ATOM   952  C C     . PRO A 1 154 ? -8.406  12.352  -8.565  1.00 20.99 ? 137 PRO A C     1 
ATOM   953  O O     . PRO A 1 154 ? -7.588  13.005  -9.210  1.00 26.34 ? 137 PRO A O     1 
ATOM   954  C CB    . PRO A 1 154 ? -9.744  14.234  -7.557  1.00 23.86 ? 137 PRO A CB    1 
ATOM   955  C CG    . PRO A 1 154 ? -9.500  15.071  -6.350  1.00 23.43 ? 137 PRO A CG    1 
ATOM   956  C CD    . PRO A 1 154 ? -8.109  14.735  -5.902  1.00 17.91 ? 137 PRO A CD    1 
ATOM   957  N N     . GLY A 1 155 ? -8.816  11.139  -8.921  1.00 23.47 ? 138 GLY A N     1 
ATOM   958  C CA    . GLY A 1 155 ? -8.352  10.508  -10.144 1.00 21.46 ? 138 GLY A CA    1 
ATOM   959  C C     . GLY A 1 155 ? -7.192  9.551   -9.936  1.00 24.43 ? 138 GLY A C     1 
ATOM   960  O O     . GLY A 1 155 ? -6.749  8.892   -10.876 1.00 18.36 ? 138 GLY A O     1 
ATOM   961  N N     . ALA A 1 156 ? -6.699  9.474   -8.703  1.00 19.43 ? 139 ALA A N     1 
ATOM   962  C CA    . ALA A 1 156 ? -5.585  8.589   -8.378  1.00 17.18 ? 139 ALA A CA    1 
ATOM   963  C C     . ALA A 1 156 ? -6.014  7.124   -8.397  1.00 21.32 ? 139 ALA A C     1 
ATOM   964  O O     . ALA A 1 156 ? -7.098  6.783   -7.921  1.00 19.40 ? 139 ALA A O     1 
ATOM   965  C CB    . ALA A 1 156 ? -5.001  8.951   -7.021  1.00 16.86 ? 139 ALA A CB    1 
ATOM   966  N N     . PRO A 1 157 ? -5.164  6.252   -8.961  1.00 18.27 ? 140 PRO A N     1 
ATOM   967  C CA    . PRO A 1 157 ? -5.432  4.811   -9.025  1.00 18.33 ? 140 PRO A CA    1 
ATOM   968  C C     . PRO A 1 157 ? -5.141  4.085   -7.713  1.00 20.42 ? 140 PRO A C     1 
ATOM   969  O O     . PRO A 1 157 ? -4.150  4.383   -7.048  1.00 16.54 ? 140 PRO A O     1 
ATOM   970  C CB    . PRO A 1 157 ? -4.478  4.321   -10.126 1.00 16.24 ? 140 PRO A CB    1 
ATOM   971  C CG    . PRO A 1 157 ? -3.971  5.560   -10.809 1.00 17.79 ? 140 PRO A CG    1 
ATOM   972  C CD    . PRO A 1 157 ? -3.989  6.620   -9.765  1.00 14.76 ? 140 PRO A CD    1 
ATOM   973  N N     . LEU A 1 158 ? -6.007  3.142   -7.355  1.00 21.30 ? 141 LEU A N     1 
ATOM   974  C CA    . LEU A 1 158 ? -5.759  2.252   -6.226  1.00 16.67 ? 141 LEU A CA    1 
ATOM   975  C C     . LEU A 1 158 ? -5.398  0.864   -6.736  1.00 20.77 ? 141 LEU A C     1 
ATOM   976  O O     . LEU A 1 158 ? -6.142  0.271   -7.515  1.00 17.87 ? 141 LEU A O     1 
ATOM   977  C CB    . LEU A 1 158 ? -6.978  2.173   -5.306  1.00 14.69 ? 141 LEU A CB    1 
ATOM   978  C CG    . LEU A 1 158 ? -6.949  1.079   -4.236  1.00 12.48 ? 141 LEU A CG    1 
ATOM   979  C CD1   . LEU A 1 158 ? -5.791  1.289   -3.274  1.00 16.09 ? 141 LEU A CD1   1 
ATOM   980  C CD2   . LEU A 1 158 ? -8.271  1.025   -3.483  1.00 17.06 ? 141 LEU A CD2   1 
ATOM   981  N N     . GLU A 1 159 ? -4.256  0.349   -6.296  1.00 20.65 ? 142 GLU A N     1 
ATOM   982  C CA    . GLU A 1 159 ? -3.801  -0.966  -6.727  1.00 19.63 ? 142 GLU A CA    1 
ATOM   983  C C     . GLU A 1 159 ? -3.699  -1.934  -5.555  1.00 20.70 ? 142 GLU A C     1 
ATOM   984  O O     . GLU A 1 159 ? -2.791  -1.831  -4.730  1.00 24.17 ? 142 GLU A O     1 
ATOM   985  C CB    . GLU A 1 159 ? -2.450  -0.859  -7.438  1.00 31.32 ? 142 GLU A CB    1 
ATOM   986  C CG    . GLU A 1 159 ? -2.506  -0.154  -8.786  1.00 33.70 ? 142 GLU A CG    1 
ATOM   987  C CD    . GLU A 1 159 ? -3.040  -1.044  -9.894  1.00 45.69 ? 142 GLU A CD    1 
ATOM   988  O OE1   . GLU A 1 159 ? -3.331  -2.229  -9.625  1.00 43.97 ? 142 GLU A OE1   1 
ATOM   989  O OE2   . GLU A 1 159 ? -3.168  -0.557  -11.037 1.00 48.86 ? 142 GLU A OE2   1 
ATOM   990  N N     . ILE A 1 160 ? -4.637  -2.871  -5.488  1.00 21.14 ? 143 ILE A N     1 
ATOM   991  C CA    . ILE A 1 160 ? -4.629  -3.890  -4.446  1.00 21.28 ? 143 ILE A CA    1 
ATOM   992  C C     . ILE A 1 160 ? -4.228  -5.244  -5.020  1.00 19.23 ? 143 ILE A C     1 
ATOM   993  O O     . ILE A 1 160 ? -4.863  -5.747  -5.947  1.00 18.72 ? 143 ILE A O     1 
ATOM   994  C CB    . ILE A 1 160 ? -6.004  -4.016  -3.764  1.00 23.20 ? 143 ILE A CB    1 
ATOM   995  C CG1   . ILE A 1 160 ? -6.474  -2.652  -3.253  1.00 13.42 ? 143 ILE A CG1   1 
ATOM   996  C CG2   . ILE A 1 160 ? -5.945  -5.029  -2.630  1.00 16.58 ? 143 ILE A CG2   1 
ATOM   997  C CD1   . ILE A 1 160 ? -7.829  -2.685  -2.582  1.00 14.59 ? 143 ILE A CD1   1 
ATOM   998  N N     . SER A 1 161 ? -3.169  -5.827  -4.467  1.00 19.95 ? 144 SER A N     1 
ATOM   999  C CA    . SER A 1 161 ? -2.697  -7.133  -4.908  1.00 19.51 ? 144 SER A CA    1 
ATOM   1000 C C     . SER A 1 161 ? -2.671  -8.117  -3.745  1.00 22.78 ? 144 SER A C     1 
ATOM   1001 O O     . SER A 1 161 ? -2.016  -7.876  -2.731  1.00 25.55 ? 144 SER A O     1 
ATOM   1002 C CB    . SER A 1 161 ? -1.306  -7.021  -5.534  1.00 18.59 ? 144 SER A CB    1 
ATOM   1003 O OG    . SER A 1 161 ? -1.332  -6.209  -6.695  1.00 27.87 ? 144 SER A OG    1 
ATOM   1004 N N     . ILE A 1 162 ? -3.389  -9.226  -3.895  1.00 20.38 ? 145 ILE A N     1 
ATOM   1005 C CA    . ILE A 1 162 ? -3.474  -10.231 -2.842  1.00 26.58 ? 145 ILE A CA    1 
ATOM   1006 C C     . ILE A 1 162 ? -3.101  -11.620 -3.353  1.00 30.18 ? 145 ILE A C     1 
ATOM   1007 O O     . ILE A 1 162 ? -3.654  -12.096 -4.344  1.00 26.64 ? 145 ILE A O     1 
ATOM   1008 C CB    . ILE A 1 162 ? -4.891  -10.288 -2.233  1.00 27.21 ? 145 ILE A CB    1 
ATOM   1009 C CG1   . ILE A 1 162 ? -5.264  -8.940  -1.614  1.00 22.52 ? 145 ILE A CG1   1 
ATOM   1010 C CG2   . ILE A 1 162 ? -4.985  -11.396 -1.194  1.00 22.47 ? 145 ILE A CG2   1 
ATOM   1011 C CD1   . ILE A 1 162 ? -6.653  -8.908  -1.014  1.00 22.78 ? 145 ILE A CD1   1 
ATOM   1012 N N     . GLY A 1 163 ? -2.157  -12.264 -2.673  1.00 31.70 ? 146 GLY A N     1 
ATOM   1013 C CA    . GLY A 1 163 ? -1.808  -13.639 -2.977  1.00 25.78 ? 146 GLY A CA    1 
ATOM   1014 C C     . GLY A 1 163 ? -2.932  -14.561 -2.549  1.00 31.61 ? 146 GLY A C     1 
ATOM   1015 O O     . GLY A 1 163 ? -3.487  -14.406 -1.463  1.00 29.47 ? 146 GLY A O     1 
ATOM   1016 N N     . THR A 1 164 ? -3.271  -15.522 -3.401  1.00 31.82 ? 147 THR A N     1 
ATOM   1017 C CA    . THR A 1 164 ? -4.416  -16.390 -3.150  1.00 30.69 ? 147 THR A CA    1 
ATOM   1018 C C     . THR A 1 164 ? -4.034  -17.669 -2.412  1.00 28.18 ? 147 THR A C     1 
ATOM   1019 O O     . THR A 1 164 ? -4.869  -18.553 -2.220  1.00 32.07 ? 147 THR A O     1 
ATOM   1020 C CB    . THR A 1 164 ? -5.125  -16.773 -4.461  1.00 30.21 ? 147 THR A CB    1 
ATOM   1021 O OG1   . THR A 1 164 ? -4.211  -17.476 -5.311  1.00 32.43 ? 147 THR A OG1   1 
ATOM   1022 C CG2   . THR A 1 164 ? -5.623  -15.529 -5.178  1.00 26.41 ? 147 THR A CG2   1 
ATOM   1023 N N     . SER A 1 165 ? -2.776  -17.768 -2.000  1.00 28.36 ? 148 SER A N     1 
ATOM   1024 C CA    . SER A 1 165 ? -2.318  -18.935 -1.254  1.00 27.19 ? 148 SER A CA    1 
ATOM   1025 C C     . SER A 1 165 ? -2.678  -18.809 0.221   1.00 28.17 ? 148 SER A C     1 
ATOM   1026 O O     . SER A 1 165 ? -2.604  -19.781 0.973   1.00 33.20 ? 148 SER A O     1 
ATOM   1027 C CB    . SER A 1 165 ? -0.810  -19.124 -1.414  1.00 26.02 ? 148 SER A CB    1 
ATOM   1028 O OG    . SER A 1 165 ? -0.099  -18.009 -0.907  1.00 39.89 ? 148 SER A OG    1 
ATOM   1029 N N     . ILE A 1 166 ? -3.075  -17.608 0.630   1.00 25.86 ? 149 ILE A N     1 
ATOM   1030 C CA    . ILE A 1 166 ? -3.459  -17.363 2.015   1.00 33.33 ? 149 ILE A CA    1 
ATOM   1031 C C     . ILE A 1 166 ? -4.824  -17.969 2.327   1.00 34.05 ? 149 ILE A C     1 
ATOM   1032 O O     . ILE A 1 166 ? -5.241  -18.014 3.481   1.00 38.09 ? 149 ILE A O     1 
ATOM   1033 C CB    . ILE A 1 166 ? -3.487  -15.858 2.341   1.00 31.42 ? 149 ILE A CB    1 
ATOM   1034 C CG1   . ILE A 1 166 ? -4.537  -15.143 1.490   1.00 34.12 ? 149 ILE A CG1   1 
ATOM   1035 C CG2   . ILE A 1 166 ? -2.111  -15.242 2.136   1.00 30.05 ? 149 ILE A CG2   1 
ATOM   1036 C CD1   . ILE A 1 166 ? -4.642  -13.660 1.770   1.00 36.78 ? 149 ILE A CD1   1 
ATOM   1037 N N     . TRP A 1 167 ? -5.522  -18.428 1.293   1.00 31.79 ? 150 TRP A N     1 
ATOM   1038 C CA    . TRP A 1 167 ? -6.777  -19.141 1.489   1.00 29.65 ? 150 TRP A CA    1 
ATOM   1039 C C     . TRP A 1 167 ? -6.552  -20.643 1.363   1.00 33.90 ? 150 TRP A C     1 
ATOM   1040 O O     . TRP A 1 167 ? -7.486  -21.410 1.127   1.00 46.74 ? 150 TRP A O     1 
ATOM   1041 C CB    . TRP A 1 167 ? -7.839  -18.663 0.498   1.00 37.97 ? 150 TRP A CB    1 
ATOM   1042 C CG    . TRP A 1 167 ? -8.586  -17.461 0.989   1.00 35.33 ? 150 TRP A CG    1 
ATOM   1043 C CD1   . TRP A 1 167 ? -9.567  -17.438 1.937   1.00 33.20 ? 150 TRP A CD1   1 
ATOM   1044 C CD2   . TRP A 1 167 ? -8.406  -16.105 0.565   1.00 33.27 ? 150 TRP A CD2   1 
ATOM   1045 N NE1   . TRP A 1 167 ? -10.012 -16.153 2.128   1.00 33.66 ? 150 TRP A NE1   1 
ATOM   1046 C CE2   . TRP A 1 167 ? -9.316  -15.315 1.297   1.00 38.65 ? 150 TRP A CE2   1 
ATOM   1047 C CE3   . TRP A 1 167 ? -7.566  -15.481 -0.363  1.00 35.90 ? 150 TRP A CE3   1 
ATOM   1048 C CZ2   . TRP A 1 167 ? -9.409  -13.934 1.130   1.00 34.43 ? 150 TRP A CZ2   1 
ATOM   1049 C CZ3   . TRP A 1 167 ? -7.661  -14.110 -0.528  1.00 40.31 ? 150 TRP A CZ3   1 
ATOM   1050 C CH2   . TRP A 1 167 ? -8.576  -13.353 0.216   1.00 36.25 ? 150 TRP A CH2   1 
ATOM   1051 N N     . ARG A 1 168 ? -5.297  -21.048 1.520   1.00 34.34 ? 151 ARG A N     1 
ATOM   1052 C CA    . ARG A 1 168 ? -4.935  -22.457 1.596   1.00 40.50 ? 151 ARG A CA    1 
ATOM   1053 C C     . ARG A 1 168 ? -4.301  -22.722 2.957   1.00 43.21 ? 151 ARG A C     1 
ATOM   1054 O O     . ARG A 1 168 ? -3.416  -21.981 3.385   1.00 37.81 ? 151 ARG A O     1 
ATOM   1055 C CB    . ARG A 1 168 ? -3.977  -22.837 0.465   1.00 37.16 ? 151 ARG A CB    1 
ATOM   1056 C CG    . ARG A 1 168 ? -4.487  -22.489 -0.927  1.00 39.98 ? 151 ARG A CG    1 
ATOM   1057 C CD    . ARG A 1 168 ? -5.734  -23.285 -1.278  1.00 49.77 ? 151 ARG A CD    1 
ATOM   1058 N NE    . ARG A 1 168 ? -6.850  -22.420 -1.652  1.00 52.14 ? 151 ARG A NE    1 
ATOM   1059 C CZ    . ARG A 1 168 ? -8.041  -22.863 -2.043  1.00 49.84 ? 151 ARG A CZ    1 
ATOM   1060 N NH1   . ARG A 1 168 ? -8.275  -24.166 -2.116  1.00 56.38 ? 151 ARG A NH1   1 
ATOM   1061 N NH2   . ARG A 1 168 ? -8.998  -22.004 -2.362  1.00 51.87 ? 151 ARG A NH2   1 
ATOM   1062 N N     . GLU A 1 169 ? -4.763  -23.769 3.635   1.00 45.36 ? 152 GLU A N     1 
ATOM   1063 C CA    . GLU A 1 169 ? -4.313  -24.072 4.992   1.00 38.78 ? 152 GLU A CA    1 
ATOM   1064 C C     . GLU A 1 169 ? -2.798  -24.249 5.071   1.00 33.14 ? 152 GLU A C     1 
ATOM   1065 O O     . GLU A 1 169 ? -2.201  -24.881 4.199   1.00 34.26 ? 152 GLU A O     1 
ATOM   1066 C CB    . GLU A 1 169 ? -5.016  -25.327 5.521   1.00 38.75 ? 152 GLU A CB    1 
ATOM   1067 C CG    . GLU A 1 169 ? -6.521  -25.172 5.715   1.00 46.30 ? 152 GLU A CG    1 
ATOM   1068 C CD    . GLU A 1 169 ? -6.887  -24.290 6.900   1.00 55.99 ? 152 GLU A CD    1 
ATOM   1069 O OE1   . GLU A 1 169 ? -5.977  -23.859 7.641   1.00 49.80 ? 152 GLU A OE1   1 
ATOM   1070 O OE2   . GLU A 1 169 ? -8.093  -24.025 7.090   1.00 54.28 ? 152 GLU A OE2   1 
ATOM   1071 N N     . PRO A 1 170 ? -2.170  -23.687 6.118   1.00 40.87 ? 153 PRO A N     1 
ATOM   1072 C CA    . PRO A 1 170 ? -2.806  -22.942 7.213   1.00 46.12 ? 153 PRO A CA    1 
ATOM   1073 C C     . PRO A 1 170 ? -3.260  -21.535 6.819   1.00 44.44 ? 153 PRO A C     1 
ATOM   1074 O O     . PRO A 1 170 ? -2.459  -20.722 6.359   1.00 40.47 ? 153 PRO A O     1 
ATOM   1075 C CB    . PRO A 1 170 ? -1.702  -22.873 8.272   1.00 44.05 ? 153 PRO A CB    1 
ATOM   1076 C CG    . PRO A 1 170 ? -0.441  -22.912 7.489   1.00 38.96 ? 153 PRO A CG    1 
ATOM   1077 C CD    . PRO A 1 170 ? -0.713  -23.808 6.311   1.00 42.81 ? 153 PRO A CD    1 
ATOM   1078 N N     . ILE A 1 171 ? -4.549  -21.266 7.001   1.00 36.42 ? 154 ILE A N     1 
ATOM   1079 C CA    . ILE A 1 171 ? -5.123  -19.968 6.673   1.00 32.50 ? 154 ILE A CA    1 
ATOM   1080 C C     . ILE A 1 171 ? -4.935  -18.983 7.822   1.00 34.34 ? 154 ILE A C     1 
ATOM   1081 O O     . ILE A 1 171 ? -5.326  -19.271 8.952   1.00 30.26 ? 154 ILE A O     1 
ATOM   1082 C CB    . ILE A 1 171 ? -6.625  -20.086 6.348   1.00 34.90 ? 154 ILE A CB    1 
ATOM   1083 C CG1   . ILE A 1 171 ? -6.851  -21.103 5.228   1.00 36.29 ? 154 ILE A CG1   1 
ATOM   1084 C CG2   . ILE A 1 171 ? -7.201  -18.729 5.971   1.00 31.07 ? 154 ILE A CG2   1 
ATOM   1085 C CD1   . ILE A 1 171 ? -8.303  -21.270 4.837   1.00 27.73 ? 154 ILE A CD1   1 
ATOM   1086 N N     . PRO A 1 172 ? -4.325  -17.819 7.534   1.00 31.65 ? 155 PRO A N     1 
ATOM   1087 C CA    . PRO A 1 172 ? -4.086  -16.750 8.510   1.00 23.75 ? 155 PRO A CA    1 
ATOM   1088 C C     . PRO A 1 172 ? -5.322  -16.417 9.340   1.00 23.39 ? 155 PRO A C     1 
ATOM   1089 O O     . PRO A 1 172 ? -6.438  -16.415 8.818   1.00 23.17 ? 155 PRO A O     1 
ATOM   1090 C CB    . PRO A 1 172 ? -3.684  -15.565 7.632   1.00 29.95 ? 155 PRO A CB    1 
ATOM   1091 C CG    . PRO A 1 172 ? -3.020  -16.197 6.464   1.00 30.64 ? 155 PRO A CG    1 
ATOM   1092 C CD    . PRO A 1 172 ? -3.764  -17.484 6.212   1.00 31.26 ? 155 PRO A CD    1 
ATOM   1093 N N     . LEU A 1 173 ? -5.108  -16.141 10.622  1.00 27.90 ? 156 LEU A N     1 
ATOM   1094 C CA    . LEU A 1 173 ? -6.189  -15.928 11.578  1.00 21.32 ? 156 LEU A CA    1 
ATOM   1095 C C     . LEU A 1 173 ? -7.135  -14.798 11.181  1.00 24.01 ? 156 LEU A C     1 
ATOM   1096 O O     . LEU A 1 173 ? -8.342  -14.883 11.408  1.00 22.56 ? 156 LEU A O     1 
ATOM   1097 C CB    . LEU A 1 173 ? -5.605  -15.647 12.965  1.00 21.18 ? 156 LEU A CB    1 
ATOM   1098 C CG    . LEU A 1 173 ? -6.591  -15.394 14.107  1.00 20.68 ? 156 LEU A CG    1 
ATOM   1099 C CD1   . LEU A 1 173 ? -7.501  -16.593 14.310  1.00 20.47 ? 156 LEU A CD1   1 
ATOM   1100 C CD2   . LEU A 1 173 ? -5.842  -15.066 15.386  1.00 22.19 ? 156 LEU A CD2   1 
ATOM   1101 N N     . GLU A 1 174 ? -6.588  -13.747 10.581  1.00 22.21 ? 157 GLU A N     1 
ATOM   1102 C CA    . GLU A 1 174 ? -7.369  -12.553 10.273  1.00 23.15 ? 157 GLU A CA    1 
ATOM   1103 C C     . GLU A 1 174 ? -8.366  -12.758 9.131   1.00 20.16 ? 157 GLU A C     1 
ATOM   1104 O O     . GLU A 1 174 ? -9.206  -11.894 8.878   1.00 20.11 ? 157 GLU A O     1 
ATOM   1105 C CB    . GLU A 1 174 ? -6.437  -11.383 9.936   1.00 21.82 ? 157 GLU A CB    1 
ATOM   1106 C CG    . GLU A 1 174 ? -5.442  -11.658 8.818   1.00 24.99 ? 157 GLU A CG    1 
ATOM   1107 C CD    . GLU A 1 174 ? -4.137  -12.250 9.321   1.00 24.82 ? 157 GLU A CD    1 
ATOM   1108 O OE1   . GLU A 1 174 ? -4.179  -13.138 10.196  1.00 19.58 ? 157 GLU A OE1   1 
ATOM   1109 O OE2   . GLU A 1 174 ? -3.067  -11.820 8.840   1.00 26.23 ? 157 GLU A OE2   1 
ATOM   1110 N N     . ILE A 1 175 ? -8.283  -13.895 8.448   1.00 20.64 ? 158 ILE A N     1 
ATOM   1111 C CA    . ILE A 1 175 ? -9.154  -14.152 7.303   1.00 24.35 ? 158 ILE A CA    1 
ATOM   1112 C C     . ILE A 1 175 ? -9.745  -15.560 7.290   1.00 27.27 ? 158 ILE A C     1 
ATOM   1113 O O     . ILE A 1 175 ? -10.466 -15.921 6.361   1.00 30.48 ? 158 ILE A O     1 
ATOM   1114 C CB    . ILE A 1 175 ? -8.406  -13.945 5.974   1.00 22.40 ? 158 ILE A CB    1 
ATOM   1115 C CG1   . ILE A 1 175 ? -7.080  -14.708 5.996   1.00 27.48 ? 158 ILE A CG1   1 
ATOM   1116 C CG2   . ILE A 1 175 ? -8.165  -12.466 5.717   1.00 25.24 ? 158 ILE A CG2   1 
ATOM   1117 C CD1   . ILE A 1 175 ? -6.500  -14.960 4.629   1.00 28.93 ? 158 ILE A CD1   1 
ATOM   1118 N N     . ARG A 1 176 ? -9.447  -16.350 8.315   1.00 29.96 ? 159 ARG A N     1 
ATOM   1119 C CA    . ARG A 1 176 ? -9.834  -17.760 8.317   1.00 36.32 ? 159 ARG A CA    1 
ATOM   1120 C C     . ARG A 1 176 ? -11.328 -17.972 8.567   1.00 32.23 ? 159 ARG A C     1 
ATOM   1121 O O     . ARG A 1 176 ? -11.812 -19.103 8.529   1.00 35.01 ? 159 ARG A O     1 
ATOM   1122 C CB    . ARG A 1 176 ? -9.019  -18.533 9.358   1.00 33.20 ? 159 ARG A CB    1 
ATOM   1123 C CG    . ARG A 1 176 ? -9.423  -18.279 10.798  1.00 29.31 ? 159 ARG A CG    1 
ATOM   1124 C CD    . ARG A 1 176 ? -8.502  -19.020 11.755  1.00 38.09 ? 159 ARG A CD    1 
ATOM   1125 N NE    . ARG A 1 176 ? -8.495  -20.460 11.510  1.00 43.35 ? 159 ARG A NE    1 
ATOM   1126 C CZ    . ARG A 1 176 ? -9.048  -21.359 12.318  1.00 48.08 ? 159 ARG A CZ    1 
ATOM   1127 N NH1   . ARG A 1 176 ? -9.653  -20.970 13.432  1.00 42.00 ? 159 ARG A NH1   1 
ATOM   1128 N NH2   . ARG A 1 176 ? -8.992  -22.649 12.015  1.00 48.94 ? 159 ARG A NH2   1 
ATOM   1129 N N     . ASP A 1 177 ? -12.055 -16.888 8.819   1.00 30.62 ? 160 ASP A N     1 
ATOM   1130 C CA    . ASP A 1 177 ? -13.500 -16.969 9.002   1.00 30.23 ? 160 ASP A CA    1 
ATOM   1131 C C     . ASP A 1 177 ? -14.227 -16.338 7.819   1.00 34.61 ? 160 ASP A C     1 
ATOM   1132 O O     . ASP A 1 177 ? -15.429 -16.076 7.880   1.00 36.78 ? 160 ASP A O     1 
ATOM   1133 C CB    . ASP A 1 177 ? -13.920 -16.290 10.305  1.00 23.38 ? 160 ASP A CB    1 
ATOM   1134 C CG    . ASP A 1 177 ? -13.623 -14.803 10.311  1.00 27.74 ? 160 ASP A CG    1 
ATOM   1135 O OD1   . ASP A 1 177 ? -12.454 -14.431 10.544  1.00 33.19 ? 160 ASP A OD1   1 
ATOM   1136 O OD2   . ASP A 1 177 ? -14.559 -14.008 10.087  1.00 27.75 ? 160 ASP A OD2   1 
ATOM   1137 N N     . LEU A 1 178 ? -13.486 -16.097 6.742   1.00 33.53 ? 161 LEU A N     1 
ATOM   1138 C CA    . LEU A 1 178 ? -14.044 -15.484 5.544   1.00 36.00 ? 161 LEU A CA    1 
ATOM   1139 C C     . LEU A 1 178 ? -13.794 -16.358 4.319   1.00 37.05 ? 161 LEU A C     1 
ATOM   1140 O O     . LEU A 1 178 ? -12.703 -16.905 4.158   1.00 33.84 ? 161 LEU A O     1 
ATOM   1141 C CB    . LEU A 1 178 ? -13.442 -14.093 5.327   1.00 30.06 ? 161 LEU A CB    1 
ATOM   1142 C CG    . LEU A 1 178 ? -13.461 -13.136 6.520   1.00 27.98 ? 161 LEU A CG    1 
ATOM   1143 C CD1   . LEU A 1 178 ? -12.778 -11.826 6.165   1.00 24.65 ? 161 LEU A CD1   1 
ATOM   1144 C CD2   . LEU A 1 178 ? -14.885 -12.891 6.990   1.00 29.60 ? 161 LEU A CD2   1 
ATOM   1145 N N     . PRO A 1 179 ? -14.809 -16.493 3.452   1.00 37.70 ? 162 PRO A N     1 
ATOM   1146 C CA    . PRO A 1 179 ? -14.653 -17.249 2.204   1.00 37.60 ? 162 PRO A CA    1 
ATOM   1147 C C     . PRO A 1 179 ? -13.629 -16.595 1.284   1.00 38.64 ? 162 PRO A C     1 
ATOM   1148 O O     . PRO A 1 179 ? -13.367 -15.399 1.420   1.00 40.89 ? 162 PRO A O     1 
ATOM   1149 C CB    . PRO A 1 179 ? -16.057 -17.209 1.589   1.00 37.73 ? 162 PRO A CB    1 
ATOM   1150 C CG    . PRO A 1 179 ? -16.704 -16.009 2.195   1.00 31.47 ? 162 PRO A CG    1 
ATOM   1151 C CD    . PRO A 1 179 ? -16.161 -15.926 3.590   1.00 38.72 ? 162 PRO A CD    1 
ATOM   1152 N N     . GLU A 1 180 ? -13.057 -17.370 0.366   1.00 32.15 ? 163 GLU A N     1 
ATOM   1153 C CA    . GLU A 1 180 ? -12.018 -16.865 -0.526  1.00 30.35 ? 163 GLU A CA    1 
ATOM   1154 C C     . GLU A 1 180 ? -12.529 -15.722 -1.397  1.00 30.94 ? 163 GLU A C     1 
ATOM   1155 O O     . GLU A 1 180 ? -13.649 -15.766 -1.906  1.00 29.51 ? 163 GLU A O     1 
ATOM   1156 C CB    . GLU A 1 180 ? -11.473 -17.990 -1.408  1.00 31.21 ? 163 GLU A CB    1 
ATOM   1157 C CG    . GLU A 1 180 ? -10.313 -17.566 -2.297  1.00 36.40 ? 163 GLU A CG    1 
ATOM   1158 C CD    . GLU A 1 180 ? -9.789  -18.698 -3.158  1.00 48.74 ? 163 GLU A CD    1 
ATOM   1159 O OE1   . GLU A 1 180 ? -9.989  -19.871 -2.782  1.00 51.34 ? 163 GLU A OE1   1 
ATOM   1160 O OE2   . GLU A 1 180 ? -9.177  -18.413 -4.209  1.00 52.27 ? 163 GLU A OE2   1 
ATOM   1161 N N     . LEU A 1 181 ? -11.698 -14.698 -1.557  1.00 28.81 ? 164 LEU A N     1 
ATOM   1162 C CA    . LEU A 1 181 ? -12.056 -13.540 -2.366  1.00 31.65 ? 164 LEU A CA    1 
ATOM   1163 C C     . LEU A 1 181 ? -11.666 -13.759 -3.825  1.00 24.16 ? 164 LEU A C     1 
ATOM   1164 O O     . LEU A 1 181 ? -10.485 -13.786 -4.169  1.00 27.06 ? 164 LEU A O     1 
ATOM   1165 C CB    . LEU A 1 181 ? -11.388 -12.277 -1.819  1.00 32.25 ? 164 LEU A CB    1 
ATOM   1166 C CG    . LEU A 1 181 ? -11.920 -10.938 -2.330  1.00 23.71 ? 164 LEU A CG    1 
ATOM   1167 C CD1   . LEU A 1 181 ? -13.422 -10.849 -2.122  1.00 20.90 ? 164 LEU A CD1   1 
ATOM   1168 C CD2   . LEU A 1 181 ? -11.214 -9.787  -1.632  1.00 22.50 ? 164 LEU A CD2   1 
ATOM   1169 N N     . THR A 1 182 ? -12.674 -13.923 -4.677  1.00 27.92 ? 165 THR A N     1 
ATOM   1170 C CA    . THR A 1 182 ? -12.462 -14.169 -6.098  1.00 29.54 ? 165 THR A CA    1 
ATOM   1171 C C     . THR A 1 182 ? -13.055 -13.021 -6.915  1.00 29.45 ? 165 THR A C     1 
ATOM   1172 O O     . THR A 1 182 ? -13.842 -12.237 -6.385  1.00 30.10 ? 165 THR A O     1 
ATOM   1173 C CB    . THR A 1 182 ? -13.097 -15.510 -6.532  1.00 37.18 ? 165 THR A CB    1 
ATOM   1174 O OG1   . THR A 1 182 ? -14.525 -15.418 -6.453  1.00 30.90 ? 165 THR A OG1   1 
ATOM   1175 C CG2   . THR A 1 182 ? -12.609 -16.645 -5.642  1.00 34.97 ? 165 THR A CG2   1 
ATOM   1176 N N     . PRO A 1 183 ? -12.664 -12.900 -8.198  1.00 29.60 ? 166 PRO A N     1 
ATOM   1177 C CA    . PRO A 1 183 ? -13.263 -11.888 -9.078  1.00 28.43 ? 166 PRO A CA    1 
ATOM   1178 C C     . PRO A 1 183 ? -14.793 -11.905 -9.081  1.00 28.36 ? 166 PRO A C     1 
ATOM   1179 O O     . PRO A 1 183 ? -15.413 -10.846 -9.180  1.00 28.69 ? 166 PRO A O     1 
ATOM   1180 C CB    . PRO A 1 183 ? -12.714 -12.265 -10.454 1.00 28.33 ? 166 PRO A CB    1 
ATOM   1181 C CG    . PRO A 1 183 ? -11.376 -12.836 -10.156 1.00 28.09 ? 166 PRO A CG    1 
ATOM   1182 C CD    . PRO A 1 183 ? -11.515 -13.566 -8.842  1.00 28.33 ? 166 PRO A CD    1 
ATOM   1183 N N     . GLU A 1 184 ? -15.389 -13.089 -8.970  1.00 29.65 ? 167 GLU A N     1 
ATOM   1184 C CA    . GLU A 1 184 ? -16.842 -13.210 -8.920  1.00 30.88 ? 167 GLU A CA    1 
ATOM   1185 C C     . GLU A 1 184 ? -17.374 -12.827 -7.544  1.00 27.15 ? 167 GLU A C     1 
ATOM   1186 O O     . GLU A 1 184 ? -18.414 -12.182 -7.424  1.00 27.97 ? 167 GLU A O     1 
ATOM   1187 C CB    . GLU A 1 184 ? -17.282 -14.636 -9.267  1.00 32.79 ? 167 GLU A CB    1 
ATOM   1188 C CG    . GLU A 1 184 ? -17.005 -15.060 -10.702 1.00 39.73 ? 167 GLU A CG    1 
ATOM   1189 C CD    . GLU A 1 184 ? -15.558 -15.451 -10.937 1.00 55.02 ? 167 GLU A CD    1 
ATOM   1190 O OE1   . GLU A 1 184 ? -14.796 -15.544 -9.950  1.00 41.06 ? 167 GLU A OE1   1 
ATOM   1191 O OE2   . GLU A 1 184 ? -15.183 -15.669 -12.108 1.00 65.44 ? 167 GLU A OE2   1 
ATOM   1192 N N     . THR A 1 185 ? -16.646 -13.232 -6.508  1.00 32.74 ? 168 THR A N     1 
ATOM   1193 C CA    . THR A 1 185 ? -17.045 -12.994 -5.124  1.00 29.80 ? 168 THR A CA    1 
ATOM   1194 C C     . THR A 1 185 ? -17.026 -11.500 -4.783  1.00 28.48 ? 168 THR A C     1 
ATOM   1195 O O     . THR A 1 185 ? -17.851 -11.023 -4.001  1.00 28.52 ? 168 THR A O     1 
ATOM   1196 C CB    . THR A 1 185 ? -16.132 -13.779 -4.152  1.00 24.22 ? 168 THR A CB    1 
ATOM   1197 O OG1   . THR A 1 185 ? -16.511 -15.161 -4.160  1.00 28.37 ? 168 THR A OG1   1 
ATOM   1198 C CG2   . THR A 1 185 ? -16.247 -13.253 -2.731  1.00 31.25 ? 168 THR A CG2   1 
ATOM   1199 N N     . VAL A 1 186 ? -16.098 -10.765 -5.393  1.00 27.27 ? 169 VAL A N     1 
ATOM   1200 C CA    . VAL A 1 186 ? -15.939 -9.334  -5.136  1.00 33.77 ? 169 VAL A CA    1 
ATOM   1201 C C     . VAL A 1 186 ? -17.245 -8.544  -5.341  1.00 34.26 ? 169 VAL A C     1 
ATOM   1202 O O     . VAL A 1 186 ? -17.569 -7.653  -4.557  1.00 34.34 ? 169 VAL A O     1 
ATOM   1203 C CB    . VAL A 1 186 ? -14.813 -8.742  -6.023  1.00 27.19 ? 169 VAL A CB    1 
ATOM   1204 C CG1   . VAL A 1 186 ? -14.917 -7.226  -6.100  1.00 26.27 ? 169 VAL A CG1   1 
ATOM   1205 C CG2   . VAL A 1 186 ? -13.441 -9.158  -5.498  1.00 23.57 ? 169 VAL A CG2   1 
ATOM   1206 N N     . VAL A 1 187 ? -18.008 -8.890  -6.372  1.00 29.03 ? 170 VAL A N     1 
ATOM   1207 C CA    . VAL A 1 187 ? -19.255 -8.185  -6.656  1.00 34.79 ? 170 VAL A CA    1 
ATOM   1208 C C     . VAL A 1 187 ? -20.442 -8.808  -5.909  1.00 34.67 ? 170 VAL A C     1 
ATOM   1209 O O     . VAL A 1 187 ? -21.394 -8.100  -5.554  1.00 32.69 ? 170 VAL A O     1 
ATOM   1210 C CB    . VAL A 1 187 ? -19.557 -8.152  -8.185  1.00 39.99 ? 170 VAL A CB    1 
ATOM   1211 C CG1   . VAL A 1 187 ? -18.329 -8.559  -8.983  1.00 36.10 ? 170 VAL A CG1   1 
ATOM   1212 C CG2   . VAL A 1 187 ? -20.742 -9.056  -8.539  1.00 36.69 ? 170 VAL A CG2   1 
ATOM   1213 N N     . SER A 1 188 ? -20.386 -10.120 -5.668  1.00 35.88 ? 171 SER A N     1 
ATOM   1214 C CA    . SER A 1 188 ? -21.493 -10.817 -5.024  1.00 32.56 ? 171 SER A CA    1 
ATOM   1215 C C     . SER A 1 188 ? -21.584 -10.420 -3.557  1.00 30.19 ? 171 SER A C     1 
ATOM   1216 O O     . SER A 1 188 ? -22.675 -10.249 -3.018  1.00 34.90 ? 171 SER A O     1 
ATOM   1217 C CB    . SER A 1 188 ? -21.332 -12.330 -5.160  1.00 32.07 ? 171 SER A CB    1 
ATOM   1218 O OG    . SER A 1 188 ? -20.214 -12.797 -4.427  1.00 29.68 ? 171 SER A OG    1 
ATOM   1219 N N     . THR A 1 189 ? -20.429 -10.271 -2.917  1.00 27.41 ? 172 THR A N     1 
ATOM   1220 C CA    . THR A 1 189 ? -20.374 -9.860  -1.517  1.00 28.72 ? 172 THR A CA    1 
ATOM   1221 C C     . THR A 1 189 ? -20.599 -8.359  -1.367  1.00 32.18 ? 172 THR A C     1 
ATOM   1222 O O     . THR A 1 189 ? -20.587 -7.831  -0.256  1.00 27.62 ? 172 THR A O     1 
ATOM   1223 C CB    . THR A 1 189 ? -19.027 -10.232 -0.867  1.00 30.60 ? 172 THR A CB    1 
ATOM   1224 O OG1   . THR A 1 189 ? -17.954 -9.699  -1.652  1.00 30.19 ? 172 THR A OG1   1 
ATOM   1225 C CG2   . THR A 1 189 ? -18.882 -11.741 -0.771  1.00 19.32 ? 172 THR A CG2   1 
ATOM   1226 N N     . GLY A 1 190 ? -20.799 -7.674  -2.489  1.00 30.51 ? 173 GLY A N     1 
ATOM   1227 C CA    . GLY A 1 190 ? -21.081 -6.251  -2.476  1.00 26.00 ? 173 GLY A CA    1 
ATOM   1228 C C     . GLY A 1 190 ? -19.864 -5.387  -2.208  1.00 32.67 ? 173 GLY A C     1 
ATOM   1229 O O     . GLY A 1 190 ? -19.992 -4.227  -1.813  1.00 33.88 ? 173 GLY A O     1 
ATOM   1230 N N     . LEU A 1 191 ? -18.679 -5.949  -2.425  1.00 24.50 ? 174 LEU A N     1 
ATOM   1231 C CA    . LEU A 1 191 ? -17.438 -5.212  -2.215  1.00 24.21 ? 174 LEU A CA    1 
ATOM   1232 C C     . LEU A 1 191 ? -17.272 -4.110  -3.258  1.00 24.07 ? 174 LEU A C     1 
ATOM   1233 O O     . LEU A 1 191 ? -16.715 -3.050  -2.970  1.00 23.41 ? 174 LEU A O     1 
ATOM   1234 C CB    . LEU A 1 191 ? -16.237 -6.161  -2.247  1.00 21.58 ? 174 LEU A CB    1 
ATOM   1235 C CG    . LEU A 1 191 ? -14.861 -5.559  -1.972  1.00 22.74 ? 174 LEU A CG    1 
ATOM   1236 C CD1   . LEU A 1 191 ? -14.869 -4.809  -0.654  1.00 23.77 ? 174 LEU A CD1   1 
ATOM   1237 C CD2   . LEU A 1 191 ? -13.793 -6.642  -1.972  1.00 32.70 ? 174 LEU A CD2   1 
ATOM   1238 N N     . THR A 1 192 ? -17.762 -4.367  -4.467  1.00 32.28 ? 175 THR A N     1 
ATOM   1239 C CA    . THR A 1 192 ? -17.713 -3.386  -5.547  1.00 28.64 ? 175 THR A CA    1 
ATOM   1240 C C     . THR A 1 192 ? -18.493 -2.126  -5.184  1.00 26.34 ? 175 THR A C     1 
ATOM   1241 O O     . THR A 1 192 ? -17.996 -1.010  -5.335  1.00 24.32 ? 175 THR A O     1 
ATOM   1242 C CB    . THR A 1 192 ? -18.273 -3.967  -6.862  1.00 23.60 ? 175 THR A CB    1 
ATOM   1243 O OG1   . THR A 1 192 ? -17.361 -4.943  -7.382  1.00 35.10 ? 175 THR A OG1   1 
ATOM   1244 C CG2   . THR A 1 192 ? -18.466 -2.869  -7.896  1.00 26.24 ? 175 THR A CG2   1 
ATOM   1245 N N     . ASP A 1 193 ? -19.715 -2.313  -4.696  1.00 26.43 ? 176 ASP A N     1 
ATOM   1246 C CA    . ASP A 1 193 ? -20.578 -1.191  -4.346  1.00 30.23 ? 176 ASP A CA    1 
ATOM   1247 C C     . ASP A 1 193 ? -20.118 -0.491  -3.069  1.00 27.07 ? 176 ASP A C     1 
ATOM   1248 O O     . ASP A 1 193 ? -20.318 0.713   -2.912  1.00 30.01 ? 176 ASP A O     1 
ATOM   1249 C CB    . ASP A 1 193 ? -22.027 -1.660  -4.195  1.00 35.98 ? 176 ASP A CB    1 
ATOM   1250 C CG    . ASP A 1 193 ? -22.648 -2.059  -5.519  1.00 50.68 ? 176 ASP A CG    1 
ATOM   1251 O OD1   . ASP A 1 193 ? -22.179 -1.568  -6.569  1.00 47.30 ? 176 ASP A OD1   1 
ATOM   1252 O OD2   . ASP A 1 193 ? -23.606 -2.860  -5.512  1.00 72.78 ? 176 ASP A OD2   1 
ATOM   1253 N N     . ARG A 1 194 ? -19.507 -1.243  -2.159  1.00 28.60 ? 177 ARG A N     1 
ATOM   1254 C CA    . ARG A 1 194 ? -18.985 -0.654  -0.930  1.00 26.16 ? 177 ARG A CA    1 
ATOM   1255 C C     . ARG A 1 194 ? -17.773 0.222   -1.231  1.00 26.94 ? 177 ARG A C     1 
ATOM   1256 O O     . ARG A 1 194 ? -17.618 1.297   -0.653  1.00 25.38 ? 177 ARG A O     1 
ATOM   1257 C CB    . ARG A 1 194 ? -18.623 -1.738  0.090   1.00 22.37 ? 177 ARG A CB    1 
ATOM   1258 C CG    . ARG A 1 194 ? -19.823 -2.320  0.823   1.00 33.10 ? 177 ARG A CG    1 
ATOM   1259 C CD    . ARG A 1 194 ? -19.409 -3.096  2.067   1.00 24.63 ? 177 ARG A CD    1 
ATOM   1260 N NE    . ARG A 1 194 ? -18.658 -4.306  1.747   1.00 31.60 ? 177 ARG A NE    1 
ATOM   1261 C CZ    . ARG A 1 194 ? -19.214 -5.493  1.524   1.00 26.44 ? 177 ARG A CZ    1 
ATOM   1262 N NH1   . ARG A 1 194 ? -20.531 -5.632  1.582   1.00 31.03 ? 177 ARG A NH1   1 
ATOM   1263 N NH2   . ARG A 1 194 ? -18.453 -6.541  1.240   1.00 27.54 ? 177 ARG A NH2   1 
ATOM   1264 N N     . LEU A 1 195 ? -16.921 -0.238  -2.141  1.00 32.04 ? 178 LEU A N     1 
ATOM   1265 C CA    . LEU A 1 195 ? -15.763 0.539   -2.569  1.00 23.75 ? 178 LEU A CA    1 
ATOM   1266 C C     . LEU A 1 195 ? -16.187 1.829   -3.260  1.00 22.85 ? 178 LEU A C     1 
ATOM   1267 O O     . LEU A 1 195 ? -15.607 2.889   -3.027  1.00 23.66 ? 178 LEU A O     1 
ATOM   1268 C CB    . LEU A 1 195 ? -14.877 -0.288  -3.504  1.00 20.86 ? 178 LEU A CB    1 
ATOM   1269 C CG    . LEU A 1 195 ? -13.807 -1.164  -2.852  1.00 17.68 ? 178 LEU A CG    1 
ATOM   1270 C CD1   . LEU A 1 195 ? -13.201 -2.113  -3.872  1.00 21.64 ? 178 LEU A CD1   1 
ATOM   1271 C CD2   . LEU A 1 195 ? -12.727 -0.298  -2.226  1.00 15.36 ? 178 LEU A CD2   1 
ATOM   1272 N N     . ALA A 1 196 ? -17.206 1.732   -4.108  1.00 25.51 ? 179 ALA A N     1 
ATOM   1273 C CA    . ALA A 1 196 ? -17.702 2.881   -4.855  1.00 26.50 ? 179 ALA A CA    1 
ATOM   1274 C C     . ALA A 1 196 ? -18.340 3.915   -3.932  1.00 28.98 ? 179 ALA A C     1 
ATOM   1275 O O     . ALA A 1 196 ? -18.280 5.116   -4.194  1.00 30.88 ? 179 ALA A O     1 
ATOM   1276 C CB    . ALA A 1 196 ? -18.697 2.433   -5.914  1.00 18.29 ? 179 ALA A CB    1 
ATOM   1277 N N     . ALA A 1 197 ? -18.951 3.440   -2.852  1.00 26.89 ? 180 ALA A N     1 
ATOM   1278 C CA    . ALA A 1 197 ? -19.620 4.322   -1.905  1.00 33.87 ? 180 ALA A CA    1 
ATOM   1279 C C     . ALA A 1 197 ? -18.615 5.111   -1.071  1.00 35.28 ? 180 ALA A C     1 
ATOM   1280 O O     . ALA A 1 197 ? -18.903 6.221   -0.624  1.00 32.73 ? 180 ALA A O     1 
ATOM   1281 C CB    . ALA A 1 197 ? -20.544 3.522   -1.001  1.00 34.33 ? 180 ALA A CB    1 
ATOM   1282 N N     . LEU A 1 198 ? -17.433 4.536   -0.869  1.00 31.50 ? 181 LEU A N     1 
ATOM   1283 C CA    . LEU A 1 198 ? -16.415 5.169   -0.039  1.00 22.04 ? 181 LEU A CA    1 
ATOM   1284 C C     . LEU A 1 198 ? -15.362 5.901   -0.871  1.00 23.68 ? 181 LEU A C     1 
ATOM   1285 O O     . LEU A 1 198 ? -14.344 6.347   -0.343  1.00 25.43 ? 181 LEU A O     1 
ATOM   1286 C CB    . LEU A 1 198 ? -15.743 4.134   0.868   1.00 27.70 ? 181 LEU A CB    1 
ATOM   1287 C CG    . LEU A 1 198 ? -16.439 3.811   2.196   1.00 29.86 ? 181 LEU A CG    1 
ATOM   1288 C CD1   . LEU A 1 198 ? -16.704 5.086   2.985   1.00 24.81 ? 181 LEU A CD1   1 
ATOM   1289 C CD2   . LEU A 1 198 ? -17.729 3.026   1.996   1.00 24.23 ? 181 LEU A CD2   1 
ATOM   1290 N N     . GLY A 1 199 ? -15.608 6.018   -2.173  1.00 25.87 ? 182 GLY A N     1 
ATOM   1291 C CA    . GLY A 1 199 ? -14.773 6.842   -3.030  1.00 20.52 ? 182 GLY A CA    1 
ATOM   1292 C C     . GLY A 1 199 ? -13.825 6.109   -3.960  1.00 24.95 ? 182 GLY A C     1 
ATOM   1293 O O     . GLY A 1 199 ? -12.896 6.712   -4.496  1.00 22.76 ? 182 GLY A O     1 
ATOM   1294 N N     . TRP A 1 200 ? -14.053 4.815   -4.162  1.00 25.79 ? 183 TRP A N     1 
ATOM   1295 C CA    . TRP A 1 200 ? -13.207 4.030   -5.056  1.00 22.17 ? 183 TRP A CA    1 
ATOM   1296 C C     . TRP A 1 200 ? -14.017 3.340   -6.152  1.00 22.73 ? 183 TRP A C     1 
ATOM   1297 O O     . TRP A 1 200 ? -14.688 2.340   -5.902  1.00 22.38 ? 183 TRP A O     1 
ATOM   1298 C CB    . TRP A 1 200 ? -12.410 2.987   -4.268  1.00 19.29 ? 183 TRP A CB    1 
ATOM   1299 C CG    . TRP A 1 200 ? -11.345 3.567   -3.385  1.00 16.84 ? 183 TRP A CG    1 
ATOM   1300 C CD1   . TRP A 1 200 ? -11.309 3.548   -2.021  1.00 15.92 ? 183 TRP A CD1   1 
ATOM   1301 C CD2   . TRP A 1 200 ? -10.157 4.250   -3.807  1.00 18.75 ? 183 TRP A CD2   1 
ATOM   1302 N NE1   . TRP A 1 200 ? -10.174 4.175   -1.567  1.00 15.36 ? 183 TRP A NE1   1 
ATOM   1303 C CE2   . TRP A 1 200 ? -9.450  4.615   -2.644  1.00 17.20 ? 183 TRP A CE2   1 
ATOM   1304 C CE3   . TRP A 1 200 ? -9.623  4.588   -5.055  1.00 16.01 ? 183 TRP A CE3   1 
ATOM   1305 C CZ2   . TRP A 1 200 ? -8.238  5.302   -2.691  1.00 16.23 ? 183 TRP A CZ2   1 
ATOM   1306 C CZ3   . TRP A 1 200 ? -8.421  5.271   -5.099  1.00 14.24 ? 183 TRP A CZ3   1 
ATOM   1307 C CH2   . TRP A 1 200 ? -7.741  5.620   -3.926  1.00 14.69 ? 183 TRP A CH2   1 
ATOM   1308 N N     . GLN A 1 201 ? -13.943 3.875   -7.367  1.00 20.16 ? 184 GLN A N     1 
ATOM   1309 C CA    . GLN A 1 201 ? -14.658 3.300   -8.501  1.00 17.86 ? 184 GLN A CA    1 
ATOM   1310 C C     . GLN A 1 201 ? -13.849 2.171   -9.136  1.00 20.31 ? 184 GLN A C     1 
ATOM   1311 O O     . GLN A 1 201 ? -12.807 2.412   -9.744  1.00 21.67 ? 184 GLN A O     1 
ATOM   1312 C CB    . GLN A 1 201 ? -14.968 4.375   -9.543  1.00 20.44 ? 184 GLN A CB    1 
ATOM   1313 C CG    . GLN A 1 201 ? -15.964 3.943   -10.607 1.00 21.49 ? 184 GLN A CG    1 
ATOM   1314 C CD    . GLN A 1 201 ? -17.392 3.944   -10.100 1.00 19.39 ? 184 GLN A CD    1 
ATOM   1315 O OE1   . GLN A 1 201 ? -17.877 4.950   -9.580  1.00 19.15 ? 184 GLN A OE1   1 
ATOM   1316 N NE2   . GLN A 1 201 ? -18.075 2.814   -10.246 1.00 13.28 ? 184 GLN A NE2   1 
ATOM   1317 N N     . VAL A 1 202 ? -14.338 0.943   -8.993  1.00 21.14 ? 185 VAL A N     1 
ATOM   1318 C CA    . VAL A 1 202 ? -13.630 -0.239  -9.477  1.00 19.73 ? 185 VAL A CA    1 
ATOM   1319 C C     . VAL A 1 202 ? -13.453 -0.233  -10.994 1.00 18.91 ? 185 VAL A C     1 
ATOM   1320 O O     . VAL A 1 202 ? -14.417 -0.075  -11.743 1.00 21.30 ? 185 VAL A O     1 
ATOM   1321 C CB    . VAL A 1 202 ? -14.364 -1.532  -9.068  1.00 17.59 ? 185 VAL A CB    1 
ATOM   1322 C CG1   . VAL A 1 202 ? -13.657 -2.749  -9.638  1.00 17.51 ? 185 VAL A CG1   1 
ATOM   1323 C CG2   . VAL A 1 202 ? -14.462 -1.626  -7.554  1.00 21.60 ? 185 VAL A CG2   1 
ATOM   1324 N N     . ALA A 1 203 ? -12.212 -0.411  -11.438 1.00 20.02 ? 186 ALA A N     1 
ATOM   1325 C CA    . ALA A 1 203 ? -11.900 -0.422  -12.863 1.00 20.07 ? 186 ALA A CA    1 
ATOM   1326 C C     . ALA A 1 203 ? -11.678 -1.840  -13.379 1.00 20.57 ? 186 ALA A C     1 
ATOM   1327 O O     . ALA A 1 203 ? -12.157 -2.199  -14.454 1.00 26.04 ? 186 ALA A O     1 
ATOM   1328 C CB    . ALA A 1 203 ? -10.676 0.439   -13.140 1.00 11.19 ? 186 ALA A CB    1 
ATOM   1329 N N     . ASP A 1 204 ? -10.948 -2.645  -12.611 1.00 18.97 ? 187 ASP A N     1 
ATOM   1330 C CA    . ASP A 1 204 ? -10.634 -4.010  -13.022 1.00 19.86 ? 187 ASP A CA    1 
ATOM   1331 C C     . ASP A 1 204 ? -10.401 -4.944  -11.839 1.00 22.68 ? 187 ASP A C     1 
ATOM   1332 O O     . ASP A 1 204 ? -9.711  -4.595  -10.880 1.00 16.92 ? 187 ASP A O     1 
ATOM   1333 C CB    . ASP A 1 204 ? -9.401  -4.017  -13.931 1.00 15.02 ? 187 ASP A CB    1 
ATOM   1334 C CG    . ASP A 1 204 ? -8.885  -5.418  -14.204 1.00 25.45 ? 187 ASP A CG    1 
ATOM   1335 O OD1   . ASP A 1 204 ? -9.398  -6.071  -15.137 1.00 31.94 ? 187 ASP A OD1   1 
ATOM   1336 O OD2   . ASP A 1 204 ? -7.965  -5.866  -13.486 1.00 25.62 ? 187 ASP A OD2   1 
ATOM   1337 N N     . VAL A 1 205 ? -10.990 -6.134  -11.915 1.00 25.08 ? 188 VAL A N     1 
ATOM   1338 C CA    . VAL A 1 205 ? -10.744 -7.194  -10.942 1.00 21.33 ? 188 VAL A CA    1 
ATOM   1339 C C     . VAL A 1 205 ? -10.433 -8.490  -11.681 1.00 22.75 ? 188 VAL A C     1 
ATOM   1340 O O     . VAL A 1 205 ? -11.230 -8.947  -12.501 1.00 31.19 ? 188 VAL A O     1 
ATOM   1341 C CB    . VAL A 1 205 ? -11.951 -7.417  -10.005 1.00 23.20 ? 188 VAL A CB    1 
ATOM   1342 C CG1   . VAL A 1 205 ? -11.653 -8.534  -9.019  1.00 22.46 ? 188 VAL A CG1   1 
ATOM   1343 C CG2   . VAL A 1 205 ? -12.303 -6.137  -9.266  1.00 18.05 ? 188 VAL A CG2   1 
ATOM   1344 N N     . ARG A 1 206 ? -9.275  -9.080  -11.400 1.00 18.37 ? 189 ARG A N     1 
ATOM   1345 C CA    . ARG A 1 206 ? -8.869  -10.299 -12.092 1.00 20.97 ? 189 ARG A CA    1 
ATOM   1346 C C     . ARG A 1 206 ? -7.814  -11.095 -11.333 1.00 21.91 ? 189 ARG A C     1 
ATOM   1347 O O     . ARG A 1 206 ? -7.115  -10.564 -10.468 1.00 21.76 ? 189 ARG A O     1 
ATOM   1348 C CB    . ARG A 1 206 ? -8.333  -9.964  -13.486 1.00 20.23 ? 189 ARG A CB    1 
ATOM   1349 C CG    . ARG A 1 206 ? -6.920  -9.400  -13.478 1.00 24.08 ? 189 ARG A CG    1 
ATOM   1350 C CD    . ARG A 1 206 ? -6.385  -9.220  -14.886 1.00 19.94 ? 189 ARG A CD    1 
ATOM   1351 N NE    . ARG A 1 206 ? -7.164  -8.243  -15.642 1.00 23.34 ? 189 ARG A NE    1 
ATOM   1352 C CZ    . ARG A 1 206 ? -6.966  -7.965  -16.925 1.00 22.28 ? 189 ARG A CZ    1 
ATOM   1353 N NH1   . ARG A 1 206 ? -6.013  -8.592  -17.602 1.00 32.77 ? 189 ARG A NH1   1 
ATOM   1354 N NH2   . ARG A 1 206 ? -7.722  -7.061  -17.533 1.00 26.06 ? 189 ARG A NH2   1 
ATOM   1355 N N     . LEU A 1 207 ? -7.711  -12.376 -11.670 1.00 26.13 ? 190 LEU A N     1 
ATOM   1356 C CA    . LEU A 1 207 ? -6.636  -13.223 -11.172 1.00 24.10 ? 190 LEU A CA    1 
ATOM   1357 C C     . LEU A 1 207 ? -5.520  -13.288 -12.206 1.00 21.88 ? 190 LEU A C     1 
ATOM   1358 O O     . LEU A 1 207 ? -5.770  -13.554 -13.381 1.00 20.78 ? 190 LEU A O     1 
ATOM   1359 C CB    . LEU A 1 207 ? -7.145  -14.632 -10.860 1.00 19.17 ? 190 LEU A CB    1 
ATOM   1360 C CG    . LEU A 1 207 ? -8.111  -14.808 -9.689  1.00 22.30 ? 190 LEU A CG    1 
ATOM   1361 C CD1   . LEU A 1 207 ? -8.564  -16.256 -9.594  1.00 23.83 ? 190 LEU A CD1   1 
ATOM   1362 C CD2   . LEU A 1 207 ? -7.461  -14.363 -8.390  1.00 24.85 ? 190 LEU A CD2   1 
ATOM   1363 N N     . VAL A 1 208 ? -4.291  -13.036 -11.769 1.00 22.37 ? 191 VAL A N     1 
ATOM   1364 C CA    . VAL A 1 208 ? -3.142  -13.161 -12.653 1.00 19.99 ? 191 VAL A CA    1 
ATOM   1365 C C     . VAL A 1 208 ? -2.217  -14.261 -12.141 1.00 27.64 ? 191 VAL A C     1 
ATOM   1366 O O     . VAL A 1 208 ? -1.392  -14.027 -11.258 1.00 27.61 ? 191 VAL A O     1 
ATOM   1367 C CB    . VAL A 1 208 ? -2.364  -11.838 -12.776 1.00 21.97 ? 191 VAL A CB    1 
ATOM   1368 C CG1   . VAL A 1 208 ? -1.182  -12.003 -13.718 1.00 25.01 ? 191 VAL A CG1   1 
ATOM   1369 C CG2   . VAL A 1 208 ? -3.285  -10.734 -13.271 1.00 26.77 ? 191 VAL A CG2   1 
ATOM   1370 N N     . PRO A 1 209 ? -2.375  -15.475 -12.686 1.00 32.92 ? 192 PRO A N     1 
ATOM   1371 C CA    . PRO A 1 209 ? -1.577  -16.640 -12.292 1.00 28.71 ? 192 PRO A CA    1 
ATOM   1372 C C     . PRO A 1 209 ? -0.100  -16.475 -12.631 1.00 28.86 ? 192 PRO A C     1 
ATOM   1373 O O     . PRO A 1 209 ? 0.240   -15.711 -13.535 1.00 29.43 ? 192 PRO A O     1 
ATOM   1374 C CB    . PRO A 1 209 ? -2.194  -17.784 -13.106 1.00 31.43 ? 192 PRO A CB    1 
ATOM   1375 C CG    . PRO A 1 209 ? -3.561  -17.303 -13.472 1.00 30.63 ? 192 PRO A CG    1 
ATOM   1376 C CD    . PRO A 1 209 ? -3.412  -15.829 -13.670 1.00 28.74 ? 192 PRO A CD    1 
ATOM   1377 N N     . HIS A 1 210 ? 0.755   -17.185 -11.898 1.00 39.23 ? 193 HIS A N     1 
ATOM   1378 C CA    . HIS A 1 210 ? 2.197   -17.202 -12.137 1.00 44.22 ? 193 HIS A CA    1 
ATOM   1379 C C     . HIS A 1 210 ? 2.825   -15.814 -12.070 1.00 40.36 ? 193 HIS A C     1 
ATOM   1380 O O     . HIS A 1 210 ? 3.821   -15.544 -12.742 1.00 43.19 ? 193 HIS A O     1 
ATOM   1381 C CB    . HIS A 1 210 ? 2.505   -17.840 -13.494 1.00 43.23 ? 193 HIS A CB    1 
ATOM   1382 C CG    . HIS A 1 210 ? 1.818   -19.151 -13.714 1.00 42.79 ? 193 HIS A CG    1 
ATOM   1383 N ND1   . HIS A 1 210 ? 2.035   -20.249 -12.911 1.00 44.84 ? 193 HIS A ND1   1 
ATOM   1384 C CD2   . HIS A 1 210 ? 0.916   -19.539 -14.647 1.00 43.14 ? 193 HIS A CD2   1 
ATOM   1385 C CE1   . HIS A 1 210 ? 1.297   -21.258 -13.339 1.00 42.42 ? 193 HIS A CE1   1 
ATOM   1386 N NE2   . HIS A 1 210 ? 0.609   -20.853 -14.391 1.00 39.69 ? 193 HIS A NE2   1 
ATOM   1387 N N     . THR A 1 211 ? 2.243   -14.935 -11.263 1.00 37.81 ? 194 THR A N     1 
ATOM   1388 C CA    . THR A 1 211 ? 2.793   -13.598 -11.089 1.00 44.30 ? 194 THR A CA    1 
ATOM   1389 C C     . THR A 1 211 ? 4.078   -13.669 -10.275 1.00 51.55 ? 194 THR A C     1 
ATOM   1390 O O     . THR A 1 211 ? 4.080   -14.175 -9.152  1.00 47.39 ? 194 THR A O     1 
ATOM   1391 C CB    . THR A 1 211 ? 1.796   -12.654 -10.394 1.00 36.39 ? 194 THR A CB    1 
ATOM   1392 O OG1   . THR A 1 211 ? 0.524   -12.729 -11.048 1.00 40.24 ? 194 THR A OG1   1 
ATOM   1393 C CG2   . THR A 1 211 ? 2.302   -11.223 -10.442 1.00 32.78 ? 194 THR A CG2   1 
ATOM   1394 N N     . ASP A 1 212 ? 5.170   -13.174 -10.850 1.00 59.97 ? 195 ASP A N     1 
ATOM   1395 C CA    . ASP A 1 212 ? 6.460   -13.188 -10.170 1.00 57.64 ? 195 ASP A CA    1 
ATOM   1396 C C     . ASP A 1 212 ? 6.390   -12.363 -8.889  1.00 62.78 ? 195 ASP A C     1 
ATOM   1397 O O     . ASP A 1 212 ? 6.130   -11.158 -8.926  1.00 62.35 ? 195 ASP A O     1 
ATOM   1398 C CB    . ASP A 1 212 ? 7.565   -12.661 -11.088 1.00 54.22 ? 195 ASP A CB    1 
ATOM   1399 C CG    . ASP A 1 212 ? 8.949   -12.831 -10.490 1.00 68.33 ? 195 ASP A CG    1 
ATOM   1400 O OD1   . ASP A 1 212 ? 9.119   -13.719 -9.629  1.00 67.37 ? 195 ASP A OD1   1 
ATOM   1401 O OD2   . ASP A 1 212 ? 9.866   -12.078 -10.880 1.00 80.33 ? 195 ASP A OD2   1 
ATOM   1402 N N     . LEU A 1 213 ? 6.620   -13.028 -7.761  1.00 58.02 ? 196 LEU A N     1 
ATOM   1403 C CA    . LEU A 1 213 ? 6.464   -12.420 -6.444  1.00 57.01 ? 196 LEU A CA    1 
ATOM   1404 C C     . LEU A 1 213 ? 7.403   -11.241 -6.196  1.00 60.11 ? 196 LEU A C     1 
ATOM   1405 O O     . LEU A 1 213 ? 7.155   -10.420 -5.314  1.00 56.93 ? 196 LEU A O     1 
ATOM   1406 C CB    . LEU A 1 213 ? 6.678   -13.474 -5.359  1.00 57.08 ? 196 LEU A CB    1 
ATOM   1407 C CG    . LEU A 1 213 ? 5.509   -14.409 -5.051  1.00 54.03 ? 196 LEU A CG    1 
ATOM   1408 C CD1   . LEU A 1 213 ? 5.947   -15.518 -4.108  1.00 53.75 ? 196 LEU A CD1   1 
ATOM   1409 C CD2   . LEU A 1 213 ? 4.348   -13.631 -4.456  1.00 51.01 ? 196 LEU A CD2   1 
ATOM   1410 N N     . ASP A 1 214 ? 8.482   -11.166 -6.969  1.00 63.38 ? 197 ASP A N     1 
ATOM   1411 C CA    . ASP A 1 214 ? 9.443   -10.079 -6.830  1.00 63.15 ? 197 ASP A CA    1 
ATOM   1412 C C     . ASP A 1 214 ? 8.832   -8.738  -7.231  1.00 63.16 ? 197 ASP A C     1 
ATOM   1413 O O     . ASP A 1 214 ? 9.215   -7.691  -6.710  1.00 65.62 ? 197 ASP A O     1 
ATOM   1414 C CB    . ASP A 1 214 ? 10.689  -10.350 -7.677  1.00 67.85 ? 197 ASP A CB    1 
ATOM   1415 C CG    . ASP A 1 214 ? 11.328  -11.690 -7.366  1.00 73.77 ? 197 ASP A CG    1 
ATOM   1416 O OD1   . ASP A 1 214 ? 11.246  -12.137 -6.204  1.00 78.77 ? 197 ASP A OD1   1 
ATOM   1417 O OD2   . ASP A 1 214 ? 11.916  -12.293 -8.288  1.00 74.39 ? 197 ASP A OD2   1 
ATOM   1418 N N     . THR A 1 215 ? 7.879   -8.782  -8.155  1.00 63.70 ? 198 THR A N     1 
ATOM   1419 C CA    . THR A 1 215 ? 7.309   -7.571  -8.741  1.00 66.95 ? 198 THR A CA    1 
ATOM   1420 C C     . THR A 1 215 ? 6.246   -6.913  -7.864  1.00 61.61 ? 198 THR A C     1 
ATOM   1421 O O     . THR A 1 215 ? 5.696   -5.872  -8.220  1.00 59.76 ? 198 THR A O     1 
ATOM   1422 C CB    . THR A 1 215 ? 6.692   -7.866  -10.121 1.00 62.55 ? 198 THR A CB    1 
ATOM   1423 O OG1   . THR A 1 215 ? 5.801   -8.983  -10.018 1.00 64.86 ? 198 THR A OG1   1 
ATOM   1424 C CG2   . THR A 1 215 ? 7.781   -8.191  -11.128 1.00 61.87 ? 198 THR A CG2   1 
ATOM   1425 N N     . ILE A 1 216 ? 5.955   -7.522  -6.720  1.00 60.83 ? 199 ILE A N     1 
ATOM   1426 C CA    . ILE A 1 216 ? 4.974   -6.969  -5.790  1.00 61.98 ? 199 ILE A CA    1 
ATOM   1427 C C     . ILE A 1 216 ? 5.502   -7.018  -4.361  1.00 65.08 ? 199 ILE A C     1 
ATOM   1428 O O     . ILE A 1 216 ? 5.351   -6.065  -3.593  1.00 63.77 ? 199 ILE A O     1 
ATOM   1429 C CB    . ILE A 1 216 ? 3.627   -7.725  -5.858  1.00 60.58 ? 199 ILE A CB    1 
ATOM   1430 C CG1   . ILE A 1 216 ? 2.920   -7.461  -7.187  1.00 58.18 ? 199 ILE A CG1   1 
ATOM   1431 C CG2   . ILE A 1 216 ? 2.719   -7.316  -4.714  1.00 52.20 ? 199 ILE A CG2   1 
ATOM   1432 C CD1   . ILE A 1 216 ? 3.187   -8.507  -8.236  1.00 58.95 ? 199 ILE A CD1   1 
ATOM   1433 N N     . SER A 1 217 ? 6.134   -8.137  -4.021  1.00 67.12 ? 200 SER A N     1 
ATOM   1434 C CA    . SER A 1 217 ? 6.622   -8.373  -2.668  1.00 67.70 ? 200 SER A CA    1 
ATOM   1435 C C     . SER A 1 217 ? 8.141   -8.335  -2.572  1.00 68.45 ? 200 SER A C     1 
ATOM   1436 O O     . SER A 1 217 ? 8.842   -8.868  -3.433  1.00 74.18 ? 200 SER A O     1 
ATOM   1437 C CB    . SER A 1 217 ? 6.111   -9.719  -2.162  1.00 63.38 ? 200 SER A CB    1 
ATOM   1438 O OG    . SER A 1 217 ? 6.270   -9.833  -0.760  1.00 62.33 ? 200 SER A OG    1 
ATOM   1439 N N     . SER A 1 218 ? 8.646   -7.718  -1.508  1.00 60.98 ? 201 SER A N     1 
ATOM   1440 C CA    . SER A 1 218 ? 10.084  -7.623  -1.295  1.00 62.40 ? 201 SER A CA    1 
ATOM   1441 C C     . SER A 1 218 ? 10.443  -7.392  0.166   1.00 60.49 ? 201 SER A C     1 
ATOM   1442 O O     . SER A 1 218 ? 10.105  -6.361  0.751   1.00 60.54 ? 201 SER A O     1 
ATOM   1443 C CB    . SER A 1 218 ? 10.679  -6.503  -2.151  1.00 57.15 ? 201 SER A CB    1 
ATOM   1444 O OG    . SER A 1 218 ? 11.059  -6.986  -3.426  1.00 56.33 ? 201 SER A OG    1 
ATOM   1445 N N     . SER A 1 219 ? 11.131  -8.370  0.744   1.00 58.40 ? 202 SER A N     1 
ATOM   1446 C CA    . SER A 1 219 ? 11.696  -8.235  2.075   1.00 53.63 ? 202 SER A CA    1 
ATOM   1447 C C     . SER A 1 219 ? 13.204  -8.443  1.995   1.00 59.34 ? 202 SER A C     1 
ATOM   1448 O O     . SER A 1 219 ? 13.698  -9.067  1.055   1.00 62.99 ? 202 SER A O     1 
ATOM   1449 C CB    . SER A 1 219 ? 11.060  -9.234  3.043   1.00 57.38 ? 202 SER A CB    1 
ATOM   1450 O OG    . SER A 1 219 ? 9.649   -9.094  3.072   1.00 62.99 ? 202 SER A OG    1 
ATOM   1451 N N     . TRP A 1 220 ? 13.936  -7.933  2.981   1.00 57.64 ? 203 TRP A N     1 
ATOM   1452 C CA    . TRP A 1 220 ? 15.390  -8.064  2.985   1.00 56.60 ? 203 TRP A CA    1 
ATOM   1453 C C     . TRP A 1 220 ? 15.836  -9.485  3.325   1.00 56.92 ? 203 TRP A C     1 
ATOM   1454 O O     . TRP A 1 220 ? 17.027  -9.745  3.490   1.00 64.43 ? 203 TRP A O     1 
ATOM   1455 C CB    . TRP A 1 220 ? 16.019  -7.073  3.968   1.00 58.23 ? 203 TRP A CB    1 
ATOM   1456 C CG    . TRP A 1 220 ? 16.019  -5.654  3.479   1.00 55.94 ? 203 TRP A CG    1 
ATOM   1457 C CD1   . TRP A 1 220 ? 15.317  -4.607  4.001   1.00 48.73 ? 203 TRP A CD1   1 
ATOM   1458 C CD2   . TRP A 1 220 ? 16.754  -5.128  2.365   1.00 56.13 ? 203 TRP A CD2   1 
ATOM   1459 N NE1   . TRP A 1 220 ? 15.570  -3.462  3.285   1.00 46.65 ? 203 TRP A NE1   1 
ATOM   1460 C CE2   . TRP A 1 220 ? 16.448  -3.755  2.274   1.00 52.84 ? 203 TRP A CE2   1 
ATOM   1461 C CE3   . TRP A 1 220 ? 17.640  -5.683  1.436   1.00 54.39 ? 203 TRP A CE3   1 
ATOM   1462 C CZ2   . TRP A 1 220 ? 16.996  -2.930  1.293   1.00 47.50 ? 203 TRP A CZ2   1 
ATOM   1463 C CZ3   . TRP A 1 220 ? 18.183  -4.862  0.461   1.00 58.11 ? 203 TRP A CZ3   1 
ATOM   1464 C CH2   . TRP A 1 220 ? 17.860  -3.500  0.399   1.00 53.59 ? 203 TRP A CH2   1 
ATOM   1465 N N     . ALA A 1 221 ? 14.877  -10.401 3.427   1.00 58.44 ? 204 ALA A N     1 
ATOM   1466 C CA    . ALA A 1 221 ? 15.173  -11.799 3.716   1.00 63.10 ? 204 ALA A CA    1 
ATOM   1467 C C     . ALA A 1 221 ? 15.166  -12.635 2.441   1.00 65.35 ? 204 ALA A C     1 
ATOM   1468 O O     . ALA A 1 221 ? 15.882  -13.632 2.337   1.00 71.06 ? 204 ALA A O     1 
ATOM   1469 C CB    . ALA A 1 221 ? 14.177  -12.356 4.722   1.00 53.88 ? 204 ALA A CB    1 
ATOM   1470 N N     . ARG A 1 222 ? 14.354  -12.228 1.473   1.00 61.31 ? 205 ARG A N     1 
ATOM   1471 C CA    . ARG A 1 222 ? 14.292  -12.928 0.197   1.00 66.03 ? 205 ARG A CA    1 
ATOM   1472 C C     . ARG A 1 222 ? 15.170  -12.261 -0.857  1.00 64.13 ? 205 ARG A C     1 
ATOM   1473 O O     . ARG A 1 222 ? 15.129  -11.042 -1.034  1.00 63.00 ? 205 ARG A O     1 
ATOM   1474 C CB    . ARG A 1 222 ? 12.850  -13.008 -0.304  1.00 65.18 ? 205 ARG A CB    1 
ATOM   1475 C CG    . ARG A 1 222 ? 12.717  -12.868 -1.811  1.00 68.76 ? 205 ARG A CG    1 
ATOM   1476 C CD    . ARG A 1 222 ? 11.399  -13.417 -2.289  1.00 64.84 ? 205 ARG A CD    1 
ATOM   1477 N NE    . ARG A 1 222 ? 10.274  -12.666 -1.752  1.00 73.73 ? 205 ARG A NE    1 
ATOM   1478 C CZ    . ARG A 1 222 ? 9.011   -12.892 -2.086  1.00 72.99 ? 205 ARG A CZ    1 
ATOM   1479 N NH1   . ARG A 1 222 ? 8.720   -13.852 -2.952  1.00 76.10 ? 205 ARG A NH1   1 
ATOM   1480 N NH2   . ARG A 1 222 ? 8.042   -12.167 -1.550  1.00 73.34 ? 205 ARG A NH2   1 
ATOM   1481 N N     . ARG A 1 223 ? 15.962  -13.068 -1.554  1.00 64.60 ? 206 ARG A N     1 
ATOM   1482 C CA    . ARG A 1 223 ? 16.799  -12.565 -2.633  1.00 65.70 ? 206 ARG A CA    1 
ATOM   1483 C C     . ARG A 1 223 ? 15.974  -12.336 -3.894  1.00 66.59 ? 206 ARG A C     1 
ATOM   1484 O O     . ARG A 1 223 ? 14.959  -12.996 -4.113  1.00 76.81 ? 206 ARG A O     1 
ATOM   1485 C CB    . ARG A 1 223 ? 17.943  -13.534 -2.936  1.00 66.72 ? 206 ARG A CB    1 
ATOM   1486 C CG    . ARG A 1 223 ? 18.802  -13.917 -1.743  1.00 65.48 ? 206 ARG A CG    1 
ATOM   1487 C CD    . ARG A 1 223 ? 20.171  -14.395 -2.205  1.00 62.49 ? 206 ARG A CD    1 
ATOM   1488 N NE    . ARG A 1 223 ? 20.660  -15.529 -1.429  1.00 57.71 ? 206 ARG A NE    1 
ATOM   1489 C CZ    . ARG A 1 223 ? 20.548  -16.798 -1.811  1.00 56.81 ? 206 ARG A CZ    1 
ATOM   1490 N NH1   . ARG A 1 223 ? 19.962  -17.096 -2.964  1.00 63.19 ? 206 ARG A NH1   1 
ATOM   1491 N NH2   . ARG A 1 223 ? 21.021  -17.770 -1.043  1.00 49.19 ? 206 ARG A NH2   1 
ATOM   1492 N N     . LEU A 1 224 ? 16.418  -11.399 -4.724  1.00 57.85 ? 207 LEU A N     1 
ATOM   1493 C CA    . LEU A 1 224 ? 15.776  -11.162 -6.011  1.00 64.39 ? 207 LEU A CA    1 
ATOM   1494 C C     . LEU A 1 224 ? 16.219  -12.214 -7.022  1.00 66.61 ? 207 LEU A C     1 
ATOM   1495 O O     . LEU A 1 224 ? 17.257  -12.852 -6.851  1.00 67.20 ? 207 LEU A O     1 
ATOM   1496 C CB    . LEU A 1 224 ? 16.095  -9.757  -6.529  1.00 67.96 ? 207 LEU A CB    1 
ATOM   1497 C CG    . LEU A 1 224 ? 15.141  -8.619  -6.153  1.00 65.66 ? 207 LEU A CG    1 
ATOM   1498 C CD1   . LEU A 1 224 ? 14.968  -8.502  -4.645  1.00 59.22 ? 207 LEU A CD1   1 
ATOM   1499 C CD2   . LEU A 1 224 ? 15.627  -7.302  -6.740  1.00 62.56 ? 207 LEU A CD2   1 
ATOM   1500 N N     . GLY A 1 225 ? 15.425  -12.395 -8.071  1.00 68.41 ? 208 GLY A N     1 
ATOM   1501 C CA    . GLY A 1 225 ? 15.746  -13.355 -9.112  1.00 71.84 ? 208 GLY A CA    1 
ATOM   1502 C C     . GLY A 1 225 ? 15.562  -14.797 -8.679  1.00 72.95 ? 208 GLY A C     1 
ATOM   1503 O O     . GLY A 1 225 ? 16.082  -15.714 -9.315  1.00 74.50 ? 208 GLY A O     1 
ATOM   1504 N N     . SER A 1 226 ? 14.822  -14.999 -7.594  1.00 75.61 ? 209 SER A N     1 
ATOM   1505 C CA    . SER A 1 226 ? 14.552  -16.341 -7.089  1.00 71.20 ? 209 SER A CA    1 
ATOM   1506 C C     . SER A 1 226 ? 13.609  -17.093 -8.023  1.00 70.70 ? 209 SER A C     1 
ATOM   1507 O O     . SER A 1 226 ? 13.812  -18.275 -8.305  1.00 73.40 ? 209 SER A O     1 
ATOM   1508 C CB    . SER A 1 226 ? 13.961  -16.277 -5.680  1.00 70.31 ? 209 SER A CB    1 
ATOM   1509 O OG    . SER A 1 226 ? 12.793  -15.476 -5.649  1.00 74.00 ? 209 SER A OG    1 
ATOM   1510 N N     . GLY A 1 227 ? 12.578  -16.403 -8.499  1.00 68.06 ? 210 GLY A N     1 
ATOM   1511 C CA    . GLY A 1 227 ? 11.647  -16.982 -9.450  1.00 54.29 ? 210 GLY A CA    1 
ATOM   1512 C C     . GLY A 1 227 ? 10.380  -17.522 -8.816  1.00 55.44 ? 210 GLY A C     1 
ATOM   1513 O O     . GLY A 1 227 ? 9.634   -18.272 -9.446  1.00 61.55 ? 210 GLY A O     1 
ATOM   1514 N N     . ALA A 1 228 ? 10.133  -17.141 -7.566  1.00 62.65 ? 211 ALA A N     1 
ATOM   1515 C CA    . ALA A 1 228 ? 8.939   -17.585 -6.853  1.00 54.28 ? 211 ALA A CA    1 
ATOM   1516 C C     . ALA A 1 228 ? 7.684   -16.945 -7.438  1.00 53.92 ? 211 ALA A C     1 
ATOM   1517 O O     . ALA A 1 228 ? 7.611   -15.725 -7.589  1.00 52.99 ? 211 ALA A O     1 
ATOM   1518 C CB    . ALA A 1 228 ? 9.057   -17.265 -5.371  1.00 47.55 ? 211 ALA A CB    1 
ATOM   1519 N N     . THR A 1 229 ? 6.699   -17.775 -7.766  1.00 49.84 ? 212 THR A N     1 
ATOM   1520 C CA    . THR A 1 229 ? 5.454   -17.290 -8.353  1.00 45.61 ? 212 THR A CA    1 
ATOM   1521 C C     . THR A 1 229 ? 4.258   -17.579 -7.451  1.00 47.92 ? 212 THR A C     1 
ATOM   1522 O O     . THR A 1 229 ? 4.354   -18.365 -6.507  1.00 58.11 ? 212 THR A O     1 
ATOM   1523 C CB    . THR A 1 229 ? 5.196   -17.922 -9.734  1.00 46.55 ? 212 THR A CB    1 
ATOM   1524 O OG1   . THR A 1 229 ? 4.840   -19.300 -9.574  1.00 55.95 ? 212 THR A OG1   1 
ATOM   1525 C CG2   . THR A 1 229 ? 6.433   -17.813 -10.613 1.00 55.05 ? 212 THR A CG2   1 
ATOM   1526 N N     . GLU A 1 230 ? 3.132   -16.939 -7.758  1.00 46.78 ? 213 GLU A N     1 
ATOM   1527 C CA    . GLU A 1 230 ? 1.900   -17.113 -6.996  1.00 34.64 ? 213 GLU A CA    1 
ATOM   1528 C C     . GLU A 1 230 ? 0.723   -16.489 -7.739  1.00 33.54 ? 213 GLU A C     1 
ATOM   1529 O O     . GLU A 1 230 ? 0.867   -15.449 -8.380  1.00 35.04 ? 213 GLU A O     1 
ATOM   1530 C CB    . GLU A 1 230 ? 2.030   -16.490 -5.602  1.00 33.71 ? 213 GLU A CB    1 
ATOM   1531 C CG    . GLU A 1 230 ? 0.840   -16.739 -4.688  1.00 39.99 ? 213 GLU A CG    1 
ATOM   1532 C CD    . GLU A 1 230 ? 0.982   -16.049 -3.345  1.00 42.22 ? 213 GLU A CD    1 
ATOM   1533 O OE1   . GLU A 1 230 ? 1.936   -15.264 -3.174  1.00 48.18 ? 213 GLU A OE1   1 
ATOM   1534 O OE2   . GLU A 1 230 ? 0.136   -16.288 -2.459  1.00 35.76 ? 213 GLU A OE2   1 
ATOM   1535 N N     . THR A 1 231 ? -0.439  -17.129 -7.658  1.00 28.67 ? 214 THR A N     1 
ATOM   1536 C CA    . THR A 1 231 ? -1.656  -16.565 -8.227  1.00 32.89 ? 214 THR A CA    1 
ATOM   1537 C C     . THR A 1 231 ? -2.083  -15.346 -7.415  1.00 33.86 ? 214 THR A C     1 
ATOM   1538 O O     . THR A 1 231 ? -2.261  -15.432 -6.200  1.00 34.41 ? 214 THR A O     1 
ATOM   1539 C CB    . THR A 1 231 ? -2.801  -17.591 -8.263  1.00 27.57 ? 214 THR A CB    1 
ATOM   1540 O OG1   . THR A 1 231 ? -2.410  -18.716 -9.061  1.00 34.26 ? 214 THR A OG1   1 
ATOM   1541 C CG2   . THR A 1 231 ? -4.057  -16.969 -8.851  1.00 22.16 ? 214 THR A CG2   1 
ATOM   1542 N N     . VAL A 1 232 ? -2.243  -14.211 -8.088  1.00 30.57 ? 215 VAL A N     1 
ATOM   1543 C CA    . VAL A 1 232 ? -2.518  -12.954 -7.402  1.00 24.57 ? 215 VAL A CA    1 
ATOM   1544 C C     . VAL A 1 232 ? -3.847  -12.334 -7.827  1.00 24.82 ? 215 VAL A C     1 
ATOM   1545 O O     . VAL A 1 232 ? -4.138  -12.216 -9.017  1.00 23.01 ? 215 VAL A O     1 
ATOM   1546 C CB    . VAL A 1 232 ? -1.388  -11.931 -7.646  1.00 25.50 ? 215 VAL A CB    1 
ATOM   1547 C CG1   . VAL A 1 232 ? -1.725  -10.590 -7.012  1.00 23.32 ? 215 VAL A CG1   1 
ATOM   1548 C CG2   . VAL A 1 232 ? -0.067  -12.462 -7.109  1.00 21.62 ? 215 VAL A CG2   1 
ATOM   1549 N N     . LEU A 1 233 ? -4.650  -11.945 -6.840  1.00 21.23 ? 216 LEU A N     1 
ATOM   1550 C CA    . LEU A 1 233 ? -5.895  -11.228 -7.089  1.00 20.55 ? 216 LEU A CA    1 
ATOM   1551 C C     . LEU A 1 233 ? -5.639  -9.727  -7.174  1.00 22.51 ? 216 LEU A C     1 
ATOM   1552 O O     . LEU A 1 233 ? -5.355  -9.081  -6.165  1.00 22.81 ? 216 LEU A O     1 
ATOM   1553 C CB    . LEU A 1 233 ? -6.917  -11.528 -5.991  1.00 20.72 ? 216 LEU A CB    1 
ATOM   1554 C CG    . LEU A 1 233 ? -8.243  -10.767 -6.056  1.00 18.37 ? 216 LEU A CG    1 
ATOM   1555 C CD1   . LEU A 1 233 ? -9.066  -11.210 -7.255  1.00 24.83 ? 216 LEU A CD1   1 
ATOM   1556 C CD2   . LEU A 1 233 ? -9.029  -10.941 -4.766  1.00 23.02 ? 216 LEU A CD2   1 
ATOM   1557 N N     . HIS A 1 234 ? -5.739  -9.174  -8.379  1.00 23.77 ? 217 HIS A N     1 
ATOM   1558 C CA    . HIS A 1 234 ? -5.515  -7.748  -8.587  1.00 19.12 ? 217 HIS A CA    1 
ATOM   1559 C C     . HIS A 1 234 ? -6.829  -6.973  -8.595  1.00 16.17 ? 217 HIS A C     1 
ATOM   1560 O O     . HIS A 1 234 ? -7.806  -7.396  -9.211  1.00 24.46 ? 217 HIS A O     1 
ATOM   1561 C CB    . HIS A 1 234 ? -4.758  -7.506  -9.894  1.00 18.02 ? 217 HIS A CB    1 
ATOM   1562 C CG    . HIS A 1 234 ? -3.341  -7.989  -9.871  1.00 25.32 ? 217 HIS A CG    1 
ATOM   1563 N ND1   . HIS A 1 234 ? -2.300  -7.220  -9.398  1.00 35.14 ? 217 HIS A ND1   1 
ATOM   1564 C CD2   . HIS A 1 234 ? -2.792  -9.163  -10.262 1.00 29.77 ? 217 HIS A CD2   1 
ATOM   1565 C CE1   . HIS A 1 234 ? -1.171  -7.898  -9.499  1.00 29.43 ? 217 HIS A CE1   1 
ATOM   1566 N NE2   . HIS A 1 234 ? -1.443  -9.081  -10.022 1.00 31.65 ? 217 HIS A NE2   1 
ATOM   1567 N N     . LEU A 1 235 ? -6.840  -5.837  -7.907  1.00 20.58 ? 218 LEU A N     1 
ATOM   1568 C CA    . LEU A 1 235 ? -8.027  -4.992  -7.837  1.00 20.28 ? 218 LEU A CA    1 
ATOM   1569 C C     . LEU A 1 235 ? -7.642  -3.536  -8.080  1.00 22.63 ? 218 LEU A C     1 
ATOM   1570 O O     . LEU A 1 235 ? -6.891  -2.946  -7.304  1.00 27.03 ? 218 LEU A O     1 
ATOM   1571 C CB    . LEU A 1 235 ? -8.721  -5.155  -6.481  1.00 25.07 ? 218 LEU A CB    1 
ATOM   1572 C CG    . LEU A 1 235 ? -10.221 -4.857  -6.390  1.00 27.35 ? 218 LEU A CG    1 
ATOM   1573 C CD1   . LEU A 1 235 ? -10.827 -5.580  -5.198  1.00 23.97 ? 218 LEU A CD1   1 
ATOM   1574 C CD2   . LEU A 1 235 ? -10.489 -3.362  -6.295  1.00 25.82 ? 218 LEU A CD2   1 
ATOM   1575 N N     . ARG A 1 236 ? -8.164  -2.964  -9.160  1.00 24.34 ? 219 ARG A N     1 
ATOM   1576 C CA    . ARG A 1 236 ? -7.820  -1.603  -9.556  1.00 20.68 ? 219 ARG A CA    1 
ATOM   1577 C C     . ARG A 1 236 ? -9.029  -0.676  -9.479  1.00 19.15 ? 219 ARG A C     1 
ATOM   1578 O O     . ARG A 1 236 ? -10.122 -1.031  -9.921  1.00 22.88 ? 219 ARG A O     1 
ATOM   1579 C CB    . ARG A 1 236 ? -7.234  -1.600  -10.970 1.00 25.26 ? 219 ARG A CB    1 
ATOM   1580 C CG    . ARG A 1 236 ? -6.829  -0.231  -11.492 1.00 30.52 ? 219 ARG A CG    1 
ATOM   1581 C CD    . ARG A 1 236 ? -6.098  -0.354  -12.822 1.00 39.16 ? 219 ARG A CD    1 
ATOM   1582 N NE    . ARG A 1 236 ? -5.861  0.942   -13.449 1.00 46.04 ? 219 ARG A NE    1 
ATOM   1583 C CZ    . ARG A 1 236 ? -4.805  1.711   -13.203 1.00 45.93 ? 219 ARG A CZ    1 
ATOM   1584 N NH1   . ARG A 1 236 ? -3.881  1.318   -12.337 1.00 48.82 ? 219 ARG A NH1   1 
ATOM   1585 N NH2   . ARG A 1 236 ? -4.673  2.876   -13.822 1.00 42.61 ? 219 ARG A NH2   1 
ATOM   1586 N N     . ALA A 1 237 ? -8.830  0.512   -8.915  1.00 16.22 ? 220 ALA A N     1 
ATOM   1587 C CA    . ALA A 1 237 ? -9.913  1.479   -8.770  1.00 17.64 ? 220 ALA A CA    1 
ATOM   1588 C C     . ALA A 1 237 ? -9.418  2.914   -8.929  1.00 18.75 ? 220 ALA A C     1 
ATOM   1589 O O     . ALA A 1 237 ? -8.215  3.167   -8.938  1.00 16.12 ? 220 ALA A O     1 
ATOM   1590 C CB    . ALA A 1 237 ? -10.599 1.304   -7.424  1.00 19.58 ? 220 ALA A CB    1 
ATOM   1591 N N     . VAL A 1 238 ? -10.357 3.848   -9.052  1.00 20.61 ? 221 VAL A N     1 
ATOM   1592 C CA    . VAL A 1 238 ? -10.029 5.261   -9.223  1.00 18.61 ? 221 VAL A CA    1 
ATOM   1593 C C     . VAL A 1 238 ? -10.720 6.114   -8.159  1.00 21.08 ? 221 VAL A C     1 
ATOM   1594 O O     . VAL A 1 238 ? -11.915 5.956   -7.908  1.00 29.79 ? 221 VAL A O     1 
ATOM   1595 C CB    . VAL A 1 238 ? -10.429 5.765   -10.627 1.00 17.29 ? 221 VAL A CB    1 
ATOM   1596 C CG1   . VAL A 1 238 ? -10.162 7.257   -10.761 1.00 20.88 ? 221 VAL A CG1   1 
ATOM   1597 C CG2   . VAL A 1 238 ? -9.684  4.989   -11.702 1.00 13.20 ? 221 VAL A CG2   1 
ATOM   1598 N N     . ALA A 1 239 ? -9.961  7.012   -7.538  1.00 17.88 ? 222 ALA A N     1 
ATOM   1599 C CA    . ALA A 1 239 ? -10.481 7.859   -6.468  1.00 20.50 ? 222 ALA A CA    1 
ATOM   1600 C C     . ALA A 1 239 ? -11.542 8.838   -6.965  1.00 23.54 ? 222 ALA A C     1 
ATOM   1601 O O     . ALA A 1 239 ? -11.239 9.771   -7.709  1.00 25.93 ? 222 ALA A O     1 
ATOM   1602 C CB    . ALA A 1 239 ? -9.343  8.616   -5.798  1.00 18.07 ? 222 ALA A CB    1 
ATOM   1603 N N     . VAL A 1 240 ? -12.784 8.616   -6.547  1.00 24.13 ? 223 VAL A N     1 
ATOM   1604 C CA    . VAL A 1 240 ? -13.887 9.508   -6.889  1.00 22.58 ? 223 VAL A CA    1 
ATOM   1605 C C     . VAL A 1 240 ? -14.585 9.999   -5.623  1.00 22.46 ? 223 VAL A C     1 
ATOM   1606 O O     . VAL A 1 240 ? -14.141 9.710   -4.512  1.00 24.38 ? 223 VAL A O     1 
ATOM   1607 C CB    . VAL A 1 240 ? -14.914 8.818   -7.806  1.00 21.62 ? 223 VAL A CB    1 
ATOM   1608 C CG1   . VAL A 1 240 ? -14.265 8.411   -9.120  1.00 17.85 ? 223 VAL A CG1   1 
ATOM   1609 C CG2   . VAL A 1 240 ? -15.519 7.608   -7.110  1.00 22.68 ? 223 VAL A CG2   1 
ATOM   1610 N N     . ASP A 1 241 ? -15.677 10.738  -5.793  1.00 23.23 ? 224 ASP A N     1 
ATOM   1611 C CA    . ASP A 1 241 ? -16.415 11.282  -4.656  1.00 24.81 ? 224 ASP A CA    1 
ATOM   1612 C C     . ASP A 1 241 ? -17.219 10.209  -3.925  1.00 27.81 ? 224 ASP A C     1 
ATOM   1613 O O     . ASP A 1 241 ? -17.894 9.393   -4.553  1.00 29.20 ? 224 ASP A O     1 
ATOM   1614 C CB    . ASP A 1 241 ? -17.343 12.410  -5.109  1.00 29.83 ? 224 ASP A CB    1 
ATOM   1615 C CG    . ASP A 1 241 ? -16.641 13.753  -5.158  1.00 36.58 ? 224 ASP A CG    1 
ATOM   1616 O OD1   . ASP A 1 241 ? -15.447 13.789  -5.524  1.00 39.30 ? 224 ASP A OD1   1 
ATOM   1617 O OD2   . ASP A 1 241 ? -17.284 14.768  -4.820  1.00 43.37 ? 224 ASP A OD2   1 
ATOM   1618 N N     . PRO A 1 242 ? -17.142 10.214  -2.583  1.00 26.47 ? 225 PRO A N     1 
ATOM   1619 C CA    . PRO A 1 242 ? -17.782 9.238   -1.691  1.00 27.18 ? 225 PRO A CA    1 
ATOM   1620 C C     . PRO A 1 242 ? -19.305 9.359   -1.631  1.00 37.34 ? 225 PRO A C     1 
ATOM   1621 O O     . PRO A 1 242 ? -19.896 10.125  -2.391  1.00 38.12 ? 225 PRO A O     1 
ATOM   1622 C CB    . PRO A 1 242 ? -17.170 9.559   -0.321  1.00 23.74 ? 225 PRO A CB    1 
ATOM   1623 C CG    . PRO A 1 242 ? -15.944 10.359  -0.614  1.00 20.36 ? 225 PRO A CG    1 
ATOM   1624 C CD    . PRO A 1 242 ? -16.278 11.143  -1.836  1.00 21.49 ? 225 PRO A CD    1 
ATOM   1625 N N     . ARG A 1 243 ? -19.912 8.611   -0.710  1.00 47.51 ? 226 ARG A N     1 
ATOM   1626 C CA    . ARG A 1 243 ? -21.367 8.498   -0.590  1.00 48.48 ? 226 ARG A CA    1 
ATOM   1627 C C     . ARG A 1 243 ? -22.048 8.246   -1.936  1.00 50.51 ? 226 ARG A C     1 
ATOM   1628 O O     . ARG A 1 243 ? -22.677 9.140   -2.496  1.00 63.64 ? 226 ARG A O     1 
ATOM   1629 C CB    . ARG A 1 243 ? -21.961 9.751   0.071   1.00 46.98 ? 226 ARG A CB    1 
ATOM   1630 C CG    . ARG A 1 243 ? -21.524 9.964   1.514   1.00 60.23 ? 226 ARG A CG    1 
ATOM   1631 C CD    . ARG A 1 243 ? -22.199 11.177  2.144   1.00 67.43 ? 226 ARG A CD    1 
ATOM   1632 N NE    . ARG A 1 243 ? -23.638 10.989  2.324   1.00 79.39 ? 226 ARG A NE    1 
ATOM   1633 C CZ    . ARG A 1 243 ? -24.570 11.659  1.653   1.00 73.66 ? 226 ARG A CZ    1 
ATOM   1634 N NH1   . ARG A 1 243 ? -24.216 12.563  0.752   1.00 70.73 ? 226 ARG A NH1   1 
ATOM   1635 N NH2   . ARG A 1 243 ? -25.856 11.427  1.883   1.00 58.99 ? 226 ARG A NH2   1 
ATOM   1636 N N     . ASP A 1 244 ? -21.918 7.023   -2.443  1.00 54.25 ? 227 ASP A N     1 
ATOM   1637 C CA    . ASP A 1 244 ? -22.510 6.641   -3.723  1.00 62.27 ? 227 ASP A CA    1 
ATOM   1638 C C     . ASP A 1 244 ? -23.003 5.198   -3.671  1.00 70.92 ? 227 ASP A C     1 
ATOM   1639 O O     . ASP A 1 244 ? -22.411 4.302   -4.280  1.00 61.48 ? 227 ASP A O     1 
ATOM   1640 C CB    . ASP A 1 244 ? -21.489 6.817   -4.850  1.00 62.77 ? 227 ASP A CB    1 
ATOM   1641 C CG    . ASP A 1 244 ? -22.125 6.830   -6.220  1.00 75.59 ? 227 ASP A CG    1 
ATOM   1642 O OD1   . ASP A 1 244 ? -22.650 7.892   -6.617  1.00 73.93 ? 227 ASP A OD1   1 
ATOM   1643 O OD2   . ASP A 1 244 ? -22.084 5.789   -6.905  1.00 78.56 ? 227 ASP A OD2   1 
ATOM   1644 N N     . PRO A 1 245 ? -24.101 4.969   -2.939  1.00 70.36 ? 228 PRO A N     1 
ATOM   1645 C CA    . PRO A 1 245 ? -24.536 3.610   -2.602  1.00 76.84 ? 228 PRO A CA    1 
ATOM   1646 C C     . PRO A 1 245 ? -25.561 3.013   -3.563  1.00 81.54 ? 228 PRO A C     1 
ATOM   1647 O O     . PRO A 1 245 ? -26.072 3.704   -4.443  1.00 79.99 ? 228 PRO A O     1 
ATOM   1648 C CB    . PRO A 1 245 ? -25.165 3.789   -1.207  1.00 79.16 ? 228 PRO A CB    1 
ATOM   1649 C CG    . PRO A 1 245 ? -25.209 5.296   -0.945  1.00 76.35 ? 228 PRO A CG    1 
ATOM   1650 C CD    . PRO A 1 245 ? -24.917 5.976   -2.246  1.00 76.13 ? 228 PRO A CD    1 
ATOM   1651 N N     . VAL A 1 246 ? -25.844 1.725   -3.381  1.00 87.51 ? 229 VAL A N     1 
ATOM   1652 C CA    . VAL A 1 246 ? -26.879 1.024   -4.135  1.00 86.45 ? 229 VAL A CA    1 
ATOM   1653 C C     . VAL A 1 246 ? -28.267 1.520   -3.723  1.00 88.96 ? 229 VAL A C     1 
ATOM   1654 O O     . VAL A 1 246 ? -28.440 2.074   -2.640  1.00 85.12 ? 229 VAL A O     1 
ATOM   1655 C CB    . VAL A 1 246 ? -26.779 -0.506  -3.927  1.00 73.72 ? 229 VAL A CB    1 
ATOM   1656 C CG1   . VAL A 1 246 ? -27.409 -0.910  -2.601  1.00 72.30 ? 229 VAL A CG1   1 
ATOM   1657 C CG2   . VAL A 1 246 ? -27.435 -1.246  -5.079  1.00 65.10 ? 229 VAL A CG2   1 
ATOM   1658 N N     . GLY A 1 247 ? -29.248 1.336   -4.598  1.00 87.73 ? 230 GLY A N     1 
ATOM   1659 C CA    . GLY A 1 247 ? -30.613 1.729   -4.307  1.00 73.79 ? 230 GLY A CA    1 
ATOM   1660 C C     . GLY A 1 247 ? -31.384 0.650   -3.570  1.00 63.70 ? 230 GLY A C     1 
ATOM   1661 O O     . GLY A 1 247 ? -32.611 0.593   -3.646  1.00 51.54 ? 230 GLY A O     1 
HETATM 1662 N N     . SAH B 2 .   ? 3.580   -5.193  1.128   1.00 51.06 ? 301 SAH A N     1 
HETATM 1663 C CA    . SAH B 2 .   ? 4.849   -5.629  1.702   1.00 49.56 ? 301 SAH A CA    1 
HETATM 1664 C CB    . SAH B 2 .   ? 4.681   -6.010  3.168   1.00 50.37 ? 301 SAH A CB    1 
HETATM 1665 C CG    . SAH B 2 .   ? 3.420   -6.802  3.495   1.00 41.24 ? 301 SAH A CG    1 
HETATM 1666 S SD    . SAH B 2 .   ? 3.347   -7.282  5.239   1.00 66.27 ? 301 SAH A SD    1 
HETATM 1667 C C     . SAH B 2 .   ? 5.457   -6.785  0.913   1.00 58.47 ? 301 SAH A C     1 
HETATM 1668 O O     . SAH B 2 .   ? 4.804   -7.382  0.057   1.00 52.17 ? 301 SAH A O     1 
HETATM 1669 O OXT   . SAH B 2 .   ? 6.617   -7.146  1.113   1.00 62.08 ? 301 SAH A OXT   1 
HETATM 1670 C "C5'" . SAH B 2 .   ? 1.784   -6.391  5.454   1.00 51.30 ? 301 SAH A "C5'" 1 
HETATM 1671 C "C4'" . SAH B 2 .   ? 1.926   -5.235  6.436   1.00 54.58 ? 301 SAH A "C4'" 1 
HETATM 1672 O "O4'" . SAH B 2 .   ? 0.730   -4.485  6.549   1.00 46.64 ? 301 SAH A "O4'" 1 
HETATM 1673 C "C3'" . SAH B 2 .   ? 2.256   -5.721  7.840   1.00 53.73 ? 301 SAH A "C3'" 1 
HETATM 1674 O "O3'" . SAH B 2 .   ? 3.624   -5.528  8.112   1.00 54.53 ? 301 SAH A "O3'" 1 
HETATM 1675 C "C2'" . SAH B 2 .   ? 1.409   -4.862  8.759   1.00 44.74 ? 301 SAH A "C2'" 1 
HETATM 1676 O "O2'" . SAH B 2 .   ? 2.221   -4.175  9.682   1.00 49.72 ? 301 SAH A "O2'" 1 
HETATM 1677 C "C1'" . SAH B 2 .   ? 0.722   -3.876  7.826   1.00 41.43 ? 301 SAH A "C1'" 1 
HETATM 1678 N N9    . SAH B 2 .   ? -0.630  -3.546  8.314   1.00 38.70 ? 301 SAH A N9    1 
HETATM 1679 C C8    . SAH B 2 .   ? -1.490  -4.378  8.982   1.00 42.24 ? 301 SAH A C8    1 
HETATM 1680 N N7    . SAH B 2 .   ? -2.620  -3.688  9.265   1.00 39.89 ? 301 SAH A N7    1 
HETATM 1681 C C5    . SAH B 2 .   ? -2.490  -2.428  8.794   1.00 38.38 ? 301 SAH A C5    1 
HETATM 1682 C C6    . SAH B 2 .   ? -3.337  -1.326  8.814   1.00 42.67 ? 301 SAH A C6    1 
HETATM 1683 N N6    . SAH B 2 .   ? -4.536  -1.413  9.384   1.00 39.42 ? 301 SAH A N6    1 
HETATM 1684 N N1    . SAH B 2 .   ? -2.929  -0.140  8.241   1.00 38.34 ? 301 SAH A N1    1 
HETATM 1685 C C2    . SAH B 2 .   ? -1.683  -0.055  7.650   1.00 37.37 ? 301 SAH A C2    1 
HETATM 1686 N N3    . SAH B 2 .   ? -0.849  -1.156  7.633   1.00 38.86 ? 301 SAH A N3    1 
HETATM 1687 C C4    . SAH B 2 .   ? -1.242  -2.324  8.196   1.00 38.13 ? 301 SAH A C4    1 
HETATM 1688 O O     . HOH C 3 .   ? -10.143 -14.046 12.432  1.00 30.31 ? 401 HOH A O     1 
HETATM 1689 O O     . HOH C 3 .   ? 21.409  9.673   0.558   1.00 31.23 ? 402 HOH A O     1 
HETATM 1690 O O     . HOH C 3 .   ? -14.644 -9.932  12.230  1.00 40.25 ? 403 HOH A O     1 
HETATM 1691 O O     . HOH C 3 .   ? -22.617 9.746   -8.361  1.00 41.57 ? 404 HOH A O     1 
HETATM 1692 O O     . HOH C 3 .   ? 11.730  16.999  10.022  1.00 41.02 ? 405 HOH A O     1 
HETATM 1693 O O     . HOH C 3 .   ? -6.400  -20.783 -3.667  1.00 36.21 ? 406 HOH A O     1 
HETATM 1694 O O     . HOH C 3 .   ? 12.114  7.670   -13.631 1.00 33.46 ? 407 HOH A O     1 
HETATM 1695 O O     . HOH C 3 .   ? 10.683  14.912  17.512  1.00 35.61 ? 408 HOH A O     1 
HETATM 1696 O O     . HOH C 3 .   ? -14.984 -13.161 1.132   1.00 35.94 ? 409 HOH A O     1 
HETATM 1697 O O     . HOH C 3 .   ? -0.683  -19.601 -6.363  1.00 35.18 ? 410 HOH A O     1 
HETATM 1698 O O     . HOH C 3 .   ? -7.658  -14.699 -15.121 1.00 16.49 ? 411 HOH A O     1 
HETATM 1699 O O     . HOH C 3 .   ? -11.264 -8.032  -16.097 1.00 22.19 ? 412 HOH A O     1 
HETATM 1700 O O     . HOH C 3 .   ? -17.427 0.162   -11.219 1.00 24.48 ? 413 HOH A O     1 
HETATM 1701 O O     . HOH C 3 .   ? 16.871  8.465   -4.877  1.00 25.48 ? 414 HOH A O     1 
HETATM 1702 O O     . HOH C 3 .   ? 6.518   9.410   -13.990 1.00 33.97 ? 415 HOH A O     1 
HETATM 1703 O O     . HOH C 3 .   ? 2.043   -20.205 -9.312  1.00 35.19 ? 416 HOH A O     1 
HETATM 1704 O O     . HOH C 3 .   ? 5.400   -2.410  -7.720  1.00 48.27 ? 417 HOH A O     1 
HETATM 1705 O O     . HOH C 3 .   ? -2.063  -10.719 0.890   1.00 32.78 ? 418 HOH A O     1 
HETATM 1706 O O     . HOH C 3 .   ? -15.162 -9.397  -11.853 1.00 28.22 ? 419 HOH A O     1 
HETATM 1707 O O     . HOH C 3 .   ? -18.078 -0.819  7.528   1.00 29.67 ? 420 HOH A O     1 
HETATM 1708 O O     . HOH C 3 .   ? 2.401   -23.677 -16.030 1.00 21.76 ? 421 HOH A O     1 
HETATM 1709 O O     . HOH C 3 .   ? -0.863  -3.706  12.831  1.00 33.80 ? 422 HOH A O     1 
# 
loop_
_pdbx_poly_seq_scheme.asym_id 
_pdbx_poly_seq_scheme.entity_id 
_pdbx_poly_seq_scheme.seq_id 
_pdbx_poly_seq_scheme.mon_id 
_pdbx_poly_seq_scheme.ndb_seq_num 
_pdbx_poly_seq_scheme.pdb_seq_num 
_pdbx_poly_seq_scheme.auth_seq_num 
_pdbx_poly_seq_scheme.pdb_mon_id 
_pdbx_poly_seq_scheme.auth_mon_id 
_pdbx_poly_seq_scheme.pdb_strand_id 
_pdbx_poly_seq_scheme.pdb_ins_code 
_pdbx_poly_seq_scheme.hetero 
A 1 1   MET 1   -16 ?   ?   ?   A . n 
A 1 2   HIS 2   -15 ?   ?   ?   A . n 
A 1 3   HIS 3   -14 ?   ?   ?   A . n 
A 1 4   HIS 4   -13 ?   ?   ?   A . n 
A 1 5   HIS 5   -12 ?   ?   ?   A . n 
A 1 6   HIS 6   -11 ?   ?   ?   A . n 
A 1 7   HIS 7   -10 ?   ?   ?   A . n 
A 1 8   ALA 8   -9  ?   ?   ?   A . n 
A 1 9   SER 9   -8  ?   ?   ?   A . n 
A 1 10  GLY 10  -7  ?   ?   ?   A . n 
A 1 11  LEU 11  -6  ?   ?   ?   A . n 
A 1 12  VAL 12  -5  ?   ?   ?   A . n 
A 1 13  PRO 13  -4  ?   ?   ?   A . n 
A 1 14  ARG 14  -3  ?   ?   ?   A . n 
A 1 15  GLY 15  -2  ?   ?   ?   A . n 
A 1 16  SER 16  -1  ?   ?   ?   A . n 
A 1 17  HIS 17  0   ?   ?   ?   A . n 
A 1 18  MET 18  1   ?   ?   ?   A . n 
A 1 19  THR 19  2   ?   ?   ?   A . n 
A 1 20  ARG 20  3   ?   ?   ?   A . n 
A 1 21  THR 21  4   ?   ?   ?   A . n 
A 1 22  THR 22  5   ?   ?   ?   A . n 
A 1 23  ALA 23  6   ?   ?   ?   A . n 
A 1 24  LEU 24  7   ?   ?   ?   A . n 
A 1 25  LYS 25  8   ?   ?   ?   A . n 
A 1 26  VAL 26  9   9   VAL VAL A . n 
A 1 27  LEU 27  10  10  LEU LEU A . n 
A 1 28  ALA 28  11  11  ALA ALA A . n 
A 1 29  GLY 29  12  12  GLY GLY A . n 
A 1 30  LYS 30  13  13  LYS LYS A . n 
A 1 31  LYS 31  14  14  LYS LYS A . n 
A 1 32  LEU 32  15  15  LEU LEU A . n 
A 1 33  THR 33  16  16  THR THR A . n 
A 1 34  ASP 34  17  17  ASP ASP A . n 
A 1 35  LEU 35  18  18  LEU LEU A . n 
A 1 36  ASP 36  19  19  ASP ASP A . n 
A 1 37  PRO 37  20  20  PRO PRO A . n 
A 1 38  ASP 38  21  21  ASP ASP A . n 
A 1 39  GLU 39  22  22  GLU GLU A . n 
A 1 40  TRP 40  23  23  TRP TRP A . n 
A 1 41  ALA 41  24  24  ALA ALA A . n 
A 1 42  LYS 42  25  25  LYS LYS A . n 
A 1 43  ALA 43  26  26  ALA ALA A . n 
A 1 44  GLN 44  27  27  GLN GLN A . n 
A 1 45  ALA 45  28  28  ALA ALA A . n 
A 1 46  SER 46  29  29  SER SER A . n 
A 1 47  ALA 47  30  30  ALA ALA A . n 
A 1 48  GLU 48  31  31  GLU GLU A . n 
A 1 49  ARG 49  32  32  ARG ARG A . n 
A 1 50  ILE 50  33  33  ILE ILE A . n 
A 1 51  LEU 51  34  34  LEU LEU A . n 
A 1 52  VAL 52  35  35  VAL VAL A . n 
A 1 53  ASP 53  36  36  ASP ASP A . n 
A 1 54  VAL 54  37  37  VAL VAL A . n 
A 1 55  GLY 55  38  38  GLY GLY A . n 
A 1 56  THR 56  39  39  THR THR A . n 
A 1 57  GLY 57  40  40  GLY GLY A . n 
A 1 58  ASP 58  41  41  ASP ASP A . n 
A 1 59  ALA 59  42  42  ALA ALA A . n 
A 1 60  ARG 60  43  43  ARG ARG A . n 
A 1 61  THR 61  44  44  THR THR A . n 
A 1 62  ALA 62  45  45  ALA ALA A . n 
A 1 63  TYR 63  46  46  TYR TYR A . n 
A 1 64  ARG 64  47  47  ARG ARG A . n 
A 1 65  GLN 65  48  48  GLN GLN A . n 
A 1 66  ALA 66  49  49  ALA ALA A . n 
A 1 67  ILE 67  50  50  ILE ILE A . n 
A 1 68  ALA 68  51  51  ALA ALA A . n 
A 1 69  HIS 69  52  52  HIS HIS A . n 
A 1 70  PRO 70  53  53  PRO PRO A . n 
A 1 71  GLU 71  54  54  GLU GLU A . n 
A 1 72  TRP 72  55  55  TRP TRP A . n 
A 1 73  LEU 73  56  56  LEU LEU A . n 
A 1 74  VAL 74  57  57  VAL VAL A . n 
A 1 75  VAL 75  58  58  VAL VAL A . n 
A 1 76  GLY 76  59  59  GLY GLY A . n 
A 1 77  VAL 77  60  60  VAL VAL A . n 
A 1 78  ASP 78  61  61  ASP ASP A . n 
A 1 79  PRO 79  62  62  PRO PRO A . n 
A 1 80  ALA 80  63  63  ALA ALA A . n 
A 1 81  TRP 81  64  64  TRP TRP A . n 
A 1 82  GLN 82  65  65  GLN GLN A . n 
A 1 83  ARG 83  66  66  ARG ARG A . n 
A 1 84  MET 84  67  67  MET MET A . n 
A 1 85  THR 85  68  68  THR THR A . n 
A 1 86  GLU 86  69  69  GLU GLU A . n 
A 1 87  THR 87  70  70  THR THR A . n 
A 1 88  ALA 88  71  71  ALA ALA A . n 
A 1 89  VAL 89  72  72  VAL VAL A . n 
A 1 90  ARG 90  73  73  ARG ARG A . n 
A 1 91  ALA 91  74  74  ALA ALA A . n 
A 1 92  ALA 92  75  75  ALA ALA A . n 
A 1 93  ARG 93  76  76  ARG ARG A . n 
A 1 94  LYS 94  77  77  LYS LYS A . n 
A 1 95  PRO 95  78  78  PRO PRO A . n 
A 1 96  ALA 96  79  79  ALA ALA A . n 
A 1 97  LYS 97  80  80  LYS LYS A . n 
A 1 98  GLY 98  81  81  GLY GLY A . n 
A 1 99  GLY 99  82  82  GLY GLY A . n 
A 1 100 ALA 100 83  83  ALA ALA A . n 
A 1 101 PRO 101 84  84  PRO PRO A . n 
A 1 102 ASN 102 85  85  ASN ASN A . n 
A 1 103 LEU 103 86  86  LEU LEU A . n 
A 1 104 VAL 104 87  87  VAL VAL A . n 
A 1 105 LEU 105 88  88  LEU LEU A . n 
A 1 106 VAL 106 89  89  VAL VAL A . n 
A 1 107 SER 107 90  90  SER SER A . n 
A 1 108 SER 108 91  91  SER SER A . n 
A 1 109 ALA 109 92  92  ALA ALA A . n 
A 1 110 ILE 110 93  93  ILE ILE A . n 
A 1 111 GLU 111 94  94  GLU GLU A . n 
A 1 112 THR 112 95  95  THR THR A . n 
A 1 113 VAL 113 96  96  VAL VAL A . n 
A 1 114 PRO 114 97  97  PRO PRO A . n 
A 1 115 ALA 115 98  98  ALA ALA A . n 
A 1 116 ALA 116 99  99  ALA ALA A . n 
A 1 117 LEU 117 100 100 LEU LEU A . n 
A 1 118 HIS 118 101 101 HIS HIS A . n 
A 1 119 GLY 119 102 102 GLY GLY A . n 
A 1 120 VAL 120 103 103 VAL VAL A . n 
A 1 121 ALA 121 104 104 ALA ALA A . n 
A 1 122 ASP 122 105 105 ASP ASP A . n 
A 1 123 GLU 123 106 106 GLU GLU A . n 
A 1 124 VAL 124 107 107 VAL VAL A . n 
A 1 125 MET 125 108 108 MET MET A . n 
A 1 126 VAL 126 109 109 VAL VAL A . n 
A 1 127 LEU 127 110 110 LEU LEU A . n 
A 1 128 MET 128 111 111 MET MET A . n 
A 1 129 PRO 129 112 112 PRO PRO A . n 
A 1 130 TRP 130 113 113 TRP TRP A . n 
A 1 131 GLY 131 114 114 GLY GLY A . n 
A 1 132 LYS 132 115 115 LYS LYS A . n 
A 1 133 LEU 133 116 116 LEU LEU A . n 
A 1 134 LEU 134 117 117 LEU LEU A . n 
A 1 135 ARG 135 118 118 ARG ARG A . n 
A 1 136 GLY 136 119 119 GLY GLY A . n 
A 1 137 VAL 137 120 120 VAL VAL A . n 
A 1 138 VAL 138 121 121 VAL VAL A . n 
A 1 139 LEU 139 122 122 LEU LEU A . n 
A 1 140 GLY 140 123 123 GLY GLY A . n 
A 1 141 GLU 141 124 124 GLU GLU A . n 
A 1 142 ALA 142 125 125 ALA ALA A . n 
A 1 143 ASP 143 126 126 ASP ASP A . n 
A 1 144 VAL 144 127 127 VAL VAL A . n 
A 1 145 LEU 145 128 128 LEU LEU A . n 
A 1 146 SER 146 129 129 SER SER A . n 
A 1 147 GLY 147 130 130 GLY GLY A . n 
A 1 148 LEU 148 131 131 LEU LEU A . n 
A 1 149 ARG 149 132 132 ARG ARG A . n 
A 1 150 ALA 150 133 133 ALA ALA A . n 
A 1 151 VAL 151 134 134 VAL VAL A . n 
A 1 152 ALA 152 135 135 ALA ALA A . n 
A 1 153 LYS 153 136 136 LYS LYS A . n 
A 1 154 PRO 154 137 137 PRO PRO A . n 
A 1 155 GLY 155 138 138 GLY GLY A . n 
A 1 156 ALA 156 139 139 ALA ALA A . n 
A 1 157 PRO 157 140 140 PRO PRO A . n 
A 1 158 LEU 158 141 141 LEU LEU A . n 
A 1 159 GLU 159 142 142 GLU GLU A . n 
A 1 160 ILE 160 143 143 ILE ILE A . n 
A 1 161 SER 161 144 144 SER SER A . n 
A 1 162 ILE 162 145 145 ILE ILE A . n 
A 1 163 GLY 163 146 146 GLY GLY A . n 
A 1 164 THR 164 147 147 THR THR A . n 
A 1 165 SER 165 148 148 SER SER A . n 
A 1 166 ILE 166 149 149 ILE ILE A . n 
A 1 167 TRP 167 150 150 TRP TRP A . n 
A 1 168 ARG 168 151 151 ARG ARG A . n 
A 1 169 GLU 169 152 152 GLU GLU A . n 
A 1 170 PRO 170 153 153 PRO PRO A . n 
A 1 171 ILE 171 154 154 ILE ILE A . n 
A 1 172 PRO 172 155 155 PRO PRO A . n 
A 1 173 LEU 173 156 156 LEU LEU A . n 
A 1 174 GLU 174 157 157 GLU GLU A . n 
A 1 175 ILE 175 158 158 ILE ILE A . n 
A 1 176 ARG 176 159 159 ARG ARG A . n 
A 1 177 ASP 177 160 160 ASP ASP A . n 
A 1 178 LEU 178 161 161 LEU LEU A . n 
A 1 179 PRO 179 162 162 PRO PRO A . n 
A 1 180 GLU 180 163 163 GLU GLU A . n 
A 1 181 LEU 181 164 164 LEU LEU A . n 
A 1 182 THR 182 165 165 THR THR A . n 
A 1 183 PRO 183 166 166 PRO PRO A . n 
A 1 184 GLU 184 167 167 GLU GLU A . n 
A 1 185 THR 185 168 168 THR THR A . n 
A 1 186 VAL 186 169 169 VAL VAL A . n 
A 1 187 VAL 187 170 170 VAL VAL A . n 
A 1 188 SER 188 171 171 SER SER A . n 
A 1 189 THR 189 172 172 THR THR A . n 
A 1 190 GLY 190 173 173 GLY GLY A . n 
A 1 191 LEU 191 174 174 LEU LEU A . n 
A 1 192 THR 192 175 175 THR THR A . n 
A 1 193 ASP 193 176 176 ASP ASP A . n 
A 1 194 ARG 194 177 177 ARG ARG A . n 
A 1 195 LEU 195 178 178 LEU LEU A . n 
A 1 196 ALA 196 179 179 ALA ALA A . n 
A 1 197 ALA 197 180 180 ALA ALA A . n 
A 1 198 LEU 198 181 181 LEU LEU A . n 
A 1 199 GLY 199 182 182 GLY GLY A . n 
A 1 200 TRP 200 183 183 TRP TRP A . n 
A 1 201 GLN 201 184 184 GLN GLN A . n 
A 1 202 VAL 202 185 185 VAL VAL A . n 
A 1 203 ALA 203 186 186 ALA ALA A . n 
A 1 204 ASP 204 187 187 ASP ASP A . n 
A 1 205 VAL 205 188 188 VAL VAL A . n 
A 1 206 ARG 206 189 189 ARG ARG A . n 
A 1 207 LEU 207 190 190 LEU LEU A . n 
A 1 208 VAL 208 191 191 VAL VAL A . n 
A 1 209 PRO 209 192 192 PRO PRO A . n 
A 1 210 HIS 210 193 193 HIS HIS A . n 
A 1 211 THR 211 194 194 THR THR A . n 
A 1 212 ASP 212 195 195 ASP ASP A . n 
A 1 213 LEU 213 196 196 LEU LEU A . n 
A 1 214 ASP 214 197 197 ASP ASP A . n 
A 1 215 THR 215 198 198 THR THR A . n 
A 1 216 ILE 216 199 199 ILE ILE A . n 
A 1 217 SER 217 200 200 SER SER A . n 
A 1 218 SER 218 201 201 SER SER A . n 
A 1 219 SER 219 202 202 SER SER A . n 
A 1 220 TRP 220 203 203 TRP TRP A . n 
A 1 221 ALA 221 204 204 ALA ALA A . n 
A 1 222 ARG 222 205 205 ARG ARG A . n 
A 1 223 ARG 223 206 206 ARG ARG A . n 
A 1 224 LEU 224 207 207 LEU LEU A . n 
A 1 225 GLY 225 208 208 GLY GLY A . n 
A 1 226 SER 226 209 209 SER SER A . n 
A 1 227 GLY 227 210 210 GLY GLY A . n 
A 1 228 ALA 228 211 211 ALA ALA A . n 
A 1 229 THR 229 212 212 THR THR A . n 
A 1 230 GLU 230 213 213 GLU GLU A . n 
A 1 231 THR 231 214 214 THR THR A . n 
A 1 232 VAL 232 215 215 VAL VAL A . n 
A 1 233 LEU 233 216 216 LEU LEU A . n 
A 1 234 HIS 234 217 217 HIS HIS A . n 
A 1 235 LEU 235 218 218 LEU LEU A . n 
A 1 236 ARG 236 219 219 ARG ARG A . n 
A 1 237 ALA 237 220 220 ALA ALA A . n 
A 1 238 VAL 238 221 221 VAL VAL A . n 
A 1 239 ALA 239 222 222 ALA ALA A . n 
A 1 240 VAL 240 223 223 VAL VAL A . n 
A 1 241 ASP 241 224 224 ASP ASP A . n 
A 1 242 PRO 242 225 225 PRO PRO A . n 
A 1 243 ARG 243 226 226 ARG ARG A . n 
A 1 244 ASP 244 227 227 ASP ASP A . n 
A 1 245 PRO 245 228 228 PRO PRO A . n 
A 1 246 VAL 246 229 229 VAL VAL A . n 
A 1 247 GLY 247 230 230 GLY GLY A . n 
A 1 248 THR 248 231 ?   ?   ?   A . n 
A 1 249 GLN 249 232 ?   ?   ?   A . n 
A 1 250 HIS 250 233 ?   ?   ?   A . n 
A 1 251 PRO 251 234 ?   ?   ?   A . n 
A 1 252 ALA 252 235 ?   ?   ?   A . n 
A 1 253 ALA 253 236 ?   ?   ?   A . n 
A 1 254 GLU 254 237 ?   ?   ?   A . n 
A 1 255 SER 255 238 ?   ?   ?   A . n 
A 1 256 ALA 256 239 ?   ?   ?   A . n 
A 1 257 GLN 257 240 ?   ?   ?   A . n 
A 1 258 ASP 258 241 ?   ?   ?   A . n 
A 1 259 THR 259 242 ?   ?   ?   A . n 
A 1 260 PRO 260 243 ?   ?   ?   A . n 
A 1 261 GLU 261 244 ?   ?   ?   A . n 
A 1 262 GLU 262 245 ?   ?   ?   A . n 
A 1 263 PRO 263 246 ?   ?   ?   A . n 
A 1 264 GLN 264 247 ?   ?   ?   A . n 
A 1 265 ARG 265 248 ?   ?   ?   A . n 
A 1 266 ASP 266 249 ?   ?   ?   A . n 
A 1 267 VAL 267 250 ?   ?   ?   A . n 
# 
loop_
_pdbx_nonpoly_scheme.asym_id 
_pdbx_nonpoly_scheme.entity_id 
_pdbx_nonpoly_scheme.mon_id 
_pdbx_nonpoly_scheme.ndb_seq_num 
_pdbx_nonpoly_scheme.pdb_seq_num 
_pdbx_nonpoly_scheme.auth_seq_num 
_pdbx_nonpoly_scheme.pdb_mon_id 
_pdbx_nonpoly_scheme.auth_mon_id 
_pdbx_nonpoly_scheme.pdb_strand_id 
_pdbx_nonpoly_scheme.pdb_ins_code 
B 2 SAH 1  301 231 SAH SAH A . 
C 3 HOH 1  401 10  HOH HOH A . 
C 3 HOH 2  402 12  HOH HOH A . 
C 3 HOH 3  403 15  HOH HOH A . 
C 3 HOH 4  404 20  HOH HOH A . 
C 3 HOH 5  405 8   HOH HOH A . 
C 3 HOH 6  406 9   HOH HOH A . 
C 3 HOH 7  407 14  HOH HOH A . 
C 3 HOH 8  408 11  HOH HOH A . 
C 3 HOH 9  409 19  HOH HOH A . 
C 3 HOH 10 410 5   HOH HOH A . 
C 3 HOH 11 411 1   HOH HOH A . 
C 3 HOH 12 412 3   HOH HOH A . 
C 3 HOH 13 413 6   HOH HOH A . 
C 3 HOH 14 414 4   HOH HOH A . 
C 3 HOH 15 415 18  HOH HOH A . 
C 3 HOH 16 416 7   HOH HOH A . 
C 3 HOH 17 417 21  HOH HOH A . 
C 3 HOH 18 418 13  HOH HOH A . 
C 3 HOH 19 419 22  HOH HOH A . 
C 3 HOH 20 420 16  HOH HOH A . 
C 3 HOH 21 421 2   HOH HOH A . 
C 3 HOH 22 422 17  HOH HOH A . 
# 
_pdbx_struct_assembly.id                   1 
_pdbx_struct_assembly.details              author_and_software_defined_assembly 
_pdbx_struct_assembly.method_details       PISA 
_pdbx_struct_assembly.oligomeric_details   monomeric 
_pdbx_struct_assembly.oligomeric_count     1 
# 
_pdbx_struct_assembly_gen.assembly_id       1 
_pdbx_struct_assembly_gen.oper_expression   1 
_pdbx_struct_assembly_gen.asym_id_list      A,B,C 
# 
_pdbx_struct_oper_list.id                   1 
_pdbx_struct_oper_list.type                 'identity operation' 
_pdbx_struct_oper_list.name                 1_555 
_pdbx_struct_oper_list.symmetry_operation   x,y,z 
_pdbx_struct_oper_list.matrix[1][1]         1.0000000000 
_pdbx_struct_oper_list.matrix[1][2]         0.0000000000 
_pdbx_struct_oper_list.matrix[1][3]         0.0000000000 
_pdbx_struct_oper_list.vector[1]            0.0000000000 
_pdbx_struct_oper_list.matrix[2][1]         0.0000000000 
_pdbx_struct_oper_list.matrix[2][2]         1.0000000000 
_pdbx_struct_oper_list.matrix[2][3]         0.0000000000 
_pdbx_struct_oper_list.vector[2]            0.0000000000 
_pdbx_struct_oper_list.matrix[3][1]         0.0000000000 
_pdbx_struct_oper_list.matrix[3][2]         0.0000000000 
_pdbx_struct_oper_list.matrix[3][3]         1.0000000000 
_pdbx_struct_oper_list.vector[3]            0.0000000000 
# 
loop_
_pdbx_audit_revision_history.ordinal 
_pdbx_audit_revision_history.data_content_type 
_pdbx_audit_revision_history.major_revision 
_pdbx_audit_revision_history.minor_revision 
_pdbx_audit_revision_history.revision_date 
1 'Structure model' 1 0 2016-04-20 
2 'Structure model' 1 1 2016-07-20 
3 'Structure model' 1 2 2017-09-20 
4 'Structure model' 1 3 2019-12-11 
5 'Structure model' 1 4 2023-09-27 
# 
_pdbx_audit_revision_details.ordinal             1 
_pdbx_audit_revision_details.revision_ordinal    1 
_pdbx_audit_revision_details.data_content_type   'Structure model' 
_pdbx_audit_revision_details.provider            repository 
_pdbx_audit_revision_details.type                'Initial release' 
_pdbx_audit_revision_details.description         ? 
_pdbx_audit_revision_details.details             ? 
# 
loop_
_pdbx_audit_revision_group.ordinal 
_pdbx_audit_revision_group.revision_ordinal 
_pdbx_audit_revision_group.data_content_type 
_pdbx_audit_revision_group.group 
1 2 'Structure model' 'Data collection'            
2 3 'Structure model' 'Author supporting evidence' 
3 3 'Structure model' 'Derived calculations'       
4 4 'Structure model' 'Author supporting evidence' 
5 5 'Structure model' 'Data collection'            
6 5 'Structure model' 'Database references'        
7 5 'Structure model' 'Refinement description'     
# 
loop_
_pdbx_audit_revision_category.ordinal 
_pdbx_audit_revision_category.revision_ordinal 
_pdbx_audit_revision_category.data_content_type 
_pdbx_audit_revision_category.category 
1 3 'Structure model' pdbx_audit_support            
2 3 'Structure model' pdbx_struct_oper_list         
3 4 'Structure model' pdbx_audit_support            
4 5 'Structure model' chem_comp_atom                
5 5 'Structure model' chem_comp_bond                
6 5 'Structure model' database_2                    
7 5 'Structure model' pdbx_initial_refinement_model 
# 
loop_
_pdbx_audit_revision_item.ordinal 
_pdbx_audit_revision_item.revision_ordinal 
_pdbx_audit_revision_item.data_content_type 
_pdbx_audit_revision_item.item 
1 3 'Structure model' '_pdbx_audit_support.funding_organization'  
2 3 'Structure model' '_pdbx_struct_oper_list.symmetry_operation' 
3 4 'Structure model' '_pdbx_audit_support.funding_organization'  
4 5 'Structure model' '_database_2.pdbx_DOI'                      
5 5 'Structure model' '_database_2.pdbx_database_accession'       
# 
loop_
_software.citation_id 
_software.classification 
_software.compiler_name 
_software.compiler_version 
_software.contact_author 
_software.contact_author_email 
_software.date 
_software.description 
_software.dependencies 
_software.hardware 
_software.language 
_software.location 
_software.mods 
_software.name 
_software.os 
_software.os_version 
_software.type 
_software.version 
_software.pdbx_ordinal 
? refinement       ? ? ? ? ? ? ? ? ? ? ? PHENIX   ? ? ? 1.8.4_1496 1 
? 'data reduction' ? ? ? ? ? ? ? ? ? ? ? HKL-2000 ? ? ? .          2 
? 'data scaling'   ? ? ? ? ? ? ? ? ? ? ? HKL-2000 ? ? ? .          3 
? phasing          ? ? ? ? ? ? ? ? ? ? ? PHENIX   ? ? ? 1.8.4_1496 4 
# 
loop_
_pdbx_validate_torsion.id 
_pdbx_validate_torsion.PDB_model_num 
_pdbx_validate_torsion.auth_comp_id 
_pdbx_validate_torsion.auth_asym_id 
_pdbx_validate_torsion.auth_seq_id 
_pdbx_validate_torsion.PDB_ins_code 
_pdbx_validate_torsion.label_alt_id 
_pdbx_validate_torsion.phi 
_pdbx_validate_torsion.psi 
1 1 LYS A 13  ? ? 68.79   -48.53 
2 1 ILE A 199 ? ? -134.77 -42.02 
3 1 ARG A 226 ? ? 47.08   74.08  
# 
loop_
_pdbx_unobs_or_zero_occ_residues.id 
_pdbx_unobs_or_zero_occ_residues.PDB_model_num 
_pdbx_unobs_or_zero_occ_residues.polymer_flag 
_pdbx_unobs_or_zero_occ_residues.occupancy_flag 
_pdbx_unobs_or_zero_occ_residues.auth_asym_id 
_pdbx_unobs_or_zero_occ_residues.auth_comp_id 
_pdbx_unobs_or_zero_occ_residues.auth_seq_id 
_pdbx_unobs_or_zero_occ_residues.PDB_ins_code 
_pdbx_unobs_or_zero_occ_residues.label_asym_id 
_pdbx_unobs_or_zero_occ_residues.label_comp_id 
_pdbx_unobs_or_zero_occ_residues.label_seq_id 
1  1 Y 1 A MET -16 ? A MET 1   
2  1 Y 1 A HIS -15 ? A HIS 2   
3  1 Y 1 A HIS -14 ? A HIS 3   
4  1 Y 1 A HIS -13 ? A HIS 4   
5  1 Y 1 A HIS -12 ? A HIS 5   
6  1 Y 1 A HIS -11 ? A HIS 6   
7  1 Y 1 A HIS -10 ? A HIS 7   
8  1 Y 1 A ALA -9  ? A ALA 8   
9  1 Y 1 A SER -8  ? A SER 9   
10 1 Y 1 A GLY -7  ? A GLY 10  
11 1 Y 1 A LEU -6  ? A LEU 11  
12 1 Y 1 A VAL -5  ? A VAL 12  
13 1 Y 1 A PRO -4  ? A PRO 13  
14 1 Y 1 A ARG -3  ? A ARG 14  
15 1 Y 1 A GLY -2  ? A GLY 15  
16 1 Y 1 A SER -1  ? A SER 16  
17 1 Y 1 A HIS 0   ? A HIS 17  
18 1 Y 1 A MET 1   ? A MET 18  
19 1 Y 1 A THR 2   ? A THR 19  
20 1 Y 1 A ARG 3   ? A ARG 20  
21 1 Y 1 A THR 4   ? A THR 21  
22 1 Y 1 A THR 5   ? A THR 22  
23 1 Y 1 A ALA 6   ? A ALA 23  
24 1 Y 1 A LEU 7   ? A LEU 24  
25 1 Y 1 A LYS 8   ? A LYS 25  
26 1 Y 1 A THR 231 ? A THR 248 
27 1 Y 1 A GLN 232 ? A GLN 249 
28 1 Y 1 A HIS 233 ? A HIS 250 
29 1 Y 1 A PRO 234 ? A PRO 251 
30 1 Y 1 A ALA 235 ? A ALA 252 
31 1 Y 1 A ALA 236 ? A ALA 253 
32 1 Y 1 A GLU 237 ? A GLU 254 
33 1 Y 1 A SER 238 ? A SER 255 
34 1 Y 1 A ALA 239 ? A ALA 256 
35 1 Y 1 A GLN 240 ? A GLN 257 
36 1 Y 1 A ASP 241 ? A ASP 258 
37 1 Y 1 A THR 242 ? A THR 259 
38 1 Y 1 A PRO 243 ? A PRO 260 
39 1 Y 1 A GLU 244 ? A GLU 261 
40 1 Y 1 A GLU 245 ? A GLU 262 
41 1 Y 1 A PRO 246 ? A PRO 263 
42 1 Y 1 A GLN 247 ? A GLN 264 
43 1 Y 1 A ARG 248 ? A ARG 265 
44 1 Y 1 A ASP 249 ? A ASP 266 
45 1 Y 1 A VAL 250 ? A VAL 267 
# 
loop_
_chem_comp_atom.comp_id 
_chem_comp_atom.atom_id 
_chem_comp_atom.type_symbol 
_chem_comp_atom.pdbx_aromatic_flag 
_chem_comp_atom.pdbx_stereo_config 
_chem_comp_atom.pdbx_ordinal 
ALA N      N N N 1   
ALA CA     C N S 2   
ALA C      C N N 3   
ALA O      O N N 4   
ALA CB     C N N 5   
ALA OXT    O N N 6   
ALA H      H N N 7   
ALA H2     H N N 8   
ALA HA     H N N 9   
ALA HB1    H N N 10  
ALA HB2    H N N 11  
ALA HB3    H N N 12  
ALA HXT    H N N 13  
ARG N      N N N 14  
ARG CA     C N S 15  
ARG C      C N N 16  
ARG O      O N N 17  
ARG CB     C N N 18  
ARG CG     C N N 19  
ARG CD     C N N 20  
ARG NE     N N N 21  
ARG CZ     C N N 22  
ARG NH1    N N N 23  
ARG NH2    N N N 24  
ARG OXT    O N N 25  
ARG H      H N N 26  
ARG H2     H N N 27  
ARG HA     H N N 28  
ARG HB2    H N N 29  
ARG HB3    H N N 30  
ARG HG2    H N N 31  
ARG HG3    H N N 32  
ARG HD2    H N N 33  
ARG HD3    H N N 34  
ARG HE     H N N 35  
ARG HH11   H N N 36  
ARG HH12   H N N 37  
ARG HH21   H N N 38  
ARG HH22   H N N 39  
ARG HXT    H N N 40  
ASN N      N N N 41  
ASN CA     C N S 42  
ASN C      C N N 43  
ASN O      O N N 44  
ASN CB     C N N 45  
ASN CG     C N N 46  
ASN OD1    O N N 47  
ASN ND2    N N N 48  
ASN OXT    O N N 49  
ASN H      H N N 50  
ASN H2     H N N 51  
ASN HA     H N N 52  
ASN HB2    H N N 53  
ASN HB3    H N N 54  
ASN HD21   H N N 55  
ASN HD22   H N N 56  
ASN HXT    H N N 57  
ASP N      N N N 58  
ASP CA     C N S 59  
ASP C      C N N 60  
ASP O      O N N 61  
ASP CB     C N N 62  
ASP CG     C N N 63  
ASP OD1    O N N 64  
ASP OD2    O N N 65  
ASP OXT    O N N 66  
ASP H      H N N 67  
ASP H2     H N N 68  
ASP HA     H N N 69  
ASP HB2    H N N 70  
ASP HB3    H N N 71  
ASP HD2    H N N 72  
ASP HXT    H N N 73  
GLN N      N N N 74  
GLN CA     C N S 75  
GLN C      C N N 76  
GLN O      O N N 77  
GLN CB     C N N 78  
GLN CG     C N N 79  
GLN CD     C N N 80  
GLN OE1    O N N 81  
GLN NE2    N N N 82  
GLN OXT    O N N 83  
GLN H      H N N 84  
GLN H2     H N N 85  
GLN HA     H N N 86  
GLN HB2    H N N 87  
GLN HB3    H N N 88  
GLN HG2    H N N 89  
GLN HG3    H N N 90  
GLN HE21   H N N 91  
GLN HE22   H N N 92  
GLN HXT    H N N 93  
GLU N      N N N 94  
GLU CA     C N S 95  
GLU C      C N N 96  
GLU O      O N N 97  
GLU CB     C N N 98  
GLU CG     C N N 99  
GLU CD     C N N 100 
GLU OE1    O N N 101 
GLU OE2    O N N 102 
GLU OXT    O N N 103 
GLU H      H N N 104 
GLU H2     H N N 105 
GLU HA     H N N 106 
GLU HB2    H N N 107 
GLU HB3    H N N 108 
GLU HG2    H N N 109 
GLU HG3    H N N 110 
GLU HE2    H N N 111 
GLU HXT    H N N 112 
GLY N      N N N 113 
GLY CA     C N N 114 
GLY C      C N N 115 
GLY O      O N N 116 
GLY OXT    O N N 117 
GLY H      H N N 118 
GLY H2     H N N 119 
GLY HA2    H N N 120 
GLY HA3    H N N 121 
GLY HXT    H N N 122 
HIS N      N N N 123 
HIS CA     C N S 124 
HIS C      C N N 125 
HIS O      O N N 126 
HIS CB     C N N 127 
HIS CG     C Y N 128 
HIS ND1    N Y N 129 
HIS CD2    C Y N 130 
HIS CE1    C Y N 131 
HIS NE2    N Y N 132 
HIS OXT    O N N 133 
HIS H      H N N 134 
HIS H2     H N N 135 
HIS HA     H N N 136 
HIS HB2    H N N 137 
HIS HB3    H N N 138 
HIS HD1    H N N 139 
HIS HD2    H N N 140 
HIS HE1    H N N 141 
HIS HE2    H N N 142 
HIS HXT    H N N 143 
HOH O      O N N 144 
HOH H1     H N N 145 
HOH H2     H N N 146 
ILE N      N N N 147 
ILE CA     C N S 148 
ILE C      C N N 149 
ILE O      O N N 150 
ILE CB     C N S 151 
ILE CG1    C N N 152 
ILE CG2    C N N 153 
ILE CD1    C N N 154 
ILE OXT    O N N 155 
ILE H      H N N 156 
ILE H2     H N N 157 
ILE HA     H N N 158 
ILE HB     H N N 159 
ILE HG12   H N N 160 
ILE HG13   H N N 161 
ILE HG21   H N N 162 
ILE HG22   H N N 163 
ILE HG23   H N N 164 
ILE HD11   H N N 165 
ILE HD12   H N N 166 
ILE HD13   H N N 167 
ILE HXT    H N N 168 
LEU N      N N N 169 
LEU CA     C N S 170 
LEU C      C N N 171 
LEU O      O N N 172 
LEU CB     C N N 173 
LEU CG     C N N 174 
LEU CD1    C N N 175 
LEU CD2    C N N 176 
LEU OXT    O N N 177 
LEU H      H N N 178 
LEU H2     H N N 179 
LEU HA     H N N 180 
LEU HB2    H N N 181 
LEU HB3    H N N 182 
LEU HG     H N N 183 
LEU HD11   H N N 184 
LEU HD12   H N N 185 
LEU HD13   H N N 186 
LEU HD21   H N N 187 
LEU HD22   H N N 188 
LEU HD23   H N N 189 
LEU HXT    H N N 190 
LYS N      N N N 191 
LYS CA     C N S 192 
LYS C      C N N 193 
LYS O      O N N 194 
LYS CB     C N N 195 
LYS CG     C N N 196 
LYS CD     C N N 197 
LYS CE     C N N 198 
LYS NZ     N N N 199 
LYS OXT    O N N 200 
LYS H      H N N 201 
LYS H2     H N N 202 
LYS HA     H N N 203 
LYS HB2    H N N 204 
LYS HB3    H N N 205 
LYS HG2    H N N 206 
LYS HG3    H N N 207 
LYS HD2    H N N 208 
LYS HD3    H N N 209 
LYS HE2    H N N 210 
LYS HE3    H N N 211 
LYS HZ1    H N N 212 
LYS HZ2    H N N 213 
LYS HZ3    H N N 214 
LYS HXT    H N N 215 
MET N      N N N 216 
MET CA     C N S 217 
MET C      C N N 218 
MET O      O N N 219 
MET CB     C N N 220 
MET CG     C N N 221 
MET SD     S N N 222 
MET CE     C N N 223 
MET OXT    O N N 224 
MET H      H N N 225 
MET H2     H N N 226 
MET HA     H N N 227 
MET HB2    H N N 228 
MET HB3    H N N 229 
MET HG2    H N N 230 
MET HG3    H N N 231 
MET HE1    H N N 232 
MET HE2    H N N 233 
MET HE3    H N N 234 
MET HXT    H N N 235 
PRO N      N N N 236 
PRO CA     C N S 237 
PRO C      C N N 238 
PRO O      O N N 239 
PRO CB     C N N 240 
PRO CG     C N N 241 
PRO CD     C N N 242 
PRO OXT    O N N 243 
PRO H      H N N 244 
PRO HA     H N N 245 
PRO HB2    H N N 246 
PRO HB3    H N N 247 
PRO HG2    H N N 248 
PRO HG3    H N N 249 
PRO HD2    H N N 250 
PRO HD3    H N N 251 
PRO HXT    H N N 252 
SAH N      N N N 253 
SAH CA     C N S 254 
SAH CB     C N N 255 
SAH CG     C N N 256 
SAH SD     S N N 257 
SAH C      C N N 258 
SAH O      O N N 259 
SAH OXT    O N N 260 
SAH "C5'"  C N N 261 
SAH "C4'"  C N S 262 
SAH "O4'"  O N N 263 
SAH "C3'"  C N S 264 
SAH "O3'"  O N N 265 
SAH "C2'"  C N R 266 
SAH "O2'"  O N N 267 
SAH "C1'"  C N R 268 
SAH N9     N Y N 269 
SAH C8     C Y N 270 
SAH N7     N Y N 271 
SAH C5     C Y N 272 
SAH C6     C Y N 273 
SAH N6     N N N 274 
SAH N1     N Y N 275 
SAH C2     C Y N 276 
SAH N3     N Y N 277 
SAH C4     C Y N 278 
SAH HN1    H N N 279 
SAH HN2    H N N 280 
SAH HA     H N N 281 
SAH HB1    H N N 282 
SAH HB2    H N N 283 
SAH HG1    H N N 284 
SAH HG2    H N N 285 
SAH HXT    H N N 286 
SAH "H5'1" H N N 287 
SAH "H5'2" H N N 288 
SAH "H4'"  H N N 289 
SAH "H3'"  H N N 290 
SAH "HO3'" H N N 291 
SAH "H2'"  H N N 292 
SAH "HO2'" H N N 293 
SAH "H1'"  H N N 294 
SAH H8     H N N 295 
SAH HN61   H N N 296 
SAH HN62   H N N 297 
SAH H2     H N N 298 
SER N      N N N 299 
SER CA     C N S 300 
SER C      C N N 301 
SER O      O N N 302 
SER CB     C N N 303 
SER OG     O N N 304 
SER OXT    O N N 305 
SER H      H N N 306 
SER H2     H N N 307 
SER HA     H N N 308 
SER HB2    H N N 309 
SER HB3    H N N 310 
SER HG     H N N 311 
SER HXT    H N N 312 
THR N      N N N 313 
THR CA     C N S 314 
THR C      C N N 315 
THR O      O N N 316 
THR CB     C N R 317 
THR OG1    O N N 318 
THR CG2    C N N 319 
THR OXT    O N N 320 
THR H      H N N 321 
THR H2     H N N 322 
THR HA     H N N 323 
THR HB     H N N 324 
THR HG1    H N N 325 
THR HG21   H N N 326 
THR HG22   H N N 327 
THR HG23   H N N 328 
THR HXT    H N N 329 
TRP N      N N N 330 
TRP CA     C N S 331 
TRP C      C N N 332 
TRP O      O N N 333 
TRP CB     C N N 334 
TRP CG     C Y N 335 
TRP CD1    C Y N 336 
TRP CD2    C Y N 337 
TRP NE1    N Y N 338 
TRP CE2    C Y N 339 
TRP CE3    C Y N 340 
TRP CZ2    C Y N 341 
TRP CZ3    C Y N 342 
TRP CH2    C Y N 343 
TRP OXT    O N N 344 
TRP H      H N N 345 
TRP H2     H N N 346 
TRP HA     H N N 347 
TRP HB2    H N N 348 
TRP HB3    H N N 349 
TRP HD1    H N N 350 
TRP HE1    H N N 351 
TRP HE3    H N N 352 
TRP HZ2    H N N 353 
TRP HZ3    H N N 354 
TRP HH2    H N N 355 
TRP HXT    H N N 356 
TYR N      N N N 357 
TYR CA     C N S 358 
TYR C      C N N 359 
TYR O      O N N 360 
TYR CB     C N N 361 
TYR CG     C Y N 362 
TYR CD1    C Y N 363 
TYR CD2    C Y N 364 
TYR CE1    C Y N 365 
TYR CE2    C Y N 366 
TYR CZ     C Y N 367 
TYR OH     O N N 368 
TYR OXT    O N N 369 
TYR H      H N N 370 
TYR H2     H N N 371 
TYR HA     H N N 372 
TYR HB2    H N N 373 
TYR HB3    H N N 374 
TYR HD1    H N N 375 
TYR HD2    H N N 376 
TYR HE1    H N N 377 
TYR HE2    H N N 378 
TYR HH     H N N 379 
TYR HXT    H N N 380 
VAL N      N N N 381 
VAL CA     C N S 382 
VAL C      C N N 383 
VAL O      O N N 384 
VAL CB     C N N 385 
VAL CG1    C N N 386 
VAL CG2    C N N 387 
VAL OXT    O N N 388 
VAL H      H N N 389 
VAL H2     H N N 390 
VAL HA     H N N 391 
VAL HB     H N N 392 
VAL HG11   H N N 393 
VAL HG12   H N N 394 
VAL HG13   H N N 395 
VAL HG21   H N N 396 
VAL HG22   H N N 397 
VAL HG23   H N N 398 
VAL HXT    H N N 399 
# 
loop_
_chem_comp_bond.comp_id 
_chem_comp_bond.atom_id_1 
_chem_comp_bond.atom_id_2 
_chem_comp_bond.value_order 
_chem_comp_bond.pdbx_aromatic_flag 
_chem_comp_bond.pdbx_stereo_config 
_chem_comp_bond.pdbx_ordinal 
ALA N     CA     sing N N 1   
ALA N     H      sing N N 2   
ALA N     H2     sing N N 3   
ALA CA    C      sing N N 4   
ALA CA    CB     sing N N 5   
ALA CA    HA     sing N N 6   
ALA C     O      doub N N 7   
ALA C     OXT    sing N N 8   
ALA CB    HB1    sing N N 9   
ALA CB    HB2    sing N N 10  
ALA CB    HB3    sing N N 11  
ALA OXT   HXT    sing N N 12  
ARG N     CA     sing N N 13  
ARG N     H      sing N N 14  
ARG N     H2     sing N N 15  
ARG CA    C      sing N N 16  
ARG CA    CB     sing N N 17  
ARG CA    HA     sing N N 18  
ARG C     O      doub N N 19  
ARG C     OXT    sing N N 20  
ARG CB    CG     sing N N 21  
ARG CB    HB2    sing N N 22  
ARG CB    HB3    sing N N 23  
ARG CG    CD     sing N N 24  
ARG CG    HG2    sing N N 25  
ARG CG    HG3    sing N N 26  
ARG CD    NE     sing N N 27  
ARG CD    HD2    sing N N 28  
ARG CD    HD3    sing N N 29  
ARG NE    CZ     sing N N 30  
ARG NE    HE     sing N N 31  
ARG CZ    NH1    sing N N 32  
ARG CZ    NH2    doub N N 33  
ARG NH1   HH11   sing N N 34  
ARG NH1   HH12   sing N N 35  
ARG NH2   HH21   sing N N 36  
ARG NH2   HH22   sing N N 37  
ARG OXT   HXT    sing N N 38  
ASN N     CA     sing N N 39  
ASN N     H      sing N N 40  
ASN N     H2     sing N N 41  
ASN CA    C      sing N N 42  
ASN CA    CB     sing N N 43  
ASN CA    HA     sing N N 44  
ASN C     O      doub N N 45  
ASN C     OXT    sing N N 46  
ASN CB    CG     sing N N 47  
ASN CB    HB2    sing N N 48  
ASN CB    HB3    sing N N 49  
ASN CG    OD1    doub N N 50  
ASN CG    ND2    sing N N 51  
ASN ND2   HD21   sing N N 52  
ASN ND2   HD22   sing N N 53  
ASN OXT   HXT    sing N N 54  
ASP N     CA     sing N N 55  
ASP N     H      sing N N 56  
ASP N     H2     sing N N 57  
ASP CA    C      sing N N 58  
ASP CA    CB     sing N N 59  
ASP CA    HA     sing N N 60  
ASP C     O      doub N N 61  
ASP C     OXT    sing N N 62  
ASP CB    CG     sing N N 63  
ASP CB    HB2    sing N N 64  
ASP CB    HB3    sing N N 65  
ASP CG    OD1    doub N N 66  
ASP CG    OD2    sing N N 67  
ASP OD2   HD2    sing N N 68  
ASP OXT   HXT    sing N N 69  
GLN N     CA     sing N N 70  
GLN N     H      sing N N 71  
GLN N     H2     sing N N 72  
GLN CA    C      sing N N 73  
GLN CA    CB     sing N N 74  
GLN CA    HA     sing N N 75  
GLN C     O      doub N N 76  
GLN C     OXT    sing N N 77  
GLN CB    CG     sing N N 78  
GLN CB    HB2    sing N N 79  
GLN CB    HB3    sing N N 80  
GLN CG    CD     sing N N 81  
GLN CG    HG2    sing N N 82  
GLN CG    HG3    sing N N 83  
GLN CD    OE1    doub N N 84  
GLN CD    NE2    sing N N 85  
GLN NE2   HE21   sing N N 86  
GLN NE2   HE22   sing N N 87  
GLN OXT   HXT    sing N N 88  
GLU N     CA     sing N N 89  
GLU N     H      sing N N 90  
GLU N     H2     sing N N 91  
GLU CA    C      sing N N 92  
GLU CA    CB     sing N N 93  
GLU CA    HA     sing N N 94  
GLU C     O      doub N N 95  
GLU C     OXT    sing N N 96  
GLU CB    CG     sing N N 97  
GLU CB    HB2    sing N N 98  
GLU CB    HB3    sing N N 99  
GLU CG    CD     sing N N 100 
GLU CG    HG2    sing N N 101 
GLU CG    HG3    sing N N 102 
GLU CD    OE1    doub N N 103 
GLU CD    OE2    sing N N 104 
GLU OE2   HE2    sing N N 105 
GLU OXT   HXT    sing N N 106 
GLY N     CA     sing N N 107 
GLY N     H      sing N N 108 
GLY N     H2     sing N N 109 
GLY CA    C      sing N N 110 
GLY CA    HA2    sing N N 111 
GLY CA    HA3    sing N N 112 
GLY C     O      doub N N 113 
GLY C     OXT    sing N N 114 
GLY OXT   HXT    sing N N 115 
HIS N     CA     sing N N 116 
HIS N     H      sing N N 117 
HIS N     H2     sing N N 118 
HIS CA    C      sing N N 119 
HIS CA    CB     sing N N 120 
HIS CA    HA     sing N N 121 
HIS C     O      doub N N 122 
HIS C     OXT    sing N N 123 
HIS CB    CG     sing N N 124 
HIS CB    HB2    sing N N 125 
HIS CB    HB3    sing N N 126 
HIS CG    ND1    sing Y N 127 
HIS CG    CD2    doub Y N 128 
HIS ND1   CE1    doub Y N 129 
HIS ND1   HD1    sing N N 130 
HIS CD2   NE2    sing Y N 131 
HIS CD2   HD2    sing N N 132 
HIS CE1   NE2    sing Y N 133 
HIS CE1   HE1    sing N N 134 
HIS NE2   HE2    sing N N 135 
HIS OXT   HXT    sing N N 136 
HOH O     H1     sing N N 137 
HOH O     H2     sing N N 138 
ILE N     CA     sing N N 139 
ILE N     H      sing N N 140 
ILE N     H2     sing N N 141 
ILE CA    C      sing N N 142 
ILE CA    CB     sing N N 143 
ILE CA    HA     sing N N 144 
ILE C     O      doub N N 145 
ILE C     OXT    sing N N 146 
ILE CB    CG1    sing N N 147 
ILE CB    CG2    sing N N 148 
ILE CB    HB     sing N N 149 
ILE CG1   CD1    sing N N 150 
ILE CG1   HG12   sing N N 151 
ILE CG1   HG13   sing N N 152 
ILE CG2   HG21   sing N N 153 
ILE CG2   HG22   sing N N 154 
ILE CG2   HG23   sing N N 155 
ILE CD1   HD11   sing N N 156 
ILE CD1   HD12   sing N N 157 
ILE CD1   HD13   sing N N 158 
ILE OXT   HXT    sing N N 159 
LEU N     CA     sing N N 160 
LEU N     H      sing N N 161 
LEU N     H2     sing N N 162 
LEU CA    C      sing N N 163 
LEU CA    CB     sing N N 164 
LEU CA    HA     sing N N 165 
LEU C     O      doub N N 166 
LEU C     OXT    sing N N 167 
LEU CB    CG     sing N N 168 
LEU CB    HB2    sing N N 169 
LEU CB    HB3    sing N N 170 
LEU CG    CD1    sing N N 171 
LEU CG    CD2    sing N N 172 
LEU CG    HG     sing N N 173 
LEU CD1   HD11   sing N N 174 
LEU CD1   HD12   sing N N 175 
LEU CD1   HD13   sing N N 176 
LEU CD2   HD21   sing N N 177 
LEU CD2   HD22   sing N N 178 
LEU CD2   HD23   sing N N 179 
LEU OXT   HXT    sing N N 180 
LYS N     CA     sing N N 181 
LYS N     H      sing N N 182 
LYS N     H2     sing N N 183 
LYS CA    C      sing N N 184 
LYS CA    CB     sing N N 185 
LYS CA    HA     sing N N 186 
LYS C     O      doub N N 187 
LYS C     OXT    sing N N 188 
LYS CB    CG     sing N N 189 
LYS CB    HB2    sing N N 190 
LYS CB    HB3    sing N N 191 
LYS CG    CD     sing N N 192 
LYS CG    HG2    sing N N 193 
LYS CG    HG3    sing N N 194 
LYS CD    CE     sing N N 195 
LYS CD    HD2    sing N N 196 
LYS CD    HD3    sing N N 197 
LYS CE    NZ     sing N N 198 
LYS CE    HE2    sing N N 199 
LYS CE    HE3    sing N N 200 
LYS NZ    HZ1    sing N N 201 
LYS NZ    HZ2    sing N N 202 
LYS NZ    HZ3    sing N N 203 
LYS OXT   HXT    sing N N 204 
MET N     CA     sing N N 205 
MET N     H      sing N N 206 
MET N     H2     sing N N 207 
MET CA    C      sing N N 208 
MET CA    CB     sing N N 209 
MET CA    HA     sing N N 210 
MET C     O      doub N N 211 
MET C     OXT    sing N N 212 
MET CB    CG     sing N N 213 
MET CB    HB2    sing N N 214 
MET CB    HB3    sing N N 215 
MET CG    SD     sing N N 216 
MET CG    HG2    sing N N 217 
MET CG    HG3    sing N N 218 
MET SD    CE     sing N N 219 
MET CE    HE1    sing N N 220 
MET CE    HE2    sing N N 221 
MET CE    HE3    sing N N 222 
MET OXT   HXT    sing N N 223 
PRO N     CA     sing N N 224 
PRO N     CD     sing N N 225 
PRO N     H      sing N N 226 
PRO CA    C      sing N N 227 
PRO CA    CB     sing N N 228 
PRO CA    HA     sing N N 229 
PRO C     O      doub N N 230 
PRO C     OXT    sing N N 231 
PRO CB    CG     sing N N 232 
PRO CB    HB2    sing N N 233 
PRO CB    HB3    sing N N 234 
PRO CG    CD     sing N N 235 
PRO CG    HG2    sing N N 236 
PRO CG    HG3    sing N N 237 
PRO CD    HD2    sing N N 238 
PRO CD    HD3    sing N N 239 
PRO OXT   HXT    sing N N 240 
SAH N     CA     sing N N 241 
SAH N     HN1    sing N N 242 
SAH N     HN2    sing N N 243 
SAH CA    CB     sing N N 244 
SAH CA    C      sing N N 245 
SAH CA    HA     sing N N 246 
SAH CB    CG     sing N N 247 
SAH CB    HB1    sing N N 248 
SAH CB    HB2    sing N N 249 
SAH CG    SD     sing N N 250 
SAH CG    HG1    sing N N 251 
SAH CG    HG2    sing N N 252 
SAH SD    "C5'"  sing N N 253 
SAH C     O      doub N N 254 
SAH C     OXT    sing N N 255 
SAH OXT   HXT    sing N N 256 
SAH "C5'" "C4'"  sing N N 257 
SAH "C5'" "H5'1" sing N N 258 
SAH "C5'" "H5'2" sing N N 259 
SAH "C4'" "O4'"  sing N N 260 
SAH "C4'" "C3'"  sing N N 261 
SAH "C4'" "H4'"  sing N N 262 
SAH "O4'" "C1'"  sing N N 263 
SAH "C3'" "O3'"  sing N N 264 
SAH "C3'" "C2'"  sing N N 265 
SAH "C3'" "H3'"  sing N N 266 
SAH "O3'" "HO3'" sing N N 267 
SAH "C2'" "O2'"  sing N N 268 
SAH "C2'" "C1'"  sing N N 269 
SAH "C2'" "H2'"  sing N N 270 
SAH "O2'" "HO2'" sing N N 271 
SAH "C1'" N9     sing N N 272 
SAH "C1'" "H1'"  sing N N 273 
SAH N9    C8     sing Y N 274 
SAH N9    C4     sing Y N 275 
SAH C8    N7     doub Y N 276 
SAH C8    H8     sing N N 277 
SAH N7    C5     sing Y N 278 
SAH C5    C6     sing Y N 279 
SAH C5    C4     doub Y N 280 
SAH C6    N6     sing N N 281 
SAH C6    N1     doub Y N 282 
SAH N6    HN61   sing N N 283 
SAH N6    HN62   sing N N 284 
SAH N1    C2     sing Y N 285 
SAH C2    N3     doub Y N 286 
SAH C2    H2     sing N N 287 
SAH N3    C4     sing Y N 288 
SER N     CA     sing N N 289 
SER N     H      sing N N 290 
SER N     H2     sing N N 291 
SER CA    C      sing N N 292 
SER CA    CB     sing N N 293 
SER CA    HA     sing N N 294 
SER C     O      doub N N 295 
SER C     OXT    sing N N 296 
SER CB    OG     sing N N 297 
SER CB    HB2    sing N N 298 
SER CB    HB3    sing N N 299 
SER OG    HG     sing N N 300 
SER OXT   HXT    sing N N 301 
THR N     CA     sing N N 302 
THR N     H      sing N N 303 
THR N     H2     sing N N 304 
THR CA    C      sing N N 305 
THR CA    CB     sing N N 306 
THR CA    HA     sing N N 307 
THR C     O      doub N N 308 
THR C     OXT    sing N N 309 
THR CB    OG1    sing N N 310 
THR CB    CG2    sing N N 311 
THR CB    HB     sing N N 312 
THR OG1   HG1    sing N N 313 
THR CG2   HG21   sing N N 314 
THR CG2   HG22   sing N N 315 
THR CG2   HG23   sing N N 316 
THR OXT   HXT    sing N N 317 
TRP N     CA     sing N N 318 
TRP N     H      sing N N 319 
TRP N     H2     sing N N 320 
TRP CA    C      sing N N 321 
TRP CA    CB     sing N N 322 
TRP CA    HA     sing N N 323 
TRP C     O      doub N N 324 
TRP C     OXT    sing N N 325 
TRP CB    CG     sing N N 326 
TRP CB    HB2    sing N N 327 
TRP CB    HB3    sing N N 328 
TRP CG    CD1    doub Y N 329 
TRP CG    CD2    sing Y N 330 
TRP CD1   NE1    sing Y N 331 
TRP CD1   HD1    sing N N 332 
TRP CD2   CE2    doub Y N 333 
TRP CD2   CE3    sing Y N 334 
TRP NE1   CE2    sing Y N 335 
TRP NE1   HE1    sing N N 336 
TRP CE2   CZ2    sing Y N 337 
TRP CE3   CZ3    doub Y N 338 
TRP CE3   HE3    sing N N 339 
TRP CZ2   CH2    doub Y N 340 
TRP CZ2   HZ2    sing N N 341 
TRP CZ3   CH2    sing Y N 342 
TRP CZ3   HZ3    sing N N 343 
TRP CH2   HH2    sing N N 344 
TRP OXT   HXT    sing N N 345 
TYR N     CA     sing N N 346 
TYR N     H      sing N N 347 
TYR N     H2     sing N N 348 
TYR CA    C      sing N N 349 
TYR CA    CB     sing N N 350 
TYR CA    HA     sing N N 351 
TYR C     O      doub N N 352 
TYR C     OXT    sing N N 353 
TYR CB    CG     sing N N 354 
TYR CB    HB2    sing N N 355 
TYR CB    HB3    sing N N 356 
TYR CG    CD1    doub Y N 357 
TYR CG    CD2    sing Y N 358 
TYR CD1   CE1    sing Y N 359 
TYR CD1   HD1    sing N N 360 
TYR CD2   CE2    doub Y N 361 
TYR CD2   HD2    sing N N 362 
TYR CE1   CZ     doub Y N 363 
TYR CE1   HE1    sing N N 364 
TYR CE2   CZ     sing Y N 365 
TYR CE2   HE2    sing N N 366 
TYR CZ    OH     sing N N 367 
TYR OH    HH     sing N N 368 
TYR OXT   HXT    sing N N 369 
VAL N     CA     sing N N 370 
VAL N     H      sing N N 371 
VAL N     H2     sing N N 372 
VAL CA    C      sing N N 373 
VAL CA    CB     sing N N 374 
VAL CA    HA     sing N N 375 
VAL C     O      doub N N 376 
VAL C     OXT    sing N N 377 
VAL CB    CG1    sing N N 378 
VAL CB    CG2    sing N N 379 
VAL CB    HB     sing N N 380 
VAL CG1   HG11   sing N N 381 
VAL CG1   HG12   sing N N 382 
VAL CG1   HG13   sing N N 383 
VAL CG2   HG21   sing N N 384 
VAL CG2   HG22   sing N N 385 
VAL CG2   HG23   sing N N 386 
VAL OXT   HXT    sing N N 387 
# 
_pdbx_audit_support.funding_organization   
'National Institutes of Health/National Institute Of Allergy and Infectious Diseases (NIH/NIAID)' 
_pdbx_audit_support.country                'United States' 
_pdbx_audit_support.grant_number           'R01 AI088025' 
_pdbx_audit_support.ordinal                1 
# 
loop_
_pdbx_entity_nonpoly.entity_id 
_pdbx_entity_nonpoly.name 
_pdbx_entity_nonpoly.comp_id 
2 S-ADENOSYL-L-HOMOCYSTEINE SAH 
3 water                     HOH 
# 
_pdbx_initial_refinement_model.id               1 
_pdbx_initial_refinement_model.entity_id_list   ? 
_pdbx_initial_refinement_model.type             'experimental model' 
_pdbx_initial_refinement_model.source_name      PDB 
_pdbx_initial_refinement_model.accession_code   4X1O 
_pdbx_initial_refinement_model.details          ? 
# 
